data_3TY9
#
_entry.id   3TY9
#
_cell.length_a   95.500
_cell.length_b   132.760
_cell.length_c   162.770
_cell.angle_alpha   90.00
_cell.angle_beta   90.00
_cell.angle_gamma   90.00
#
_symmetry.space_group_name_H-M   'P 21 21 21'
#
loop_
_entity.id
_entity.type
_entity.pdbx_description
1 polymer "Polynucleotide 2',3'-cyclic phosphate phosphodiesterase / polynucleotide 5'-hydroxyl-kinase / polynucleotide 3'-phosphatase"
2 non-polymer 'ADENOSINE MONOPHOSPHATE'
3 non-polymer (4S)-2-METHYL-2,4-PENTANEDIOL
4 non-polymer (4R)-2-METHYLPENTANE-2,4-DIOL
5 non-polymer GLYCEROL
6 non-polymer 'MAGNESIUM ION'
7 water water
#
_entity_poly.entity_id   1
_entity_poly.type   'polypeptide(L)'
_entity_poly.pdbx_seq_one_letter_code
;SMSRFAADPHWLIYLPPTMSPCETSKKEGMLEHPIEAFEYFRTRGVGKVVCEQKHMGSRAVVIVCKDSQVAEKRFGVLDG
TAGICYTRTGRHFFDDMQLEAELIDRVRKVLDKSGFWGDFNTDWVCLDCELMPWSAKAQKLLEEQYSAVGISGRVVLDEA
VKLLKQASLNKTVSFDVSRQTSGKNADINELLQRFTERSEMMQKYVEAYRKYCWPVNSIDDLKLAPFHILATEGKVHSDK
NHIWHMDTIAKYCTQDDSLIMATNHILVDVTDAESVDKGIKWWEDLTASGGEGMVVKPYDFIVKNGRELLQPAVKCRGRE
YLRIIYGPEYTMDENIERLRNRAVGKKRSLALREFSLGMEALERFVRNEPLYRVHECVFGVLALESEPVDPRL
;
_entity_poly.pdbx_strand_id   A,B,C,D
#
# COMPACT_ATOMS: atom_id res chain seq x y z
N SER A 1 -9.90 -8.71 -8.42
CA SER A 1 -8.54 -8.42 -8.86
C SER A 1 -7.83 -7.44 -7.93
N MET A 2 -8.48 -6.34 -7.60
CA MET A 2 -7.98 -5.49 -6.55
C MET A 2 -8.50 -6.09 -5.26
N SER A 3 -9.48 -6.97 -5.39
CA SER A 3 -9.92 -7.80 -4.28
C SER A 3 -8.79 -8.77 -3.97
N ARG A 4 -7.83 -8.33 -3.16
CA ARG A 4 -6.63 -9.11 -2.89
C ARG A 4 -6.41 -9.46 -1.43
N PHE A 5 -7.19 -8.85 -0.55
CA PHE A 5 -7.11 -9.15 0.86
C PHE A 5 -7.90 -10.41 1.26
N ALA A 6 -7.25 -11.31 1.98
CA ALA A 6 -7.95 -12.43 2.57
C ALA A 6 -8.84 -11.91 3.70
N ALA A 7 -10.02 -12.49 3.86
CA ALA A 7 -10.94 -12.03 4.88
C ALA A 7 -10.85 -12.85 6.15
N ASP A 8 -11.13 -12.22 7.29
CA ASP A 8 -11.19 -12.94 8.56
C ASP A 8 -12.20 -14.08 8.42
N PRO A 9 -11.75 -15.33 8.54
CA PRO A 9 -12.65 -16.46 8.38
C PRO A 9 -13.95 -16.34 9.17
N HIS A 10 -13.91 -15.68 10.32
CA HIS A 10 -15.10 -15.52 11.14
C HIS A 10 -16.28 -14.88 10.40
N TRP A 11 -15.99 -14.16 9.32
CA TRP A 11 -17.01 -13.46 8.53
C TRP A 11 -17.58 -14.36 7.46
N LEU A 12 -16.84 -15.40 7.10
CA LEU A 12 -17.25 -16.24 5.97
C LEU A 12 -18.29 -17.28 6.38
N ILE A 13 -19.53 -16.83 6.53
CA ILE A 13 -20.63 -17.71 6.89
C ILE A 13 -21.40 -18.18 5.66
N TYR A 14 -20.94 -17.79 4.48
CA TYR A 14 -21.66 -18.12 3.26
C TYR A 14 -20.82 -17.82 2.02
N LEU A 15 -20.96 -18.66 1.01
CA LEU A 15 -20.42 -18.33 -0.30
C LEU A 15 -21.46 -18.53 -1.40
N PRO A 16 -21.51 -17.60 -2.36
CA PRO A 16 -22.52 -17.69 -3.41
C PRO A 16 -22.24 -18.84 -4.37
N PRO A 17 -23.32 -19.46 -4.87
CA PRO A 17 -23.28 -20.55 -5.83
C PRO A 17 -23.05 -20.00 -7.22
N THR A 18 -22.58 -20.85 -8.12
CA THR A 18 -22.44 -20.45 -9.51
C THR A 18 -23.82 -20.51 -10.13
N MET A 19 -23.92 -20.23 -11.42
CA MET A 19 -25.20 -20.16 -12.09
C MET A 19 -24.96 -20.51 -13.56
N SER A 20 -26.01 -20.92 -14.25
CA SER A 20 -25.86 -21.26 -15.65
C SER A 20 -27.03 -20.72 -16.44
N PRO A 21 -26.84 -20.58 -17.76
CA PRO A 21 -27.93 -20.19 -18.65
C PRO A 21 -28.73 -21.43 -18.97
N CYS A 22 -29.66 -21.35 -19.91
CA CYS A 22 -30.33 -22.55 -20.38
C CYS A 22 -29.71 -23.04 -21.68
N GLU A 23 -29.99 -24.30 -22.03
CA GLU A 23 -29.47 -24.88 -23.25
C GLU A 23 -29.65 -23.90 -24.41
N THR A 24 -28.65 -23.83 -25.28
CA THR A 24 -28.64 -22.83 -26.35
C THR A 24 -30.01 -22.67 -27.03
N SER A 25 -30.60 -21.48 -26.90
CA SER A 25 -31.84 -21.16 -27.59
C SER A 25 -31.86 -21.66 -29.02
N LYS A 26 -32.96 -22.29 -29.42
CA LYS A 26 -33.09 -22.79 -30.78
C LYS A 26 -33.60 -21.72 -31.74
N LYS A 27 -33.49 -20.45 -31.34
CA LYS A 27 -33.78 -19.32 -32.23
C LYS A 27 -32.54 -18.98 -33.04
N GLU A 28 -32.72 -18.61 -34.30
CA GLU A 28 -31.57 -18.33 -35.15
C GLU A 28 -30.85 -17.06 -34.68
N GLY A 29 -29.53 -17.13 -34.58
CA GLY A 29 -28.72 -15.98 -34.20
C GLY A 29 -28.80 -15.64 -32.73
N MET A 30 -29.41 -16.54 -31.96
CA MET A 30 -29.57 -16.35 -30.53
C MET A 30 -28.99 -17.50 -29.71
N LEU A 31 -28.34 -17.15 -28.61
CA LEU A 31 -27.77 -18.14 -27.72
C LEU A 31 -28.63 -18.30 -26.48
N GLU A 32 -29.25 -17.22 -26.05
CA GLU A 32 -30.13 -17.28 -24.89
C GLU A 32 -31.33 -16.37 -25.10
N HIS A 33 -32.51 -16.90 -24.84
CA HIS A 33 -33.76 -16.18 -25.01
C HIS A 33 -34.69 -16.54 -23.85
N PRO A 34 -35.51 -15.58 -23.40
CA PRO A 34 -36.38 -15.74 -22.24
C PRO A 34 -37.27 -16.98 -22.27
N ILE A 35 -37.58 -17.46 -23.46
CA ILE A 35 -38.49 -18.60 -23.61
C ILE A 35 -37.95 -19.89 -22.99
N GLU A 36 -36.65 -20.14 -23.13
CA GLU A 36 -36.05 -21.34 -22.55
C GLU A 36 -36.10 -21.30 -21.03
N ALA A 37 -35.67 -20.20 -20.44
CA ALA A 37 -35.70 -20.05 -19.00
C ALA A 37 -37.11 -20.27 -18.48
N PHE A 38 -38.10 -19.75 -19.21
CA PHE A 38 -39.50 -19.93 -18.86
C PHE A 38 -39.94 -21.39 -18.99
N GLU A 39 -39.62 -21.98 -20.13
CA GLU A 39 -39.95 -23.38 -20.39
C GLU A 39 -39.40 -24.24 -19.26
N TYR A 40 -38.12 -24.06 -18.95
CA TYR A 40 -37.48 -24.80 -17.88
C TYR A 40 -38.39 -24.89 -16.66
N PHE A 41 -38.90 -23.75 -16.20
CA PHE A 41 -39.67 -23.73 -14.96
C PHE A 41 -41.13 -24.22 -15.09
N ARG A 42 -41.70 -24.13 -16.29
CA ARG A 42 -43.03 -24.68 -16.48
C ARG A 42 -42.96 -26.19 -16.45
N THR A 43 -42.10 -26.76 -17.29
CA THR A 43 -41.94 -28.20 -17.36
C THR A 43 -41.79 -28.83 -15.97
N ARG A 44 -40.96 -28.23 -15.12
CA ARG A 44 -40.79 -28.72 -13.76
C ARG A 44 -41.88 -28.22 -12.82
N GLY A 45 -42.93 -27.65 -13.41
CA GLY A 45 -44.12 -27.23 -12.68
C GLY A 45 -43.89 -26.15 -11.64
N VAL A 46 -43.56 -24.95 -12.11
CA VAL A 46 -43.37 -23.83 -11.19
C VAL A 46 -44.42 -22.76 -11.42
N GLY A 47 -44.63 -22.40 -12.68
CA GLY A 47 -45.74 -21.53 -13.06
C GLY A 47 -45.48 -20.04 -12.93
N LYS A 48 -45.16 -19.59 -11.73
CA LYS A 48 -44.76 -18.21 -11.53
C LYS A 48 -43.25 -18.09 -11.27
N VAL A 49 -42.57 -17.28 -12.09
CA VAL A 49 -41.15 -17.03 -11.93
C VAL A 49 -40.92 -15.53 -11.79
N VAL A 50 -39.84 -15.16 -11.10
CA VAL A 50 -39.46 -13.75 -10.99
C VAL A 50 -38.26 -13.45 -11.87
N CYS A 51 -38.37 -12.39 -12.66
CA CYS A 51 -37.29 -11.95 -13.53
C CYS A 51 -36.62 -10.73 -12.94
N GLU A 52 -35.36 -10.86 -12.58
CA GLU A 52 -34.61 -9.77 -11.99
C GLU A 52 -33.54 -9.32 -12.97
N GLN A 53 -33.26 -8.02 -13.00
CA GLN A 53 -32.28 -7.47 -13.92
C GLN A 53 -30.90 -7.92 -13.49
N LYS A 54 -30.17 -8.53 -14.42
CA LYS A 54 -28.83 -9.01 -14.14
C LYS A 54 -27.84 -7.82 -14.17
N HIS A 55 -27.60 -7.25 -12.98
CA HIS A 55 -26.72 -6.11 -12.82
C HIS A 55 -25.31 -6.49 -13.26
N MET A 56 -24.71 -5.65 -14.10
CA MET A 56 -23.39 -5.98 -14.63
C MET A 56 -22.28 -5.45 -13.74
N GLY A 57 -21.79 -6.32 -12.86
CA GLY A 57 -20.73 -5.97 -11.94
C GLY A 57 -20.18 -7.23 -11.31
N SER A 58 -19.96 -7.19 -10.00
CA SER A 58 -19.40 -8.33 -9.29
C SER A 58 -20.34 -8.74 -8.17
N ARG A 59 -20.39 -10.03 -7.88
CA ARG A 59 -21.22 -10.52 -6.79
C ARG A 59 -20.56 -10.14 -5.48
N ALA A 60 -21.35 -9.72 -4.52
CA ALA A 60 -20.77 -9.31 -3.24
C ALA A 60 -21.65 -9.69 -2.06
N VAL A 61 -21.08 -10.44 -1.13
CA VAL A 61 -21.79 -10.76 0.10
C VAL A 61 -21.52 -9.62 1.07
N VAL A 62 -22.57 -9.02 1.62
CA VAL A 62 -22.42 -7.90 2.53
C VAL A 62 -23.02 -8.22 3.90
N ILE A 63 -22.19 -8.22 4.93
CA ILE A 63 -22.66 -8.42 6.29
C ILE A 63 -22.55 -7.13 7.06
N VAL A 64 -23.62 -6.76 7.77
CA VAL A 64 -23.65 -5.51 8.50
C VAL A 64 -24.06 -5.71 9.93
N CYS A 65 -23.25 -5.25 10.87
CA CYS A 65 -23.59 -5.34 12.28
C CYS A 65 -23.89 -3.94 12.84
N LYS A 66 -24.70 -3.87 13.88
CA LYS A 66 -25.05 -2.58 14.47
C LYS A 66 -23.80 -1.84 14.94
N ASP A 67 -22.90 -2.57 15.57
CA ASP A 67 -21.66 -2.01 16.12
C ASP A 67 -20.56 -3.08 16.16
N SER A 68 -19.37 -2.69 16.58
CA SER A 68 -18.23 -3.61 16.64
C SER A 68 -18.34 -4.60 17.82
N GLN A 69 -19.24 -4.32 18.75
CA GLN A 69 -19.44 -5.17 19.92
C GLN A 69 -20.34 -6.36 19.53
N VAL A 70 -20.98 -6.21 18.37
CA VAL A 70 -21.85 -7.25 17.82
C VAL A 70 -21.05 -8.23 17.00
N ALA A 71 -20.04 -7.74 16.29
CA ALA A 71 -19.15 -8.61 15.54
C ALA A 71 -18.33 -9.46 16.48
N GLU A 72 -18.18 -9.00 17.73
CA GLU A 72 -17.44 -9.78 18.73
C GLU A 72 -18.30 -10.93 19.26
N LYS A 73 -19.44 -10.56 19.86
CA LYS A 73 -20.31 -11.53 20.51
C LYS A 73 -21.01 -12.48 19.53
N ARG A 74 -21.31 -12.01 18.33
CA ARG A 74 -22.05 -12.81 17.37
C ARG A 74 -21.17 -13.53 16.33
N PHE A 75 -20.11 -12.87 15.87
CA PHE A 75 -19.27 -13.44 14.82
C PHE A 75 -17.90 -13.86 15.29
N GLY A 76 -17.49 -13.36 16.46
CA GLY A 76 -16.20 -13.66 17.01
C GLY A 76 -15.08 -12.85 16.38
N VAL A 77 -15.46 -11.89 15.54
CA VAL A 77 -14.51 -10.98 14.91
C VAL A 77 -13.88 -10.05 15.94
N LEU A 78 -12.56 -9.90 15.88
CA LEU A 78 -11.83 -9.21 16.94
C LEU A 78 -11.08 -7.96 16.48
N ASP A 79 -11.06 -7.72 15.17
CA ASP A 79 -10.30 -6.58 14.63
C ASP A 79 -11.07 -5.27 14.72
N GLY A 80 -12.17 -5.27 15.44
CA GLY A 80 -12.89 -4.06 15.74
C GLY A 80 -13.72 -3.47 14.61
N THR A 81 -13.91 -4.24 13.53
CA THR A 81 -14.82 -3.82 12.47
C THR A 81 -16.23 -4.26 12.79
N ALA A 82 -17.19 -3.76 12.03
CA ALA A 82 -18.60 -4.10 12.28
C ALA A 82 -19.32 -4.47 11.00
N GLY A 83 -18.60 -5.10 10.08
CA GLY A 83 -19.18 -5.50 8.80
C GLY A 83 -18.13 -5.94 7.82
N ILE A 84 -18.56 -6.40 6.65
CA ILE A 84 -17.62 -6.82 5.63
C ILE A 84 -18.30 -6.85 4.29
N CYS A 85 -17.51 -6.73 3.24
CA CYS A 85 -18.03 -6.82 1.88
C CYS A 85 -17.06 -7.67 1.07
N TYR A 86 -17.36 -8.97 0.98
CA TYR A 86 -16.45 -9.90 0.32
C TYR A 86 -17.00 -10.50 -0.96
N THR A 87 -16.10 -10.90 -1.83
CA THR A 87 -16.47 -11.45 -3.12
C THR A 87 -16.84 -12.92 -3.01
N ARG A 88 -17.10 -13.51 -4.16
CA ARG A 88 -17.55 -14.90 -4.25
C ARG A 88 -16.47 -15.91 -3.90
N THR A 89 -15.27 -15.42 -3.61
CA THR A 89 -14.15 -16.29 -3.27
C THR A 89 -13.56 -15.99 -1.88
N GLY A 90 -14.37 -15.34 -1.04
CA GLY A 90 -14.01 -15.11 0.34
C GLY A 90 -12.99 -14.00 0.57
N ARG A 91 -12.78 -13.17 -0.45
CA ARG A 91 -11.82 -12.07 -0.34
C ARG A 91 -12.56 -10.75 -0.11
N HIS A 92 -11.90 -9.82 0.56
CA HIS A 92 -12.45 -8.48 0.68
C HIS A 92 -12.60 -7.90 -0.71
N PHE A 93 -13.78 -7.38 -1.01
CA PHE A 93 -14.01 -6.76 -2.30
C PHE A 93 -12.99 -5.65 -2.49
N PHE A 94 -12.88 -4.78 -1.49
CA PHE A 94 -12.01 -3.61 -1.56
C PHE A 94 -10.64 -3.81 -0.91
N ASP A 95 -9.60 -3.49 -1.69
CA ASP A 95 -8.24 -3.40 -1.20
C ASP A 95 -8.10 -2.23 -0.22
N ASP A 96 -9.18 -1.50 -0.01
CA ASP A 96 -9.17 -0.31 0.84
C ASP A 96 -10.14 -0.46 2.01
N MET A 97 -9.60 -0.79 3.19
CA MET A 97 -10.44 -1.05 4.37
C MET A 97 -11.39 0.08 4.79
N GLN A 98 -11.05 1.30 4.41
CA GLN A 98 -11.88 2.42 4.79
C GLN A 98 -13.05 2.58 3.84
N LEU A 99 -12.78 2.47 2.54
CA LEU A 99 -13.84 2.55 1.55
C LEU A 99 -14.91 1.56 1.95
N GLU A 100 -14.48 0.33 2.25
CA GLU A 100 -15.39 -0.73 2.67
C GLU A 100 -16.14 -0.32 3.92
N ALA A 101 -15.40 0.13 4.94
CA ALA A 101 -16.01 0.57 6.17
C ALA A 101 -17.07 1.63 5.90
N GLU A 102 -16.78 2.50 4.94
CA GLU A 102 -17.71 3.56 4.56
C GLU A 102 -18.99 2.96 3.95
N LEU A 103 -18.82 2.06 2.98
CA LEU A 103 -19.95 1.36 2.36
C LEU A 103 -20.83 0.67 3.40
N ILE A 104 -20.19 0.01 4.36
CA ILE A 104 -20.92 -0.69 5.43
C ILE A 104 -21.76 0.27 6.26
N ASP A 105 -21.12 1.28 6.85
CA ASP A 105 -21.86 2.23 7.67
C ASP A 105 -22.92 2.93 6.84
N ARG A 106 -22.66 3.04 5.55
CA ARG A 106 -23.62 3.64 4.63
C ARG A 106 -24.91 2.83 4.59
N VAL A 107 -24.79 1.52 4.45
CA VAL A 107 -25.94 0.63 4.53
C VAL A 107 -26.51 0.65 5.93
N ARG A 108 -25.65 0.60 6.94
CA ARG A 108 -26.07 0.57 8.33
C ARG A 108 -27.06 1.71 8.59
N LYS A 109 -26.74 2.88 8.06
CA LYS A 109 -27.61 4.05 8.21
C LYS A 109 -29.00 3.77 7.63
N VAL A 110 -29.07 3.40 6.35
CA VAL A 110 -30.35 3.20 5.70
C VAL A 110 -31.19 2.12 6.39
N LEU A 111 -30.54 1.18 7.05
CA LEU A 111 -31.24 0.19 7.86
C LEU A 111 -31.73 0.85 9.13
N ASP A 112 -30.86 1.60 9.80
CA ASP A 112 -31.25 2.35 10.97
C ASP A 112 -32.50 3.17 10.62
N LYS A 113 -32.43 3.85 9.49
CA LYS A 113 -33.54 4.64 8.96
C LYS A 113 -34.82 3.83 8.96
N SER A 114 -34.79 2.72 8.24
CA SER A 114 -35.95 1.88 8.05
C SER A 114 -36.28 0.98 9.24
N GLY A 115 -35.70 1.29 10.40
CA GLY A 115 -35.93 0.52 11.61
C GLY A 115 -35.83 -0.99 11.42
N PHE A 116 -35.07 -1.41 10.41
CA PHE A 116 -34.89 -2.81 10.04
C PHE A 116 -34.49 -3.72 11.20
N TRP A 117 -33.58 -3.24 12.05
CA TRP A 117 -33.08 -4.02 13.16
C TRP A 117 -34.20 -4.46 14.10
N GLY A 118 -35.13 -3.55 14.38
CA GLY A 118 -36.25 -3.87 15.24
C GLY A 118 -37.23 -4.86 14.62
N ASP A 119 -37.70 -4.54 13.42
CA ASP A 119 -38.74 -5.33 12.74
C ASP A 119 -38.33 -6.79 12.46
N PHE A 120 -37.04 -7.01 12.26
CA PHE A 120 -36.51 -8.34 12.03
C PHE A 120 -35.94 -8.92 13.32
N ASN A 121 -36.05 -8.13 14.39
CA ASN A 121 -35.48 -8.50 15.68
C ASN A 121 -34.10 -9.12 15.52
N THR A 122 -33.14 -8.27 15.14
CA THR A 122 -31.79 -8.72 14.85
C THR A 122 -30.84 -7.53 14.98
N ASP A 123 -29.59 -7.79 15.38
CA ASP A 123 -28.58 -6.74 15.44
C ASP A 123 -27.51 -6.99 14.37
N TRP A 124 -27.89 -7.73 13.34
CA TRP A 124 -27.00 -8.01 12.22
C TRP A 124 -27.78 -8.55 11.02
N VAL A 125 -27.13 -8.59 9.86
CA VAL A 125 -27.76 -9.05 8.63
C VAL A 125 -26.73 -9.42 7.57
N CYS A 126 -27.03 -10.45 6.80
CA CYS A 126 -26.20 -10.85 5.68
C CYS A 126 -26.97 -10.62 4.37
N LEU A 127 -26.37 -9.91 3.43
CA LEU A 127 -27.05 -9.60 2.18
C LEU A 127 -26.31 -10.16 0.97
N ASP A 128 -27.06 -10.65 0.00
CA ASP A 128 -26.49 -11.16 -1.24
C ASP A 128 -26.68 -10.07 -2.29
N CYS A 129 -25.59 -9.49 -2.80
CA CYS A 129 -25.73 -8.31 -3.65
C CYS A 129 -24.86 -8.30 -4.90
N GLU A 130 -25.22 -7.41 -5.82
CA GLU A 130 -24.35 -7.07 -6.94
C GLU A 130 -23.74 -5.70 -6.67
N LEU A 131 -22.43 -5.59 -6.83
CA LEU A 131 -21.73 -4.34 -6.59
C LEU A 131 -21.15 -3.85 -7.90
N MET A 132 -21.41 -2.60 -8.24
CA MET A 132 -20.96 -2.07 -9.52
C MET A 132 -20.07 -0.85 -9.35
N PRO A 133 -18.80 -0.98 -9.73
CA PRO A 133 -17.81 0.08 -9.61
C PRO A 133 -18.00 1.04 -10.77
N TRP A 134 -19.16 1.68 -10.80
CA TRP A 134 -19.54 2.51 -11.95
C TRP A 134 -18.91 3.88 -11.86
N SER A 135 -17.58 3.90 -11.85
CA SER A 135 -16.83 5.14 -11.84
C SER A 135 -16.84 5.70 -13.24
N ALA A 136 -16.64 7.01 -13.32
CA ALA A 136 -16.64 7.72 -14.60
C ALA A 136 -15.58 7.13 -15.53
N LYS A 137 -14.38 6.92 -15.01
CA LYS A 137 -13.32 6.31 -15.80
C LYS A 137 -13.85 5.10 -16.53
N ALA A 138 -14.56 4.24 -15.80
CA ALA A 138 -15.06 2.99 -16.35
C ALA A 138 -16.11 3.25 -17.41
N GLN A 139 -17.19 3.90 -17.01
CA GLN A 139 -18.28 4.20 -17.92
C GLN A 139 -17.77 4.66 -19.27
N LYS A 140 -16.94 5.71 -19.26
CA LYS A 140 -16.41 6.30 -20.48
C LYS A 140 -15.59 5.30 -21.29
N LEU A 141 -14.70 4.62 -20.58
CA LEU A 141 -13.79 3.67 -21.18
C LEU A 141 -14.53 2.51 -21.89
N LEU A 142 -15.64 2.09 -21.28
CA LEU A 142 -16.48 1.02 -21.81
C LEU A 142 -17.36 1.48 -22.99
N GLU A 143 -18.11 2.55 -22.77
CA GLU A 143 -19.00 3.08 -23.80
C GLU A 143 -18.28 3.46 -25.10
N GLU A 144 -17.19 4.23 -24.98
CA GLU A 144 -16.45 4.69 -26.15
C GLU A 144 -15.87 3.53 -26.96
N GLN A 145 -15.47 2.46 -26.29
CA GLN A 145 -14.93 1.30 -26.99
C GLN A 145 -16.04 0.48 -27.65
N TYR A 146 -17.16 0.36 -26.95
CA TYR A 146 -18.34 -0.27 -27.55
C TYR A 146 -18.68 0.50 -28.81
N SER A 147 -18.77 1.82 -28.68
CA SER A 147 -19.02 2.70 -29.82
C SER A 147 -18.03 2.43 -30.94
N ALA A 148 -16.77 2.27 -30.58
CA ALA A 148 -15.71 2.04 -31.57
C ALA A 148 -15.95 0.75 -32.35
N VAL A 149 -16.33 -0.32 -31.65
CA VAL A 149 -16.55 -1.58 -32.33
C VAL A 149 -17.79 -1.47 -33.20
N GLY A 150 -18.75 -0.68 -32.73
CA GLY A 150 -20.00 -0.47 -33.44
C GLY A 150 -19.80 0.25 -34.76
N ILE A 151 -19.00 1.31 -34.72
CA ILE A 151 -18.63 2.05 -35.91
C ILE A 151 -17.82 1.19 -36.87
N SER A 152 -16.67 0.72 -36.39
CA SER A 152 -15.75 -0.04 -37.22
C SER A 152 -16.42 -1.29 -37.80
N GLY A 153 -17.37 -1.85 -37.06
CA GLY A 153 -18.04 -3.06 -37.46
C GLY A 153 -18.99 -2.84 -38.63
N ARG A 154 -19.71 -1.73 -38.58
CA ARG A 154 -20.60 -1.35 -39.66
C ARG A 154 -19.79 -0.97 -40.89
N VAL A 155 -18.75 -0.18 -40.68
CA VAL A 155 -17.90 0.25 -41.79
C VAL A 155 -17.39 -0.95 -42.55
N VAL A 156 -17.34 -2.09 -41.88
CA VAL A 156 -16.93 -3.33 -42.53
C VAL A 156 -18.04 -3.83 -43.45
N LEU A 157 -19.21 -4.08 -42.87
CA LEU A 157 -20.35 -4.57 -43.64
C LEU A 157 -20.62 -3.68 -44.85
N ASP A 158 -20.51 -2.37 -44.66
CA ASP A 158 -20.82 -1.43 -45.73
C ASP A 158 -19.80 -1.53 -46.85
N GLU A 159 -18.53 -1.43 -46.52
CA GLU A 159 -17.51 -1.49 -47.54
C GLU A 159 -17.47 -2.86 -48.22
N ALA A 160 -17.84 -3.89 -47.47
CA ALA A 160 -17.80 -5.28 -47.96
C ALA A 160 -18.92 -5.56 -48.95
N VAL A 161 -20.11 -5.03 -48.67
CA VAL A 161 -21.24 -5.17 -49.56
C VAL A 161 -20.93 -4.47 -50.87
N LYS A 162 -20.39 -3.25 -50.78
CA LYS A 162 -19.96 -2.50 -51.96
C LYS A 162 -19.07 -3.37 -52.81
N LEU A 163 -18.00 -3.87 -52.19
CA LEU A 163 -16.97 -4.63 -52.90
C LEU A 163 -17.60 -5.77 -53.68
N LEU A 164 -18.69 -6.33 -53.14
CA LEU A 164 -19.40 -7.43 -53.78
C LEU A 164 -20.11 -6.96 -55.04
N LYS A 165 -20.94 -5.93 -54.90
CA LYS A 165 -21.68 -5.39 -56.03
C LYS A 165 -20.75 -5.00 -57.17
N GLN A 166 -19.64 -4.34 -56.83
CA GLN A 166 -18.73 -3.83 -57.84
C GLN A 166 -18.06 -4.97 -58.61
N ALA A 167 -17.82 -6.08 -57.93
CA ALA A 167 -17.23 -7.26 -58.57
C ALA A 167 -18.29 -8.12 -59.28
N SER A 168 -19.57 -7.80 -59.03
CA SER A 168 -20.68 -8.46 -59.72
C SER A 168 -21.21 -7.58 -60.86
N LEU A 169 -20.29 -6.91 -61.57
CA LEU A 169 -20.65 -6.04 -62.69
C LEU A 169 -19.42 -5.71 -63.53
N ASN A 185 -9.84 -5.06 -51.91
CA ASN A 185 -9.28 -6.19 -51.18
C ASN A 185 -8.04 -5.82 -50.35
N ALA A 186 -7.80 -4.51 -50.23
CA ALA A 186 -6.63 -4.02 -49.50
C ALA A 186 -7.02 -3.39 -48.17
N ASP A 187 -7.67 -2.23 -48.23
CA ASP A 187 -8.13 -1.54 -47.03
C ASP A 187 -9.15 -2.42 -46.30
N ILE A 188 -9.87 -3.23 -47.08
CA ILE A 188 -10.95 -4.04 -46.55
C ILE A 188 -10.53 -4.93 -45.36
N ASN A 189 -9.37 -5.57 -45.47
CA ASN A 189 -8.86 -6.39 -44.37
C ASN A 189 -8.35 -5.49 -43.24
N GLU A 190 -7.86 -4.32 -43.60
CA GLU A 190 -7.40 -3.36 -42.61
C GLU A 190 -8.58 -2.83 -41.81
N LEU A 191 -9.75 -2.77 -42.46
CA LEU A 191 -10.98 -2.32 -41.81
C LEU A 191 -11.54 -3.44 -40.97
N LEU A 192 -11.20 -4.67 -41.34
CA LEU A 192 -11.64 -5.85 -40.62
C LEU A 192 -10.70 -6.18 -39.47
N GLN A 193 -9.39 -6.08 -39.72
CA GLN A 193 -8.38 -6.24 -38.67
C GLN A 193 -8.65 -5.21 -37.59
N ARG A 194 -8.93 -3.99 -38.02
CA ARG A 194 -9.27 -2.91 -37.10
C ARG A 194 -10.45 -3.35 -36.24
N PHE A 195 -11.53 -3.78 -36.88
CA PHE A 195 -12.72 -4.24 -36.16
C PHE A 195 -12.39 -5.37 -35.19
N THR A 196 -11.49 -6.26 -35.60
CA THR A 196 -11.09 -7.38 -34.75
C THR A 196 -10.48 -6.88 -33.46
N GLU A 197 -9.52 -5.98 -33.57
CA GLU A 197 -8.84 -5.41 -32.41
C GLU A 197 -9.83 -4.70 -31.49
N ARG A 198 -10.61 -3.77 -32.06
CA ARG A 198 -11.58 -3.00 -31.30
C ARG A 198 -12.45 -3.93 -30.47
N SER A 199 -12.80 -5.07 -31.07
CA SER A 199 -13.68 -6.02 -30.40
C SER A 199 -12.97 -6.75 -29.27
N GLU A 200 -11.80 -7.31 -29.57
CA GLU A 200 -11.01 -8.04 -28.59
C GLU A 200 -10.67 -7.16 -27.39
N MET A 201 -10.35 -5.90 -27.67
CA MET A 201 -10.13 -4.92 -26.62
C MET A 201 -11.41 -4.78 -25.79
N MET A 202 -12.53 -4.64 -26.47
CA MET A 202 -13.82 -4.52 -25.80
C MET A 202 -14.07 -5.72 -24.90
N GLN A 203 -13.57 -6.87 -25.32
CA GLN A 203 -13.72 -8.10 -24.54
C GLN A 203 -12.95 -7.98 -23.23
N LYS A 204 -11.66 -7.64 -23.33
CA LYS A 204 -10.80 -7.51 -22.17
C LYS A 204 -11.29 -6.43 -21.21
N TYR A 205 -11.94 -5.41 -21.75
CA TYR A 205 -12.47 -4.32 -20.93
C TYR A 205 -13.56 -4.80 -20.00
N VAL A 206 -14.52 -5.54 -20.54
CA VAL A 206 -15.63 -6.05 -19.74
C VAL A 206 -15.07 -7.03 -18.73
N GLU A 207 -14.16 -7.88 -19.20
CA GLU A 207 -13.43 -8.81 -18.35
C GLU A 207 -12.87 -8.08 -17.15
N ALA A 208 -11.97 -7.14 -17.43
CA ALA A 208 -11.31 -6.34 -16.42
C ALA A 208 -12.29 -5.64 -15.49
N TYR A 209 -13.32 -5.03 -16.08
CA TYR A 209 -14.27 -4.27 -15.28
C TYR A 209 -15.06 -5.15 -14.33
N ARG A 210 -15.47 -6.33 -14.79
CA ARG A 210 -16.32 -7.21 -13.99
C ARG A 210 -15.57 -7.85 -12.83
N LYS A 211 -14.26 -8.00 -12.97
CA LYS A 211 -13.44 -8.56 -11.92
C LYS A 211 -12.95 -7.49 -10.95
N TYR A 212 -13.25 -6.23 -11.29
CA TYR A 212 -12.86 -5.08 -10.47
C TYR A 212 -11.36 -4.83 -10.51
N CYS A 213 -10.83 -4.70 -11.72
CA CYS A 213 -9.44 -4.33 -11.92
C CYS A 213 -9.25 -2.81 -12.00
N TRP A 214 -10.35 -2.07 -12.08
CA TRP A 214 -10.31 -0.61 -12.12
C TRP A 214 -10.95 -0.07 -10.85
N PRO A 215 -10.13 0.13 -9.80
CA PRO A 215 -10.58 0.62 -8.50
C PRO A 215 -11.26 1.97 -8.62
N VAL A 216 -12.25 2.21 -7.77
CA VAL A 216 -12.98 3.48 -7.77
C VAL A 216 -12.33 4.43 -6.78
N ASN A 217 -12.46 5.74 -7.04
CA ASN A 217 -11.84 6.75 -6.19
C ASN A 217 -12.67 7.06 -4.94
N SER A 218 -13.98 7.11 -5.12
CA SER A 218 -14.87 7.48 -4.03
C SER A 218 -16.08 6.57 -4.00
N ILE A 219 -16.80 6.61 -2.89
CA ILE A 219 -17.97 5.77 -2.69
C ILE A 219 -19.14 6.20 -3.56
N ASP A 220 -18.97 7.32 -4.25
CA ASP A 220 -20.01 7.81 -5.15
C ASP A 220 -19.98 7.06 -6.48
N ASP A 221 -18.86 6.38 -6.75
CA ASP A 221 -18.73 5.61 -7.98
C ASP A 221 -19.30 4.20 -7.81
N LEU A 222 -20.02 3.98 -6.71
CA LEU A 222 -20.48 2.65 -6.39
C LEU A 222 -21.99 2.54 -6.42
N LYS A 223 -22.51 1.47 -7.01
CA LYS A 223 -23.92 1.12 -6.91
C LYS A 223 -24.04 -0.28 -6.37
N LEU A 224 -24.79 -0.43 -5.28
CA LEU A 224 -24.97 -1.72 -4.62
C LEU A 224 -26.42 -2.20 -4.76
N ALA A 225 -26.61 -3.36 -5.36
CA ALA A 225 -27.96 -3.86 -5.59
C ALA A 225 -28.20 -5.20 -4.89
N PRO A 226 -28.72 -5.17 -3.66
CA PRO A 226 -29.06 -6.40 -2.94
C PRO A 226 -30.24 -7.14 -3.60
N PHE A 227 -30.18 -8.46 -3.68
CA PHE A 227 -31.29 -9.22 -4.24
C PHE A 227 -31.76 -10.39 -3.35
N HIS A 228 -31.00 -10.71 -2.31
CA HIS A 228 -31.44 -11.67 -1.31
C HIS A 228 -31.20 -11.09 0.06
N ILE A 229 -32.10 -11.31 1.00
CA ILE A 229 -31.75 -11.08 2.39
C ILE A 229 -31.50 -12.45 3.02
N LEU A 230 -30.25 -12.89 2.98
CA LEU A 230 -29.89 -14.26 3.33
C LEU A 230 -30.23 -14.66 4.76
N ALA A 231 -29.86 -13.85 5.75
CA ALA A 231 -30.07 -14.25 7.14
C ALA A 231 -30.08 -13.08 8.11
N THR A 232 -30.89 -13.21 9.16
CA THR A 232 -30.85 -12.30 10.29
C THR A 232 -30.78 -13.16 11.54
N GLU A 233 -30.88 -12.52 12.71
CA GLU A 233 -30.77 -13.26 13.96
C GLU A 233 -31.80 -14.38 14.07
N GLY A 234 -31.32 -15.62 14.05
CA GLY A 234 -32.16 -16.78 14.29
C GLY A 234 -33.05 -17.22 13.15
N LYS A 235 -32.70 -16.85 11.91
CA LYS A 235 -33.51 -17.21 10.76
C LYS A 235 -32.73 -17.07 9.44
N VAL A 236 -32.88 -18.06 8.56
CA VAL A 236 -32.42 -17.95 7.17
C VAL A 236 -33.63 -17.76 6.29
N HIS A 237 -33.76 -16.59 5.68
CA HIS A 237 -34.96 -16.23 4.94
C HIS A 237 -35.04 -16.88 3.57
N SER A 238 -34.65 -18.16 3.50
CA SER A 238 -34.78 -18.93 2.27
C SER A 238 -36.19 -19.51 2.09
N ASP A 239 -37.10 -19.18 3.01
CA ASP A 239 -38.49 -19.59 2.88
C ASP A 239 -39.31 -18.54 2.16
N LYS A 240 -38.98 -17.27 2.40
CA LYS A 240 -39.64 -16.16 1.70
C LYS A 240 -39.42 -16.25 0.19
N ASN A 241 -40.42 -15.81 -0.57
CA ASN A 241 -40.32 -15.81 -2.03
C ASN A 241 -39.53 -14.61 -2.56
N HIS A 242 -39.17 -14.67 -3.84
CA HIS A 242 -38.30 -13.67 -4.44
C HIS A 242 -38.93 -12.29 -4.65
N ILE A 243 -40.26 -12.22 -4.54
CA ILE A 243 -40.91 -10.92 -4.51
C ILE A 243 -40.74 -10.35 -3.12
N TRP A 244 -40.95 -11.18 -2.10
CA TRP A 244 -40.70 -10.74 -0.74
C TRP A 244 -39.33 -10.13 -0.65
N HIS A 245 -38.34 -10.84 -1.19
CA HIS A 245 -36.96 -10.36 -1.21
C HIS A 245 -36.83 -9.01 -1.91
N MET A 246 -37.17 -8.95 -3.19
CA MET A 246 -37.19 -7.70 -3.94
C MET A 246 -37.80 -6.55 -3.15
N ASP A 247 -39.05 -6.75 -2.71
CA ASP A 247 -39.79 -5.71 -1.99
C ASP A 247 -39.15 -5.36 -0.66
N THR A 248 -38.96 -6.37 0.19
CA THR A 248 -38.42 -6.14 1.53
C THR A 248 -37.10 -5.40 1.46
N ILE A 249 -36.26 -5.80 0.51
CA ILE A 249 -34.98 -5.13 0.25
C ILE A 249 -35.21 -3.69 -0.18
N ALA A 250 -36.02 -3.52 -1.22
CA ALA A 250 -36.31 -2.20 -1.75
C ALA A 250 -36.82 -1.23 -0.68
N LYS A 251 -37.60 -1.75 0.27
CA LYS A 251 -38.16 -0.90 1.31
C LYS A 251 -37.16 -0.58 2.39
N TYR A 252 -36.50 -1.62 2.90
CA TYR A 252 -35.69 -1.49 4.09
C TYR A 252 -34.29 -0.93 3.91
N CYS A 253 -33.77 -0.91 2.69
CA CYS A 253 -32.42 -0.36 2.49
C CYS A 253 -32.11 0.23 1.10
N THR A 254 -33.14 0.74 0.43
CA THR A 254 -32.97 1.43 -0.86
C THR A 254 -33.33 2.91 -0.78
N GLN A 255 -34.16 3.25 0.20
CA GLN A 255 -34.66 4.62 0.36
C GLN A 255 -33.60 5.60 0.84
N ASP A 256 -33.50 6.74 0.14
CA ASP A 256 -32.72 7.88 0.62
C ASP A 256 -31.25 7.83 0.26
N ASP A 257 -30.83 6.77 -0.43
CA ASP A 257 -29.43 6.65 -0.82
C ASP A 257 -29.32 6.29 -2.30
N SER A 258 -28.53 7.07 -3.02
CA SER A 258 -28.27 6.83 -4.43
C SER A 258 -27.35 5.61 -4.61
N LEU A 259 -26.66 5.25 -3.53
CA LEU A 259 -25.65 4.19 -3.56
C LEU A 259 -26.23 2.79 -3.50
N ILE A 260 -27.35 2.64 -2.79
CA ILE A 260 -28.02 1.35 -2.68
C ILE A 260 -29.31 1.39 -3.49
N MET A 261 -29.40 0.56 -4.52
CA MET A 261 -30.53 0.66 -5.44
C MET A 261 -31.49 -0.54 -5.43
N ALA A 262 -32.78 -0.25 -5.54
CA ALA A 262 -33.77 -1.31 -5.70
C ALA A 262 -33.64 -1.88 -7.11
N THR A 263 -33.99 -3.15 -7.27
CA THR A 263 -33.79 -3.83 -8.53
C THR A 263 -35.04 -3.90 -9.41
N ASN A 264 -34.83 -3.73 -10.71
CA ASN A 264 -35.91 -3.81 -11.70
C ASN A 264 -36.34 -5.26 -11.92
N HIS A 265 -37.60 -5.57 -11.63
CA HIS A 265 -38.07 -6.94 -11.78
C HIS A 265 -39.47 -7.00 -12.39
N ILE A 266 -39.95 -8.21 -12.63
CA ILE A 266 -41.29 -8.45 -13.20
C ILE A 266 -41.73 -9.88 -12.95
N LEU A 267 -42.92 -10.04 -12.38
CA LEU A 267 -43.48 -11.36 -12.14
C LEU A 267 -44.10 -11.93 -13.41
N VAL A 268 -43.74 -13.17 -13.75
CA VAL A 268 -44.18 -13.78 -14.99
C VAL A 268 -44.84 -15.13 -14.76
N ASP A 269 -45.96 -15.35 -15.44
CA ASP A 269 -46.76 -16.57 -15.33
C ASP A 269 -46.38 -17.47 -16.50
N VAL A 270 -45.38 -18.33 -16.30
CA VAL A 270 -44.83 -19.12 -17.40
C VAL A 270 -45.87 -20.01 -18.10
N THR A 271 -47.01 -20.21 -17.44
CA THR A 271 -48.13 -20.92 -18.06
C THR A 271 -48.90 -20.01 -19.03
N ASP A 272 -49.17 -18.79 -18.58
CA ASP A 272 -49.97 -17.81 -19.33
C ASP A 272 -49.17 -17.03 -20.38
N ALA A 273 -49.42 -17.31 -21.65
CA ALA A 273 -48.70 -16.67 -22.75
C ALA A 273 -48.87 -15.15 -22.79
N GLU A 274 -49.59 -14.60 -21.82
CA GLU A 274 -49.80 -13.16 -21.75
C GLU A 274 -48.73 -12.48 -20.89
N SER A 275 -48.44 -13.09 -19.74
CA SER A 275 -47.34 -12.61 -18.89
C SER A 275 -46.00 -12.90 -19.56
N VAL A 276 -45.95 -14.04 -20.25
CA VAL A 276 -44.74 -14.50 -20.94
C VAL A 276 -44.34 -13.62 -22.11
N ASP A 277 -45.31 -13.04 -22.82
CA ASP A 277 -45.01 -12.13 -23.91
C ASP A 277 -44.61 -10.77 -23.37
N LYS A 278 -45.29 -10.34 -22.30
CA LYS A 278 -44.90 -9.09 -21.64
C LYS A 278 -43.50 -9.25 -21.05
N GLY A 279 -43.16 -10.48 -20.67
CA GLY A 279 -41.84 -10.80 -20.15
C GLY A 279 -40.77 -10.67 -21.21
N ILE A 280 -40.93 -11.38 -22.33
CA ILE A 280 -39.99 -11.28 -23.44
C ILE A 280 -39.77 -9.82 -23.86
N LYS A 281 -40.84 -9.04 -23.90
CA LYS A 281 -40.73 -7.62 -24.19
C LYS A 281 -39.82 -6.92 -23.18
N TRP A 282 -40.22 -6.96 -21.91
CA TRP A 282 -39.44 -6.40 -20.80
C TRP A 282 -37.96 -6.73 -20.88
N TRP A 283 -37.66 -7.97 -21.25
CA TRP A 283 -36.27 -8.41 -21.40
C TRP A 283 -35.62 -7.71 -22.58
N GLU A 284 -36.31 -7.71 -23.72
CA GLU A 284 -35.80 -7.10 -24.93
C GLU A 284 -35.55 -5.62 -24.74
N ASP A 285 -36.33 -5.00 -23.86
CA ASP A 285 -36.21 -3.56 -23.61
C ASP A 285 -34.90 -3.24 -22.94
N LEU A 286 -34.74 -3.68 -21.69
CA LEU A 286 -33.52 -3.37 -20.95
C LEU A 286 -32.30 -4.01 -21.57
N THR A 287 -32.51 -5.10 -22.31
CA THR A 287 -31.40 -5.72 -23.03
C THR A 287 -30.95 -4.81 -24.19
N ALA A 288 -31.90 -4.05 -24.73
CA ALA A 288 -31.63 -3.14 -25.84
C ALA A 288 -31.37 -1.73 -25.37
N SER A 289 -31.35 -1.54 -24.05
CA SER A 289 -31.01 -0.23 -23.50
C SER A 289 -29.78 -0.31 -22.60
N GLY A 290 -28.93 -1.30 -22.84
CA GLY A 290 -27.65 -1.40 -22.14
C GLY A 290 -27.51 -2.50 -21.10
N GLY A 291 -28.64 -2.96 -20.55
CA GLY A 291 -28.65 -3.99 -19.54
C GLY A 291 -27.91 -5.25 -19.99
N GLU A 292 -27.38 -6.00 -19.05
CA GLU A 292 -26.63 -7.20 -19.39
C GLU A 292 -27.60 -8.33 -19.72
N GLY A 293 -28.71 -8.35 -19.00
CA GLY A 293 -29.70 -9.40 -19.18
C GLY A 293 -30.51 -9.56 -17.90
N MET A 294 -31.07 -10.75 -17.71
CA MET A 294 -31.87 -11.01 -16.54
C MET A 294 -31.56 -12.37 -15.92
N VAL A 295 -31.87 -12.49 -14.64
CA VAL A 295 -31.75 -13.75 -13.93
C VAL A 295 -33.16 -14.16 -13.57
N VAL A 296 -33.59 -15.33 -14.07
CA VAL A 296 -34.92 -15.86 -13.80
C VAL A 296 -34.88 -16.75 -12.57
N LYS A 297 -35.78 -16.50 -11.62
CA LYS A 297 -35.80 -17.27 -10.38
C LYS A 297 -37.18 -17.83 -10.08
N PRO A 298 -37.26 -19.11 -9.68
CA PRO A 298 -38.56 -19.65 -9.30
C PRO A 298 -39.14 -18.85 -8.14
N TYR A 299 -40.34 -18.31 -8.33
CA TYR A 299 -41.00 -17.45 -7.33
C TYR A 299 -40.70 -17.85 -5.87
N ASP A 300 -40.71 -19.15 -5.61
CA ASP A 300 -40.31 -19.65 -4.29
C ASP A 300 -38.81 -19.95 -4.29
N PHE A 301 -38.17 -19.68 -3.14
CA PHE A 301 -36.71 -19.68 -3.07
C PHE A 301 -36.12 -21.06 -3.34
N ILE A 302 -36.62 -22.10 -2.66
CA ILE A 302 -36.18 -23.47 -2.94
C ILE A 302 -37.30 -24.27 -3.60
N VAL A 303 -37.02 -24.87 -4.76
CA VAL A 303 -38.06 -25.52 -5.54
C VAL A 303 -37.75 -26.99 -5.85
N LYS A 304 -38.80 -27.81 -5.92
CA LYS A 304 -38.66 -29.25 -6.06
C LYS A 304 -39.38 -29.89 -7.27
N ASN A 305 -39.02 -31.15 -7.51
CA ASN A 305 -39.67 -32.04 -8.50
C ASN A 305 -40.44 -31.35 -9.62
N GLU A 308 -36.03 -34.40 -7.04
CA GLU A 308 -35.01 -33.56 -7.68
C GLU A 308 -35.10 -32.09 -7.25
N LEU A 309 -33.95 -31.42 -7.23
CA LEU A 309 -33.90 -30.00 -6.89
C LEU A 309 -33.88 -29.14 -8.15
N LEU A 310 -34.47 -27.95 -8.04
CA LEU A 310 -34.51 -27.04 -9.18
C LEU A 310 -33.51 -25.89 -9.06
N GLN A 311 -32.81 -25.61 -10.17
CA GLN A 311 -31.90 -24.47 -10.25
C GLN A 311 -32.53 -23.32 -9.49
N PRO A 312 -31.75 -22.65 -8.64
CA PRO A 312 -32.29 -21.53 -7.86
C PRO A 312 -32.37 -20.24 -8.70
N ALA A 313 -31.78 -20.29 -9.90
CA ALA A 313 -31.83 -19.19 -10.84
C ALA A 313 -31.24 -19.60 -12.17
N VAL A 314 -31.71 -18.97 -13.24
CA VAL A 314 -31.18 -19.21 -14.59
C VAL A 314 -30.86 -17.87 -15.22
N LYS A 315 -29.65 -17.73 -15.75
CA LYS A 315 -29.25 -16.47 -16.35
C LYS A 315 -29.64 -16.41 -17.83
N CYS A 316 -30.36 -15.35 -18.20
CA CYS A 316 -30.68 -15.08 -19.58
C CYS A 316 -30.02 -13.76 -19.98
N ARG A 317 -29.04 -13.83 -20.86
CA ARG A 317 -28.22 -12.67 -21.18
C ARG A 317 -28.47 -12.11 -22.59
N GLY A 318 -28.49 -10.79 -22.70
CA GLY A 318 -28.76 -10.14 -23.96
C GLY A 318 -27.77 -10.49 -25.06
N ARG A 319 -28.23 -10.40 -26.31
CA ARG A 319 -27.38 -10.75 -27.43
C ARG A 319 -26.15 -9.88 -27.47
N GLU A 320 -26.32 -8.58 -27.28
CA GLU A 320 -25.20 -7.66 -27.41
C GLU A 320 -24.07 -7.99 -26.44
N TYR A 321 -24.44 -8.28 -25.20
CA TYR A 321 -23.47 -8.68 -24.19
C TYR A 321 -22.72 -9.95 -24.55
N LEU A 322 -23.47 -11.00 -24.91
CA LEU A 322 -22.90 -12.29 -25.27
C LEU A 322 -22.00 -12.22 -26.51
N ARG A 323 -22.31 -11.33 -27.44
CA ARG A 323 -21.49 -11.16 -28.63
C ARG A 323 -20.08 -10.70 -28.29
N ILE A 324 -19.99 -9.91 -27.21
CA ILE A 324 -18.74 -9.41 -26.67
C ILE A 324 -17.95 -10.55 -26.06
N ILE A 325 -18.55 -11.13 -25.03
CA ILE A 325 -17.99 -12.25 -24.29
C ILE A 325 -17.62 -13.47 -25.15
N TYR A 326 -18.53 -13.90 -26.01
CA TYR A 326 -18.28 -15.06 -26.86
C TYR A 326 -17.29 -14.83 -28.01
N GLY A 327 -17.20 -13.60 -28.51
CA GLY A 327 -16.32 -13.30 -29.62
C GLY A 327 -16.89 -13.85 -30.91
N PRO A 328 -16.03 -14.09 -31.91
CA PRO A 328 -16.51 -14.60 -33.21
C PRO A 328 -17.13 -15.98 -33.07
N GLU A 329 -16.89 -16.65 -31.95
CA GLU A 329 -17.46 -17.97 -31.74
C GLU A 329 -18.85 -17.86 -31.12
N TYR A 330 -19.46 -16.69 -31.26
CA TYR A 330 -20.85 -16.49 -30.87
C TYR A 330 -21.74 -17.30 -31.81
N THR A 331 -21.43 -17.27 -33.10
CA THR A 331 -22.08 -18.16 -34.04
C THR A 331 -21.31 -19.48 -34.13
N MET A 332 -22.05 -20.57 -34.04
CA MET A 332 -21.49 -21.91 -33.89
C MET A 332 -22.27 -22.92 -34.72
N ASP A 333 -21.67 -24.06 -34.98
CA ASP A 333 -22.33 -25.16 -35.70
C ASP A 333 -22.92 -26.20 -34.74
N GLU A 334 -23.65 -27.15 -35.31
CA GLU A 334 -24.43 -28.12 -34.51
C GLU A 334 -23.65 -28.83 -33.40
N ASN A 335 -22.36 -29.09 -33.62
CA ASN A 335 -21.59 -29.87 -32.66
C ASN A 335 -20.95 -29.02 -31.55
N ILE A 336 -20.51 -27.81 -31.90
CA ILE A 336 -19.97 -26.87 -30.90
C ILE A 336 -21.13 -26.40 -30.04
N GLU A 337 -22.32 -26.49 -30.60
CA GLU A 337 -23.53 -26.12 -29.89
C GLU A 337 -23.82 -27.20 -28.85
N ARG A 338 -23.93 -28.44 -29.32
CA ARG A 338 -24.20 -29.55 -28.43
C ARG A 338 -23.22 -29.58 -27.24
N LEU A 339 -21.98 -29.19 -27.49
CA LEU A 339 -20.99 -29.08 -26.42
C LEU A 339 -21.41 -28.06 -25.36
N ARG A 340 -21.88 -26.90 -25.81
CA ARG A 340 -22.39 -25.87 -24.90
C ARG A 340 -23.49 -26.43 -24.02
N ASN A 341 -24.37 -27.23 -24.62
CA ASN A 341 -25.43 -27.88 -23.87
C ASN A 341 -24.91 -28.85 -22.82
N ARG A 342 -23.81 -29.53 -23.16
CA ARG A 342 -23.15 -30.41 -22.22
C ARG A 342 -22.61 -29.56 -21.05
N ALA A 343 -21.86 -28.52 -21.40
CA ALA A 343 -21.33 -27.58 -20.40
C ALA A 343 -22.43 -26.97 -19.54
N VAL A 344 -23.57 -26.67 -20.14
CA VAL A 344 -24.70 -26.13 -19.39
C VAL A 344 -25.14 -27.14 -18.34
N GLY A 345 -25.06 -28.42 -18.69
CA GLY A 345 -25.37 -29.49 -17.77
C GLY A 345 -24.36 -29.61 -16.65
N LYS A 346 -23.08 -29.65 -17.02
CA LYS A 346 -22.00 -29.77 -16.05
C LYS A 346 -22.09 -28.65 -15.01
N LYS A 347 -22.58 -27.48 -15.43
CA LYS A 347 -22.64 -26.31 -14.56
C LYS A 347 -23.88 -26.34 -13.69
N ARG A 348 -24.99 -26.80 -14.26
CA ARG A 348 -26.24 -26.90 -13.53
C ARG A 348 -26.11 -27.79 -12.30
N SER A 349 -25.18 -28.73 -12.35
CA SER A 349 -24.96 -29.63 -11.22
C SER A 349 -24.11 -28.95 -10.17
N LEU A 350 -23.05 -28.28 -10.62
CA LEU A 350 -22.21 -27.52 -9.71
C LEU A 350 -23.09 -26.52 -8.97
N ALA A 351 -23.99 -25.88 -9.70
CA ALA A 351 -24.90 -24.88 -9.16
C ALA A 351 -25.75 -25.45 -8.03
N LEU A 352 -26.32 -26.62 -8.25
CA LEU A 352 -27.15 -27.26 -7.24
C LEU A 352 -26.33 -27.60 -6.00
N ARG A 353 -25.22 -28.29 -6.18
CA ARG A 353 -24.40 -28.69 -5.06
C ARG A 353 -23.96 -27.47 -4.27
N GLU A 354 -23.41 -26.48 -4.97
CA GLU A 354 -22.93 -25.26 -4.33
C GLU A 354 -24.07 -24.55 -3.61
N PHE A 355 -25.25 -24.59 -4.20
CA PHE A 355 -26.40 -23.88 -3.63
C PHE A 355 -26.80 -24.49 -2.30
N SER A 356 -26.75 -25.82 -2.23
CA SER A 356 -27.17 -26.50 -1.03
C SER A 356 -26.16 -26.25 0.08
N LEU A 357 -24.88 -26.32 -0.27
CA LEU A 357 -23.81 -26.07 0.67
C LEU A 357 -23.96 -24.68 1.27
N GLY A 358 -24.18 -23.70 0.39
CA GLY A 358 -24.39 -22.33 0.83
C GLY A 358 -25.54 -22.28 1.82
N MET A 359 -26.67 -22.86 1.45
CA MET A 359 -27.84 -22.84 2.31
C MET A 359 -27.57 -23.50 3.66
N GLU A 360 -27.00 -24.70 3.64
CA GLU A 360 -26.73 -25.42 4.89
C GLU A 360 -25.79 -24.60 5.77
N ALA A 361 -24.73 -24.11 5.16
CA ALA A 361 -23.77 -23.25 5.83
C ALA A 361 -24.45 -22.14 6.64
N LEU A 362 -25.34 -21.40 5.98
CA LEU A 362 -26.12 -20.37 6.64
C LEU A 362 -26.92 -20.95 7.79
N GLU A 363 -27.74 -21.96 7.48
CA GLU A 363 -28.55 -22.64 8.47
C GLU A 363 -27.76 -22.98 9.72
N ARG A 364 -26.60 -23.62 9.53
CA ARG A 364 -25.79 -24.01 10.67
C ARG A 364 -25.39 -22.80 11.49
N PHE A 365 -24.90 -21.77 10.82
CA PHE A 365 -24.44 -20.58 11.53
C PHE A 365 -25.57 -19.95 12.32
N VAL A 366 -26.78 -19.98 11.75
CA VAL A 366 -27.90 -19.33 12.38
C VAL A 366 -28.32 -20.01 13.68
N ARG A 367 -28.22 -21.34 13.71
CA ARG A 367 -28.58 -22.07 14.92
C ARG A 367 -27.39 -22.28 15.85
N ASN A 368 -26.37 -21.45 15.69
CA ASN A 368 -25.27 -21.34 16.64
C ASN A 368 -24.37 -22.56 16.72
N GLU A 369 -24.27 -23.31 15.63
CA GLU A 369 -23.34 -24.44 15.58
C GLU A 369 -21.88 -23.97 15.55
N PRO A 370 -20.94 -24.86 15.90
CA PRO A 370 -19.52 -24.50 15.89
C PRO A 370 -19.07 -24.08 14.49
N LEU A 371 -18.20 -23.09 14.41
CA LEU A 371 -17.82 -22.52 13.13
C LEU A 371 -17.20 -23.53 12.17
N TYR A 372 -16.46 -24.51 12.69
CA TYR A 372 -15.85 -25.52 11.84
C TYR A 372 -16.93 -26.28 11.09
N ARG A 373 -18.13 -26.28 11.64
CA ARG A 373 -19.29 -26.89 10.99
C ARG A 373 -19.76 -26.01 9.84
N VAL A 374 -19.82 -24.70 10.08
CA VAL A 374 -20.20 -23.77 9.03
C VAL A 374 -19.21 -23.83 7.88
N HIS A 375 -17.92 -23.75 8.22
CA HIS A 375 -16.87 -23.73 7.21
C HIS A 375 -16.77 -25.04 6.46
N GLU A 376 -17.24 -26.11 7.09
CA GLU A 376 -17.28 -27.40 6.44
C GLU A 376 -18.03 -27.22 5.14
N CYS A 377 -19.10 -26.43 5.18
CA CYS A 377 -19.94 -26.16 4.01
C CYS A 377 -19.37 -25.06 3.13
N VAL A 378 -19.05 -23.93 3.76
CA VAL A 378 -18.51 -22.78 3.04
C VAL A 378 -17.30 -23.13 2.17
N PHE A 379 -16.30 -23.78 2.75
CA PHE A 379 -15.10 -24.15 2.00
C PHE A 379 -15.42 -25.21 0.98
N GLY A 380 -16.58 -25.85 1.16
CA GLY A 380 -17.07 -26.83 0.21
C GLY A 380 -17.42 -26.17 -1.10
N VAL A 381 -18.16 -25.07 -1.00
CA VAL A 381 -18.47 -24.25 -2.17
C VAL A 381 -17.19 -23.80 -2.87
N LEU A 382 -16.23 -23.38 -2.07
CA LEU A 382 -14.97 -22.86 -2.56
C LEU A 382 -14.19 -23.94 -3.28
N ALA A 383 -14.31 -25.16 -2.77
CA ALA A 383 -13.64 -26.30 -3.36
C ALA A 383 -14.19 -26.58 -4.74
N LEU A 384 -15.51 -26.62 -4.83
CA LEU A 384 -16.20 -26.91 -6.08
C LEU A 384 -15.90 -25.88 -7.15
N GLU A 385 -15.67 -24.64 -6.73
CA GLU A 385 -15.41 -23.56 -7.67
C GLU A 385 -14.11 -23.77 -8.46
N SER A 386 -13.30 -24.72 -8.00
CA SER A 386 -12.06 -25.04 -8.70
C SER A 386 -12.30 -26.01 -9.86
N GLU A 387 -13.42 -26.73 -9.81
CA GLU A 387 -13.82 -27.62 -10.88
C GLU A 387 -13.92 -26.83 -12.18
N PRO A 388 -13.46 -27.44 -13.29
CA PRO A 388 -13.45 -26.74 -14.58
C PRO A 388 -14.85 -26.58 -15.16
N VAL A 389 -15.11 -25.43 -15.78
CA VAL A 389 -16.35 -25.19 -16.52
C VAL A 389 -16.10 -24.28 -17.72
N ASP A 390 -17.17 -23.86 -18.38
CA ASP A 390 -17.07 -22.87 -19.46
C ASP A 390 -17.17 -21.48 -18.83
N PRO A 391 -16.14 -20.64 -19.02
CA PRO A 391 -16.16 -19.30 -18.41
C PRO A 391 -17.21 -18.44 -19.09
N ARG A 392 -17.52 -18.77 -20.34
CA ARG A 392 -18.50 -18.05 -21.14
C ARG A 392 -19.93 -18.31 -20.68
N LEU A 393 -20.10 -19.29 -19.81
CA LEU A 393 -21.41 -19.58 -19.23
C LEU A 393 -21.61 -18.91 -17.87
N SER B 1 -0.94 -9.11 12.26
CA SER B 1 -0.18 -9.87 11.28
C SER B 1 -0.28 -9.26 9.89
N MET B 2 0.80 -9.36 9.12
CA MET B 2 0.87 -8.71 7.82
C MET B 2 0.64 -9.67 6.68
N SER B 3 0.59 -10.97 6.99
CA SER B 3 0.28 -11.95 5.97
C SER B 3 -1.18 -11.77 5.58
N ARG B 4 -1.46 -10.77 4.75
CA ARG B 4 -2.85 -10.36 4.49
C ARG B 4 -3.37 -10.69 3.10
N PHE B 5 -2.45 -10.93 2.17
CA PHE B 5 -2.83 -11.26 0.80
C PHE B 5 -3.33 -12.70 0.64
N ALA B 6 -4.51 -12.88 0.05
CA ALA B 6 -4.93 -14.21 -0.34
C ALA B 6 -4.01 -14.69 -1.45
N ALA B 7 -3.79 -16.00 -1.54
CA ALA B 7 -2.91 -16.50 -2.58
C ALA B 7 -3.69 -17.09 -3.76
N ASP B 8 -3.09 -17.07 -4.94
CA ASP B 8 -3.72 -17.71 -6.11
C ASP B 8 -3.95 -19.16 -5.76
N PRO B 9 -5.21 -19.59 -5.73
CA PRO B 9 -5.54 -20.98 -5.40
C PRO B 9 -4.65 -22.00 -6.11
N HIS B 10 -4.26 -21.70 -7.34
CA HIS B 10 -3.41 -22.61 -8.11
C HIS B 10 -2.14 -23.04 -7.38
N TRP B 11 -1.68 -22.22 -6.43
CA TRP B 11 -0.47 -22.50 -5.64
C TRP B 11 -0.74 -23.36 -4.41
N LEU B 12 -1.99 -23.44 -4.01
CA LEU B 12 -2.32 -24.13 -2.76
C LEU B 12 -2.53 -25.64 -2.95
N ILE B 13 -1.41 -26.35 -3.12
CA ILE B 13 -1.42 -27.79 -3.29
C ILE B 13 -1.21 -28.52 -1.96
N TYR B 14 -1.14 -27.77 -0.87
CA TYR B 14 -0.85 -28.36 0.44
C TYR B 14 -1.08 -27.37 1.58
N LEU B 15 -1.47 -27.88 2.74
CA LEU B 15 -1.46 -27.09 3.96
C LEU B 15 -0.88 -27.89 5.12
N PRO B 16 -0.19 -27.21 6.05
CA PRO B 16 0.38 -27.80 7.25
C PRO B 16 -0.67 -28.34 8.22
N PRO B 17 -0.43 -29.54 8.76
CA PRO B 17 -1.13 -30.15 9.88
C PRO B 17 -0.82 -29.41 11.17
N THR B 18 -1.77 -29.36 12.09
CA THR B 18 -1.47 -28.80 13.40
C THR B 18 -0.59 -29.81 14.14
N MET B 19 -0.22 -29.49 15.37
CA MET B 19 0.70 -30.33 16.13
C MET B 19 0.37 -30.18 17.60
N SER B 20 0.67 -31.22 18.39
CA SER B 20 0.41 -31.18 19.83
C SER B 20 1.61 -31.64 20.62
N PRO B 21 1.72 -31.15 21.87
CA PRO B 21 2.77 -31.61 22.77
C PRO B 21 2.35 -32.95 23.31
N CYS B 22 2.94 -33.36 24.43
CA CYS B 22 2.44 -34.56 25.09
C CYS B 22 1.71 -34.22 26.37
N GLU B 23 0.95 -35.19 26.86
CA GLU B 23 0.19 -35.04 28.08
C GLU B 23 1.06 -34.36 29.12
N THR B 24 0.48 -33.38 29.83
CA THR B 24 1.19 -32.67 30.89
C THR B 24 2.21 -33.60 31.55
N SER B 25 3.47 -33.15 31.63
CA SER B 25 4.56 -33.96 32.19
C SER B 25 4.47 -34.09 33.71
N LYS B 26 4.72 -35.31 34.19
CA LYS B 26 4.61 -35.63 35.61
C LYS B 26 5.65 -34.88 36.43
N LYS B 27 6.79 -34.58 35.81
CA LYS B 27 7.87 -33.92 36.52
C LYS B 27 7.36 -32.65 37.18
N GLU B 28 7.80 -32.41 38.41
CA GLU B 28 7.36 -31.22 39.14
C GLU B 28 7.92 -29.95 38.50
N GLY B 29 7.05 -28.95 38.32
CA GLY B 29 7.43 -27.67 37.76
C GLY B 29 7.68 -27.72 36.26
N MET B 30 7.27 -28.83 35.64
CA MET B 30 7.45 -29.03 34.21
C MET B 30 6.14 -29.38 33.49
N LEU B 31 5.95 -28.79 32.32
CA LEU B 31 4.77 -29.09 31.50
C LEU B 31 5.13 -30.05 30.37
N GLU B 32 6.33 -29.90 29.82
CA GLU B 32 6.75 -30.77 28.74
C GLU B 32 8.21 -31.14 28.91
N HIS B 33 8.51 -32.42 28.79
CA HIS B 33 9.85 -32.95 28.96
C HIS B 33 10.08 -34.04 27.93
N PRO B 34 11.31 -34.13 27.39
CA PRO B 34 11.66 -35.07 26.32
C PRO B 34 11.27 -36.52 26.59
N ILE B 35 11.12 -36.93 27.85
CA ILE B 35 10.83 -38.33 28.15
C ILE B 35 9.45 -38.75 27.66
N GLU B 36 8.48 -37.85 27.79
CA GLU B 36 7.13 -38.20 27.33
C GLU B 36 7.11 -38.43 25.83
N ALA B 37 7.58 -37.46 25.06
CA ALA B 37 7.65 -37.62 23.61
C ALA B 37 8.34 -38.94 23.24
N PHE B 38 9.39 -39.29 23.97
CA PHE B 38 10.14 -40.51 23.72
C PHE B 38 9.30 -41.72 24.07
N GLU B 39 8.66 -41.66 25.23
CA GLU B 39 7.79 -42.74 25.71
C GLU B 39 6.74 -43.03 24.66
N TYR B 40 6.06 -41.97 24.23
CA TYR B 40 5.04 -42.06 23.19
C TYR B 40 5.45 -42.99 22.05
N PHE B 41 6.64 -42.76 21.50
CA PHE B 41 7.09 -43.50 20.32
C PHE B 41 7.62 -44.92 20.60
N ARG B 42 8.02 -45.19 21.83
CA ARG B 42 8.43 -46.54 22.19
C ARG B 42 7.19 -47.37 22.45
N THR B 43 6.27 -46.83 23.26
CA THR B 43 5.01 -47.48 23.57
C THR B 43 4.23 -47.92 22.32
N ARG B 44 4.46 -47.24 21.20
CA ARG B 44 3.82 -47.63 19.93
C ARG B 44 4.81 -48.33 19.01
N GLY B 45 6.00 -48.61 19.55
CA GLY B 45 7.01 -49.39 18.85
C GLY B 45 7.63 -48.69 17.66
N VAL B 46 8.35 -47.61 17.92
CA VAL B 46 9.05 -46.90 16.87
C VAL B 46 10.55 -47.06 17.04
N GLY B 47 11.05 -46.81 18.24
CA GLY B 47 12.43 -47.09 18.56
C GLY B 47 13.41 -45.98 18.24
N LYS B 48 13.47 -45.62 16.95
CA LYS B 48 14.32 -44.51 16.50
C LYS B 48 13.48 -43.26 16.14
N VAL B 49 13.70 -42.18 16.88
CA VAL B 49 13.03 -40.92 16.60
C VAL B 49 14.05 -39.85 16.25
N VAL B 50 13.65 -38.86 15.46
CA VAL B 50 14.52 -37.72 15.15
C VAL B 50 14.08 -36.47 15.91
N CYS B 51 15.02 -35.82 16.58
CA CYS B 51 14.71 -34.58 17.28
C CYS B 51 15.21 -33.38 16.50
N GLU B 52 14.28 -32.55 16.07
CA GLU B 52 14.63 -31.35 15.34
C GLU B 52 14.37 -30.10 16.17
N GLN B 53 15.19 -29.08 15.98
CA GLN B 53 15.08 -27.86 16.74
C GLN B 53 13.81 -27.16 16.32
N LYS B 54 12.98 -26.81 17.29
CA LYS B 54 11.75 -26.08 17.00
C LYS B 54 12.07 -24.60 16.80
N HIS B 55 12.31 -24.21 15.55
CA HIS B 55 12.61 -22.84 15.20
C HIS B 55 11.45 -21.93 15.56
N MET B 56 11.74 -20.84 16.27
CA MET B 56 10.69 -19.96 16.74
C MET B 56 10.37 -18.87 15.73
N GLY B 57 9.33 -19.12 14.93
CA GLY B 57 8.90 -18.19 13.91
C GLY B 57 7.54 -18.61 13.43
N SER B 58 7.36 -18.63 12.11
CA SER B 58 6.06 -19.01 11.53
C SER B 58 6.26 -20.11 10.52
N ARG B 59 5.26 -20.96 10.38
CA ARG B 59 5.33 -22.03 9.39
C ARG B 59 5.10 -21.48 8.00
N ALA B 60 5.90 -21.92 7.05
CA ALA B 60 5.76 -21.41 5.70
C ALA B 60 5.97 -22.50 4.67
N VAL B 61 5.00 -22.65 3.79
CA VAL B 61 5.17 -23.55 2.66
C VAL B 61 5.84 -22.75 1.56
N VAL B 62 6.87 -23.31 0.94
CA VAL B 62 7.59 -22.60 -0.10
C VAL B 62 7.66 -23.40 -1.38
N ILE B 63 7.04 -22.91 -2.44
CA ILE B 63 7.09 -23.58 -3.74
C ILE B 63 8.00 -22.80 -4.67
N VAL B 64 8.90 -23.49 -5.35
CA VAL B 64 9.86 -22.81 -6.22
C VAL B 64 9.90 -23.43 -7.60
N CYS B 65 9.65 -22.63 -8.63
CA CYS B 65 9.73 -23.12 -9.99
C CYS B 65 10.97 -22.57 -10.68
N LYS B 66 11.44 -23.29 -11.70
CA LYS B 66 12.65 -22.87 -12.42
C LYS B 66 12.43 -21.51 -13.06
N ASP B 67 11.28 -21.34 -13.69
CA ASP B 67 10.89 -20.05 -14.26
C ASP B 67 9.36 -19.90 -14.29
N SER B 68 8.90 -18.81 -14.88
CA SER B 68 7.48 -18.46 -14.86
C SER B 68 6.65 -19.26 -15.85
N GLN B 69 7.30 -19.96 -16.78
CA GLN B 69 6.58 -20.80 -17.74
C GLN B 69 6.31 -22.18 -17.16
N VAL B 70 7.05 -22.49 -16.10
CA VAL B 70 6.84 -23.71 -15.33
C VAL B 70 5.60 -23.57 -14.44
N ALA B 71 5.43 -22.38 -13.87
CA ALA B 71 4.24 -22.08 -13.08
C ALA B 71 2.97 -22.07 -13.94
N GLU B 72 3.14 -21.83 -15.24
CA GLU B 72 2.00 -21.90 -16.16
C GLU B 72 1.66 -23.35 -16.51
N LYS B 73 2.63 -24.08 -17.04
CA LYS B 73 2.40 -25.44 -17.52
C LYS B 73 2.17 -26.46 -16.40
N ARG B 74 2.78 -26.23 -15.24
CA ARG B 74 2.67 -27.18 -14.15
C ARG B 74 1.60 -26.82 -13.11
N PHE B 75 1.48 -25.54 -12.80
CA PHE B 75 0.57 -25.12 -11.74
C PHE B 75 -0.66 -24.37 -12.25
N GLY B 76 -0.59 -23.89 -13.49
CA GLY B 76 -1.66 -23.12 -14.08
C GLY B 76 -1.64 -21.65 -13.65
N VAL B 77 -0.62 -21.26 -12.91
CA VAL B 77 -0.46 -19.89 -12.45
C VAL B 77 -0.20 -18.94 -13.61
N LEU B 78 -0.93 -17.82 -13.65
CA LEU B 78 -0.92 -16.96 -14.81
C LEU B 78 -0.41 -15.54 -14.55
N ASP B 79 -0.15 -15.22 -13.29
CA ASP B 79 0.34 -13.88 -12.96
C ASP B 79 1.83 -13.71 -13.16
N GLY B 80 2.46 -14.70 -13.81
CA GLY B 80 3.84 -14.59 -14.23
C GLY B 80 4.87 -14.68 -13.12
N THR B 81 4.46 -15.16 -11.96
CA THR B 81 5.42 -15.43 -10.90
C THR B 81 5.99 -16.84 -11.09
N ALA B 82 7.01 -17.18 -10.33
CA ALA B 82 7.59 -18.51 -10.43
C ALA B 82 7.83 -19.13 -9.07
N GLY B 83 6.94 -18.85 -8.13
CA GLY B 83 7.06 -19.38 -6.79
C GLY B 83 6.14 -18.68 -5.82
N ILE B 84 6.09 -19.18 -4.59
CA ILE B 84 5.24 -18.59 -3.57
C ILE B 84 5.69 -19.01 -2.19
N CYS B 85 5.42 -18.15 -1.21
CA CYS B 85 5.73 -18.46 0.17
C CYS B 85 4.51 -18.10 1.00
N TYR B 86 3.67 -19.10 1.24
CA TYR B 86 2.43 -18.88 1.96
C TYR B 86 2.35 -19.55 3.32
N THR B 87 1.53 -18.96 4.19
CA THR B 87 1.43 -19.39 5.58
C THR B 87 0.51 -20.57 5.68
N ARG B 88 0.28 -20.99 6.92
CA ARG B 88 -0.51 -22.17 7.24
C ARG B 88 -1.99 -22.00 6.90
N THR B 89 -2.37 -20.78 6.53
CA THR B 89 -3.76 -20.48 6.22
C THR B 89 -3.95 -20.02 4.78
N GLY B 90 -3.02 -20.40 3.90
CA GLY B 90 -3.14 -20.16 2.48
C GLY B 90 -2.95 -18.72 2.05
N ARG B 91 -2.39 -17.90 2.94
CA ARG B 91 -2.11 -16.49 2.63
C ARG B 91 -0.65 -16.29 2.29
N HIS B 92 -0.38 -15.26 1.50
CA HIS B 92 0.99 -14.88 1.22
C HIS B 92 1.65 -14.48 2.53
N PHE B 93 2.83 -15.02 2.79
CA PHE B 93 3.53 -14.72 4.02
C PHE B 93 3.79 -13.21 4.01
N PHE B 94 4.34 -12.73 2.91
CA PHE B 94 4.71 -11.34 2.79
C PHE B 94 3.67 -10.49 2.07
N ASP B 95 3.29 -9.38 2.71
CA ASP B 95 2.47 -8.37 2.08
C ASP B 95 3.22 -7.70 0.93
N ASP B 96 4.53 -7.98 0.83
CA ASP B 96 5.38 -7.36 -0.18
C ASP B 96 5.75 -8.38 -1.26
N MET B 97 5.08 -8.33 -2.40
CA MET B 97 5.32 -9.30 -3.48
C MET B 97 6.77 -9.39 -3.97
N GLN B 98 7.53 -8.32 -3.81
CA GLN B 98 8.90 -8.31 -4.29
C GLN B 98 9.81 -9.01 -3.28
N LEU B 99 9.63 -8.73 -1.99
CA LEU B 99 10.44 -9.37 -0.97
C LEU B 99 10.32 -10.87 -1.16
N GLU B 100 9.08 -11.32 -1.33
CA GLU B 100 8.80 -12.73 -1.55
C GLU B 100 9.49 -13.24 -2.80
N ALA B 101 9.31 -12.54 -3.91
CA ALA B 101 9.96 -12.92 -5.15
C ALA B 101 11.46 -13.04 -4.95
N GLU B 102 12.02 -12.16 -4.12
CA GLU B 102 13.46 -12.17 -3.87
C GLU B 102 13.82 -13.43 -3.09
N LEU B 103 13.06 -13.71 -2.02
CA LEU B 103 13.25 -14.94 -1.25
C LEU B 103 13.20 -16.17 -2.13
N ILE B 104 12.22 -16.23 -3.01
CA ILE B 104 12.08 -17.34 -3.95
C ILE B 104 13.33 -17.51 -4.84
N ASP B 105 13.70 -16.47 -5.58
CA ASP B 105 14.85 -16.57 -6.46
C ASP B 105 16.12 -16.84 -5.67
N ARG B 106 16.13 -16.42 -4.42
CA ARG B 106 17.26 -16.67 -3.53
C ARG B 106 17.44 -18.18 -3.31
N VAL B 107 16.33 -18.87 -3.03
CA VAL B 107 16.35 -20.32 -2.92
C VAL B 107 16.63 -20.95 -4.28
N ARG B 108 15.97 -20.44 -5.31
CA ARG B 108 16.15 -20.96 -6.65
C ARG B 108 17.64 -21.09 -6.98
N LYS B 109 18.39 -20.04 -6.65
CA LYS B 109 19.82 -20.02 -6.94
C LYS B 109 20.53 -21.18 -6.25
N VAL B 110 20.31 -21.34 -4.94
CA VAL B 110 20.93 -22.43 -4.20
C VAL B 110 20.66 -23.77 -4.88
N LEU B 111 19.42 -23.98 -5.32
CA LEU B 111 19.05 -25.21 -6.01
C LEU B 111 19.75 -25.31 -7.37
N ASP B 112 19.87 -24.20 -8.07
CA ASP B 112 20.60 -24.19 -9.33
C ASP B 112 22.02 -24.76 -9.14
N LYS B 113 22.73 -24.24 -8.15
CA LYS B 113 24.12 -24.64 -7.89
C LYS B 113 24.18 -26.08 -7.46
N SER B 114 23.18 -26.50 -6.70
CA SER B 114 23.09 -27.87 -6.20
C SER B 114 22.90 -28.84 -7.35
N GLY B 115 22.30 -28.38 -8.44
CA GLY B 115 21.87 -29.26 -9.51
C GLY B 115 20.62 -30.00 -9.06
N PHE B 116 20.09 -29.59 -7.91
CA PHE B 116 18.89 -30.19 -7.34
C PHE B 116 17.87 -30.57 -8.41
N TRP B 117 17.66 -29.67 -9.37
CA TRP B 117 16.66 -29.88 -10.42
C TRP B 117 16.97 -31.15 -11.22
N GLY B 118 18.25 -31.34 -11.55
CA GLY B 118 18.69 -32.50 -12.29
C GLY B 118 18.57 -33.80 -11.51
N ASP B 119 19.18 -33.82 -10.32
CA ASP B 119 19.21 -35.01 -9.47
C ASP B 119 17.81 -35.52 -9.06
N PHE B 120 16.87 -34.60 -8.88
CA PHE B 120 15.50 -34.99 -8.54
C PHE B 120 14.63 -35.05 -9.78
N ASN B 121 15.25 -34.81 -10.93
CA ASN B 121 14.53 -34.79 -12.20
C ASN B 121 13.18 -34.10 -12.04
N THR B 122 13.23 -32.77 -11.86
CA THR B 122 12.06 -31.96 -11.60
C THR B 122 12.38 -30.52 -11.92
N ASP B 123 11.37 -29.77 -12.36
CA ASP B 123 11.56 -28.34 -12.61
C ASP B 123 10.77 -27.54 -11.60
N TRP B 124 10.45 -28.16 -10.47
CA TRP B 124 9.79 -27.48 -9.37
C TRP B 124 9.94 -28.26 -8.07
N VAL B 125 9.53 -27.65 -6.96
CA VAL B 125 9.67 -28.26 -5.65
C VAL B 125 8.81 -27.55 -4.62
N CYS B 126 8.24 -28.31 -3.69
CA CYS B 126 7.49 -27.74 -2.59
C CYS B 126 8.22 -28.04 -1.27
N LEU B 127 8.48 -27.01 -0.46
CA LEU B 127 9.21 -27.19 0.79
C LEU B 127 8.39 -26.80 2.00
N ASP B 128 8.52 -27.56 3.07
CA ASP B 128 7.82 -27.28 4.31
C ASP B 128 8.84 -26.62 5.25
N CYS B 129 8.65 -25.35 5.59
CA CYS B 129 9.71 -24.63 6.31
C CYS B 129 9.26 -23.78 7.48
N GLU B 130 10.24 -23.39 8.30
CA GLU B 130 10.04 -22.36 9.30
C GLU B 130 10.70 -21.06 8.83
N LEU B 131 9.96 -19.96 8.88
CA LEU B 131 10.49 -18.67 8.47
C LEU B 131 10.56 -17.75 9.67
N MET B 132 11.73 -17.14 9.89
CA MET B 132 11.95 -16.30 11.07
C MET B 132 12.35 -14.89 10.72
N PRO B 133 11.47 -13.92 11.03
CA PRO B 133 11.73 -12.52 10.71
C PRO B 133 12.62 -11.93 11.77
N TRP B 134 13.88 -12.35 11.77
CA TRP B 134 14.80 -11.97 12.83
C TRP B 134 15.43 -10.60 12.58
N SER B 135 14.60 -9.57 12.69
CA SER B 135 15.07 -8.19 12.65
C SER B 135 15.80 -7.92 13.94
N ALA B 136 16.91 -7.18 13.86
CA ALA B 136 17.69 -6.85 15.04
C ALA B 136 16.92 -5.89 15.93
N LYS B 137 15.84 -5.32 15.39
CA LYS B 137 14.92 -4.53 16.20
C LYS B 137 13.90 -5.48 16.83
N ALA B 138 13.60 -6.56 16.12
CA ALA B 138 12.72 -7.59 16.66
C ALA B 138 13.46 -8.33 17.76
N GLN B 139 14.71 -8.66 17.47
CA GLN B 139 15.61 -9.30 18.44
C GLN B 139 15.80 -8.44 19.68
N LYS B 140 16.15 -7.17 19.47
CA LYS B 140 16.38 -6.24 20.57
C LYS B 140 15.13 -6.14 21.44
N LEU B 141 14.01 -5.91 20.79
CA LEU B 141 12.75 -5.74 21.47
C LEU B 141 12.46 -6.94 22.39
N LEU B 142 12.60 -8.14 21.83
CA LEU B 142 12.33 -9.39 22.54
C LEU B 142 13.29 -9.61 23.70
N GLU B 143 14.59 -9.56 23.41
CA GLU B 143 15.61 -9.81 24.42
C GLU B 143 15.52 -8.85 25.61
N GLU B 144 15.48 -7.55 25.33
CA GLU B 144 15.46 -6.54 26.39
C GLU B 144 14.25 -6.68 27.30
N GLN B 145 13.11 -7.09 26.74
CA GLN B 145 11.91 -7.27 27.54
C GLN B 145 12.03 -8.54 28.38
N TYR B 146 12.57 -9.59 27.78
CA TYR B 146 12.84 -10.83 28.51
C TYR B 146 13.75 -10.50 29.68
N SER B 147 14.79 -9.75 29.40
CA SER B 147 15.70 -9.30 30.43
C SER B 147 14.93 -8.52 31.50
N ALA B 148 14.01 -7.68 31.09
CA ALA B 148 13.25 -6.87 32.03
C ALA B 148 12.45 -7.76 32.98
N VAL B 149 11.75 -8.75 32.44
CA VAL B 149 10.94 -9.61 33.29
C VAL B 149 11.85 -10.38 34.23
N GLY B 150 13.03 -10.75 33.72
CA GLY B 150 13.99 -11.51 34.50
C GLY B 150 14.48 -10.71 35.70
N ILE B 151 14.83 -9.46 35.45
CA ILE B 151 15.28 -8.58 36.52
C ILE B 151 14.16 -8.31 37.51
N SER B 152 13.05 -7.77 37.03
CA SER B 152 11.91 -7.41 37.87
C SER B 152 11.39 -8.61 38.64
N GLY B 153 11.50 -9.79 38.02
CA GLY B 153 11.02 -11.02 38.63
C GLY B 153 11.86 -11.45 39.82
N ARG B 154 13.17 -11.35 39.67
CA ARG B 154 14.09 -11.69 40.76
C ARG B 154 14.02 -10.68 41.90
N VAL B 155 13.81 -9.41 41.57
CA VAL B 155 13.78 -8.37 42.58
C VAL B 155 12.51 -8.41 43.42
N VAL B 156 11.56 -9.23 43.02
CA VAL B 156 10.34 -9.42 43.80
C VAL B 156 10.62 -10.45 44.88
N LEU B 157 10.96 -11.67 44.45
CA LEU B 157 11.28 -12.76 45.35
C LEU B 157 12.19 -12.29 46.49
N ASP B 158 13.09 -11.35 46.18
CA ASP B 158 14.04 -10.81 47.15
C ASP B 158 13.34 -9.97 48.21
N GLU B 159 12.77 -8.84 47.80
CA GLU B 159 12.09 -7.96 48.73
C GLU B 159 10.91 -8.65 49.40
N ALA B 160 10.43 -9.71 48.78
CA ALA B 160 9.32 -10.49 49.31
C ALA B 160 9.73 -11.24 50.57
N VAL B 161 10.88 -11.92 50.50
CA VAL B 161 11.42 -12.66 51.64
C VAL B 161 11.91 -11.71 52.72
N LYS B 162 12.48 -10.59 52.29
CA LYS B 162 12.98 -9.57 53.20
C LYS B 162 11.84 -9.05 54.08
N LEU B 163 10.62 -9.39 53.70
CA LEU B 163 9.43 -8.96 54.46
C LEU B 163 8.92 -10.06 55.39
N LEU B 164 8.70 -11.25 54.85
CA LEU B 164 8.25 -12.40 55.63
C LEU B 164 9.12 -12.58 56.87
N LYS B 165 10.39 -12.25 56.74
CA LYS B 165 11.32 -12.36 57.86
C LYS B 165 11.29 -11.10 58.73
N GLN B 166 11.23 -9.93 58.10
CA GLN B 166 11.19 -8.67 58.82
C GLN B 166 9.84 -8.43 59.50
N ALA B 167 9.12 -9.53 59.75
CA ALA B 167 7.86 -9.49 60.48
C ALA B 167 7.70 -10.79 61.27
N SER B 168 8.49 -11.79 60.90
CA SER B 168 8.55 -13.05 61.63
C SER B 168 9.49 -12.90 62.83
N LEU B 169 10.01 -11.68 63.00
CA LEU B 169 10.91 -11.35 64.10
C LEU B 169 11.13 -9.84 64.23
N ASN B 170 10.35 -9.17 65.09
CA ASN B 170 9.25 -9.77 65.86
C ASN B 170 9.61 -11.04 66.65
N ASP B 187 4.08 -0.97 48.79
CA ASP B 187 4.87 -0.80 47.56
C ASP B 187 5.47 -2.12 47.10
N ILE B 188 5.47 -3.10 48.00
CA ILE B 188 5.91 -4.45 47.68
C ILE B 188 5.05 -4.96 46.52
N ASN B 189 3.78 -4.57 46.57
CA ASN B 189 2.81 -4.87 45.53
C ASN B 189 3.17 -4.18 44.22
N GLU B 190 3.54 -2.90 44.30
CA GLU B 190 4.05 -2.18 43.14
C GLU B 190 5.06 -3.05 42.39
N LEU B 191 6.10 -3.45 43.11
CA LEU B 191 7.16 -4.28 42.56
C LEU B 191 6.65 -5.55 41.91
N LEU B 192 5.53 -6.07 42.41
CA LEU B 192 4.92 -7.26 41.80
C LEU B 192 4.08 -6.89 40.58
N GLN B 193 3.31 -5.81 40.72
CA GLN B 193 2.54 -5.28 39.59
C GLN B 193 3.48 -5.04 38.42
N ARG B 194 4.62 -4.41 38.69
CA ARG B 194 5.62 -4.16 37.68
C ARG B 194 5.96 -5.45 36.96
N PHE B 195 6.36 -6.46 37.73
CA PHE B 195 6.68 -7.78 37.18
C PHE B 195 5.55 -8.33 36.32
N THR B 196 4.32 -8.08 36.77
CA THR B 196 3.14 -8.57 36.06
C THR B 196 3.06 -7.96 34.66
N GLU B 197 3.20 -6.64 34.61
CA GLU B 197 3.18 -5.91 33.36
C GLU B 197 4.28 -6.43 32.43
N ARG B 198 5.51 -6.36 32.90
CA ARG B 198 6.68 -6.79 32.13
C ARG B 198 6.44 -8.15 31.48
N SER B 199 5.80 -9.04 32.22
CA SER B 199 5.57 -10.39 31.74
C SER B 199 4.48 -10.44 30.68
N GLU B 200 3.36 -9.78 30.96
CA GLU B 200 2.22 -9.74 30.03
C GLU B 200 2.63 -9.10 28.72
N MET B 201 3.42 -8.04 28.82
CA MET B 201 4.03 -7.39 27.65
C MET B 201 4.84 -8.42 26.88
N MET B 202 5.73 -9.12 27.58
CA MET B 202 6.57 -10.15 26.98
C MET B 202 5.74 -11.21 26.27
N GLN B 203 4.55 -11.46 26.80
CA GLN B 203 3.64 -12.43 26.22
C GLN B 203 3.16 -11.92 24.86
N LYS B 204 2.66 -10.69 24.84
CA LYS B 204 2.14 -10.10 23.62
C LYS B 204 3.22 -9.97 22.56
N TYR B 205 4.47 -9.75 23.00
CA TYR B 205 5.59 -9.60 22.07
C TYR B 205 5.85 -10.87 21.27
N VAL B 206 5.95 -12.01 21.96
CA VAL B 206 6.18 -13.28 21.28
C VAL B 206 4.99 -13.61 20.40
N GLU B 207 3.79 -13.31 20.90
CA GLU B 207 2.55 -13.46 20.14
C GLU B 207 2.69 -12.72 18.81
N ALA B 208 2.86 -11.40 18.93
CA ALA B 208 3.01 -10.53 17.77
C ALA B 208 4.11 -11.01 16.83
N TYR B 209 5.28 -11.29 17.39
CA TYR B 209 6.43 -11.70 16.59
C TYR B 209 6.16 -12.98 15.79
N ARG B 210 5.56 -13.98 16.43
CA ARG B 210 5.35 -15.28 15.80
C ARG B 210 4.26 -15.24 14.71
N LYS B 211 3.37 -14.25 14.80
CA LYS B 211 2.34 -14.05 13.78
C LYS B 211 2.88 -13.24 12.61
N TYR B 212 4.02 -12.59 12.86
CA TYR B 212 4.68 -11.74 11.87
C TYR B 212 3.99 -10.38 11.77
N CYS B 213 3.80 -9.74 12.92
CA CYS B 213 3.19 -8.42 12.97
C CYS B 213 4.24 -7.32 12.85
N TRP B 214 5.51 -7.72 12.91
CA TRP B 214 6.62 -6.79 12.76
C TRP B 214 7.38 -7.10 11.47
N PRO B 215 6.94 -6.50 10.36
CA PRO B 215 7.54 -6.72 9.03
C PRO B 215 9.04 -6.46 9.05
N VAL B 216 9.74 -7.04 8.10
CA VAL B 216 11.19 -6.87 8.01
C VAL B 216 11.53 -5.81 6.98
N ASN B 217 12.73 -5.25 7.07
CA ASN B 217 13.17 -4.23 6.14
C ASN B 217 13.81 -4.85 4.90
N SER B 218 14.80 -5.70 5.14
CA SER B 218 15.51 -6.36 4.06
C SER B 218 15.37 -7.88 4.16
N ILE B 219 15.79 -8.58 3.11
CA ILE B 219 15.79 -10.03 3.08
C ILE B 219 16.89 -10.59 3.99
N ASP B 220 17.74 -9.71 4.50
CA ASP B 220 18.82 -10.10 5.40
C ASP B 220 18.29 -10.34 6.81
N ASP B 221 17.08 -9.85 7.10
CA ASP B 221 16.46 -10.06 8.40
C ASP B 221 15.73 -11.41 8.46
N LEU B 222 15.90 -12.21 7.42
CA LEU B 222 15.15 -13.45 7.30
C LEU B 222 16.02 -14.69 7.44
N LYS B 223 15.54 -15.67 8.20
CA LYS B 223 16.14 -16.98 8.25
C LYS B 223 15.08 -18.02 7.91
N LEU B 224 15.37 -18.82 6.88
CA LEU B 224 14.45 -19.85 6.40
C LEU B 224 15.02 -21.23 6.72
N ALA B 225 14.23 -22.06 7.42
CA ALA B 225 14.69 -23.37 7.83
C ALA B 225 13.75 -24.47 7.33
N PRO B 226 14.04 -25.01 6.13
CA PRO B 226 13.28 -26.14 5.59
C PRO B 226 13.47 -27.41 6.42
N PHE B 227 12.41 -28.19 6.62
CA PHE B 227 12.53 -29.45 7.34
C PHE B 227 11.84 -30.63 6.65
N HIS B 228 11.03 -30.37 5.63
CA HIS B 228 10.50 -31.44 4.77
C HIS B 228 10.72 -31.04 3.32
N ILE B 229 11.03 -32.01 2.47
CA ILE B 229 10.93 -31.78 1.04
C ILE B 229 9.66 -32.49 0.59
N LEU B 230 8.53 -31.80 0.64
CA LEU B 230 7.24 -32.44 0.41
C LEU B 230 7.09 -33.11 -0.95
N ALA B 231 7.45 -32.44 -2.03
CA ALA B 231 7.19 -33.03 -3.34
C ALA B 231 8.02 -32.43 -4.47
N THR B 232 8.39 -33.27 -5.43
CA THR B 232 8.93 -32.80 -6.69
C THR B 232 8.14 -33.44 -7.81
N GLU B 233 8.63 -33.32 -9.03
CA GLU B 233 7.92 -33.85 -10.19
C GLU B 233 7.70 -35.35 -10.12
N GLY B 234 6.44 -35.76 -9.96
CA GLY B 234 6.08 -37.16 -9.99
C GLY B 234 6.38 -37.98 -8.74
N LYS B 235 6.49 -37.33 -7.59
CA LYS B 235 6.76 -38.04 -6.34
C LYS B 235 6.52 -37.20 -5.09
N VAL B 236 5.85 -37.77 -4.11
CA VAL B 236 5.76 -37.17 -2.78
C VAL B 236 6.73 -37.89 -1.86
N HIS B 237 7.76 -37.19 -1.40
CA HIS B 237 8.83 -37.82 -0.63
C HIS B 237 8.45 -38.10 0.82
N SER B 238 7.23 -38.55 1.04
CA SER B 238 6.77 -38.94 2.36
C SER B 238 7.22 -40.39 2.68
N ASP B 239 7.96 -40.99 1.76
CA ASP B 239 8.52 -42.32 1.98
C ASP B 239 9.90 -42.23 2.64
N LYS B 240 10.65 -41.19 2.28
CA LYS B 240 11.96 -40.96 2.89
C LYS B 240 11.87 -40.61 4.37
N ASN B 241 12.88 -41.02 5.12
CA ASN B 241 12.93 -40.78 6.56
C ASN B 241 13.39 -39.36 6.90
N HIS B 242 13.18 -38.96 8.14
CA HIS B 242 13.45 -37.58 8.55
C HIS B 242 14.92 -37.23 8.65
N ILE B 243 15.79 -38.24 8.63
CA ILE B 243 17.20 -37.95 8.48
C ILE B 243 17.45 -37.64 7.02
N TRP B 244 16.84 -38.42 6.12
CA TRP B 244 16.98 -38.14 4.70
C TRP B 244 16.60 -36.69 4.44
N HIS B 245 15.47 -36.29 5.00
CA HIS B 245 15.00 -34.92 4.85
C HIS B 245 16.06 -33.93 5.34
N MET B 246 16.36 -33.97 6.64
CA MET B 246 17.37 -33.10 7.21
C MET B 246 18.61 -33.00 6.33
N ASP B 247 19.19 -34.16 5.99
CA ASP B 247 20.42 -34.19 5.22
C ASP B 247 20.23 -33.62 3.82
N THR B 248 19.26 -34.19 3.09
CA THR B 248 19.03 -33.80 1.70
C THR B 248 18.77 -32.30 1.59
N ILE B 249 17.97 -31.78 2.51
CA ILE B 249 17.73 -30.35 2.62
C ILE B 249 19.04 -29.60 2.89
N ALA B 250 19.73 -30.00 3.95
CA ALA B 250 20.98 -29.36 4.34
C ALA B 250 21.99 -29.32 3.19
N LYS B 251 21.97 -30.32 2.33
CA LYS B 251 22.92 -30.37 1.23
C LYS B 251 22.49 -29.54 0.04
N TYR B 252 21.25 -29.73 -0.39
CA TYR B 252 20.80 -29.15 -1.65
C TYR B 252 20.39 -27.69 -1.62
N CYS B 253 20.19 -27.12 -0.42
CA CYS B 253 19.70 -25.73 -0.35
C CYS B 253 20.06 -24.91 0.91
N THR B 254 21.13 -25.26 1.60
CA THR B 254 21.62 -24.39 2.69
C THR B 254 23.05 -23.96 2.44
N GLN B 255 23.71 -24.64 1.50
CA GLN B 255 25.09 -24.34 1.16
C GLN B 255 25.27 -22.89 0.70
N ASP B 256 26.41 -22.31 1.06
CA ASP B 256 26.84 -21.03 0.50
C ASP B 256 25.79 -19.91 0.56
N ASP B 257 24.89 -19.98 1.53
CA ASP B 257 23.88 -18.93 1.72
C ASP B 257 23.41 -18.85 3.17
N SER B 258 23.46 -17.64 3.72
CA SER B 258 23.18 -17.41 5.14
C SER B 258 21.68 -17.33 5.41
N LEU B 259 20.90 -17.11 4.36
CA LEU B 259 19.45 -16.93 4.44
C LEU B 259 18.71 -18.24 4.75
N ILE B 260 19.14 -19.30 4.08
CA ILE B 260 18.58 -20.63 4.27
C ILE B 260 19.51 -21.48 5.15
N MET B 261 18.99 -21.94 6.30
CA MET B 261 19.84 -22.63 7.26
C MET B 261 19.49 -24.10 7.45
N ALA B 262 20.52 -24.93 7.60
CA ALA B 262 20.33 -26.33 7.96
C ALA B 262 19.92 -26.43 9.43
N THR B 263 19.12 -27.43 9.76
CA THR B 263 18.51 -27.52 11.09
C THR B 263 19.28 -28.43 12.05
N ASN B 264 19.42 -27.95 13.28
CA ASN B 264 20.06 -28.73 14.34
C ASN B 264 19.23 -29.93 14.76
N HIS B 265 19.77 -31.14 14.60
CA HIS B 265 19.02 -32.34 14.97
C HIS B 265 19.91 -33.39 15.66
N ILE B 266 19.27 -34.48 16.10
CA ILE B 266 19.92 -35.59 16.79
C ILE B 266 19.05 -36.85 16.73
N LEU B 267 19.62 -37.94 16.25
CA LEU B 267 18.93 -39.23 16.22
C LEU B 267 18.97 -39.90 17.59
N VAL B 268 17.81 -40.34 18.06
CA VAL B 268 17.71 -40.90 19.40
C VAL B 268 17.00 -42.24 19.38
N ASP B 269 17.55 -43.24 20.06
CA ASP B 269 16.88 -44.51 20.24
C ASP B 269 16.12 -44.53 21.57
N VAL B 270 14.80 -44.57 21.50
CA VAL B 270 13.96 -44.33 22.66
C VAL B 270 14.10 -45.40 23.74
N THR B 271 14.59 -46.57 23.35
CA THR B 271 14.74 -47.70 24.27
C THR B 271 16.03 -47.60 25.09
N ASP B 272 17.13 -47.30 24.40
CA ASP B 272 18.47 -47.18 24.99
C ASP B 272 18.45 -46.66 26.44
N ALA B 273 18.05 -45.41 26.61
CA ALA B 273 17.99 -44.74 27.93
C ALA B 273 19.28 -44.01 28.28
N GLU B 274 20.33 -44.28 27.50
CA GLU B 274 21.57 -43.50 27.54
C GLU B 274 21.66 -42.64 26.27
N SER B 275 21.02 -43.12 25.20
CA SER B 275 20.84 -42.33 23.98
C SER B 275 19.71 -41.35 24.26
N VAL B 276 18.75 -41.81 25.06
CA VAL B 276 17.67 -40.98 25.55
C VAL B 276 18.22 -39.92 26.51
N ASP B 277 19.33 -40.25 27.17
CA ASP B 277 19.96 -39.32 28.09
C ASP B 277 20.77 -38.25 27.36
N LYS B 278 21.47 -38.66 26.30
CA LYS B 278 22.17 -37.70 25.44
C LYS B 278 21.12 -36.78 24.81
N GLY B 279 19.93 -37.34 24.59
CA GLY B 279 18.81 -36.60 24.05
C GLY B 279 18.31 -35.54 25.00
N ILE B 280 17.93 -35.95 26.21
CA ILE B 280 17.47 -34.99 27.22
C ILE B 280 18.49 -33.89 27.45
N LYS B 281 19.77 -34.23 27.36
CA LYS B 281 20.84 -33.24 27.51
C LYS B 281 20.75 -32.21 26.38
N TRP B 282 20.90 -32.70 25.15
CA TRP B 282 20.78 -31.90 23.91
C TRP B 282 19.59 -30.94 23.93
N TRP B 283 18.46 -31.42 24.43
CA TRP B 283 17.27 -30.59 24.57
C TRP B 283 17.47 -29.50 25.62
N GLU B 284 17.97 -29.88 26.80
CA GLU B 284 18.18 -28.92 27.88
C GLU B 284 19.19 -27.86 27.49
N ASP B 285 20.13 -28.23 26.64
CA ASP B 285 21.16 -27.29 26.19
C ASP B 285 20.52 -26.15 25.40
N LEU B 286 19.99 -26.47 24.21
CA LEU B 286 19.43 -25.43 23.34
C LEU B 286 18.20 -24.80 23.95
N THR B 287 17.51 -25.54 24.82
CA THR B 287 16.38 -24.96 25.54
C THR B 287 16.87 -23.88 26.49
N ALA B 288 18.01 -24.12 27.14
CA ALA B 288 18.55 -23.14 28.08
C ALA B 288 19.50 -22.16 27.38
N SER B 289 19.60 -22.27 26.07
CA SER B 289 20.41 -21.34 25.28
C SER B 289 19.55 -20.50 24.33
N GLY B 290 18.26 -20.35 24.66
CA GLY B 290 17.38 -19.48 23.90
C GLY B 290 16.39 -20.17 22.97
N GLY B 291 16.70 -21.40 22.56
CA GLY B 291 15.83 -22.15 21.68
C GLY B 291 14.43 -22.28 22.24
N GLU B 292 13.45 -22.49 21.37
CA GLU B 292 12.07 -22.63 21.82
C GLU B 292 11.84 -24.03 22.35
N GLY B 293 12.44 -25.01 21.68
CA GLY B 293 12.27 -26.39 22.06
C GLY B 293 12.57 -27.27 20.87
N MET B 294 12.02 -28.48 20.88
CA MET B 294 12.24 -29.40 19.79
C MET B 294 10.94 -30.05 19.34
N VAL B 295 10.96 -30.57 18.11
CA VAL B 295 9.86 -31.31 17.55
C VAL B 295 10.35 -32.74 17.30
N VAL B 296 9.73 -33.72 17.96
CA VAL B 296 10.12 -35.12 17.83
C VAL B 296 9.33 -35.79 16.71
N LYS B 297 10.01 -36.55 15.84
CA LYS B 297 9.39 -37.17 14.67
C LYS B 297 9.91 -38.59 14.42
N PRO B 298 9.01 -39.56 14.19
CA PRO B 298 9.40 -40.92 13.82
C PRO B 298 10.49 -40.94 12.75
N TYR B 299 11.41 -41.91 12.83
CA TYR B 299 12.46 -42.03 11.84
C TYR B 299 11.90 -41.94 10.42
N ASP B 300 11.11 -42.93 10.01
CA ASP B 300 10.42 -42.86 8.73
C ASP B 300 9.24 -41.90 8.84
N PHE B 301 8.82 -41.36 7.70
CA PHE B 301 7.81 -40.31 7.70
C PHE B 301 6.45 -40.78 8.19
N ILE B 302 5.87 -41.74 7.48
CA ILE B 302 4.55 -42.28 7.82
C ILE B 302 4.66 -43.53 8.70
N VAL B 303 3.89 -43.54 9.79
CA VAL B 303 3.98 -44.61 10.79
C VAL B 303 2.65 -45.36 10.94
N LYS B 304 2.65 -46.64 10.57
CA LYS B 304 1.43 -47.46 10.63
C LYS B 304 1.58 -48.74 11.47
N ASN B 305 1.22 -48.66 12.76
CA ASN B 305 1.28 -49.82 13.65
C ASN B 305 -0.08 -50.53 13.80
N LEU B 309 -1.30 -43.67 10.85
CA LEU B 309 -1.84 -44.22 12.10
C LEU B 309 -1.35 -43.40 13.30
N LEU B 310 -0.03 -43.42 13.51
CA LEU B 310 0.56 -42.73 14.64
C LEU B 310 1.01 -41.32 14.28
N GLN B 311 1.02 -40.44 15.29
CA GLN B 311 1.42 -39.03 15.15
C GLN B 311 2.62 -38.84 14.21
N PRO B 312 2.69 -37.69 13.52
CA PRO B 312 3.82 -37.45 12.61
C PRO B 312 4.89 -36.55 13.23
N ALA B 313 4.59 -36.02 14.42
CA ALA B 313 5.52 -35.18 15.17
C ALA B 313 4.96 -34.72 16.52
N VAL B 314 5.80 -34.74 17.54
CA VAL B 314 5.45 -34.25 18.87
C VAL B 314 6.32 -33.04 19.25
N LYS B 315 5.69 -31.94 19.61
CA LYS B 315 6.44 -30.78 20.04
C LYS B 315 6.77 -30.88 21.53
N CYS B 316 8.03 -30.63 21.86
CA CYS B 316 8.46 -30.54 23.25
C CYS B 316 9.11 -29.18 23.43
N ARG B 317 8.51 -28.37 24.30
CA ARG B 317 8.91 -26.97 24.42
C ARG B 317 9.56 -26.62 25.75
N GLY B 318 10.61 -25.81 25.69
CA GLY B 318 11.37 -25.45 26.86
C GLY B 318 10.52 -24.82 27.95
N ARG B 319 10.96 -24.95 29.20
CA ARG B 319 10.26 -24.33 30.31
C ARG B 319 10.17 -22.82 30.16
N GLU B 320 11.29 -22.18 29.83
CA GLU B 320 11.32 -20.73 29.75
C GLU B 320 10.30 -20.20 28.76
N TYR B 321 10.24 -20.83 27.59
CA TYR B 321 9.26 -20.45 26.56
C TYR B 321 7.81 -20.58 27.05
N LEU B 322 7.46 -21.76 27.57
CA LEU B 322 6.12 -22.05 28.05
C LEU B 322 5.70 -21.14 29.20
N ARG B 323 6.67 -20.72 30.02
CA ARG B 323 6.39 -19.82 31.14
C ARG B 323 5.86 -18.47 30.67
N ILE B 324 6.27 -18.06 29.48
CA ILE B 324 5.84 -16.80 28.89
C ILE B 324 4.44 -17.01 28.32
N ILE B 325 4.34 -17.98 27.42
CA ILE B 325 3.09 -18.32 26.77
C ILE B 325 1.97 -18.63 27.76
N TYR B 326 2.24 -19.51 28.71
CA TYR B 326 1.21 -19.94 29.66
C TYR B 326 0.85 -18.87 30.70
N GLY B 327 1.77 -17.98 31.01
CA GLY B 327 1.54 -16.98 32.03
C GLY B 327 1.52 -17.61 33.40
N PRO B 328 0.89 -16.95 34.39
CA PRO B 328 0.75 -17.45 35.75
C PRO B 328 0.07 -18.81 35.84
N GLU B 329 -0.67 -19.19 34.80
CA GLU B 329 -1.34 -20.49 34.79
C GLU B 329 -0.42 -21.59 34.28
N TYR B 330 0.89 -21.33 34.32
CA TYR B 330 1.90 -22.34 34.01
C TYR B 330 1.88 -23.41 35.10
N THR B 331 1.67 -22.96 36.35
CA THR B 331 1.47 -23.86 37.48
C THR B 331 -0.02 -24.12 37.71
N MET B 332 -0.39 -25.40 37.66
CA MET B 332 -1.78 -25.80 37.61
C MET B 332 -2.07 -26.96 38.57
N ASP B 333 -3.36 -27.18 38.85
CA ASP B 333 -3.79 -28.29 39.72
C ASP B 333 -4.34 -29.47 38.90
N GLU B 334 -4.32 -30.65 39.50
CA GLU B 334 -4.55 -31.92 38.79
C GLU B 334 -5.83 -32.01 37.95
N ASN B 335 -6.71 -31.02 38.07
CA ASN B 335 -7.89 -30.97 37.20
C ASN B 335 -7.62 -30.13 35.95
N ILE B 336 -6.95 -29.00 36.14
CA ILE B 336 -6.56 -28.17 35.02
C ILE B 336 -5.56 -28.95 34.19
N GLU B 337 -4.91 -29.92 34.83
CA GLU B 337 -3.97 -30.81 34.14
C GLU B 337 -4.73 -31.79 33.28
N ARG B 338 -5.66 -32.51 33.91
CA ARG B 338 -6.50 -33.46 33.19
C ARG B 338 -7.16 -32.76 32.02
N LEU B 339 -7.53 -31.50 32.21
CA LEU B 339 -8.09 -30.71 31.13
C LEU B 339 -7.09 -30.55 29.99
N ARG B 340 -5.87 -30.14 30.32
CA ARG B 340 -4.81 -30.03 29.32
C ARG B 340 -4.63 -31.38 28.60
N ASN B 341 -4.66 -32.46 29.37
CA ASN B 341 -4.53 -33.79 28.79
C ASN B 341 -5.68 -34.11 27.84
N ARG B 342 -6.87 -33.66 28.20
CA ARG B 342 -8.04 -33.78 27.34
C ARG B 342 -7.73 -33.03 26.05
N ALA B 343 -7.38 -31.74 26.20
CA ALA B 343 -7.06 -30.88 25.07
C ALA B 343 -5.97 -31.48 24.19
N VAL B 344 -5.00 -32.12 24.81
CA VAL B 344 -3.90 -32.75 24.08
C VAL B 344 -4.44 -33.86 23.20
N GLY B 345 -5.50 -34.50 23.68
CA GLY B 345 -6.15 -35.54 22.91
C GLY B 345 -6.92 -34.96 21.74
N LYS B 346 -7.73 -33.95 22.02
CA LYS B 346 -8.58 -33.34 21.00
C LYS B 346 -7.72 -32.77 19.86
N LYS B 347 -6.49 -32.41 20.17
CA LYS B 347 -5.60 -31.85 19.17
C LYS B 347 -4.87 -32.95 18.39
N ARG B 348 -4.51 -34.04 19.09
CA ARG B 348 -3.84 -35.15 18.44
C ARG B 348 -4.67 -35.75 17.32
N SER B 349 -5.99 -35.62 17.43
CA SER B 349 -6.90 -36.12 16.40
C SER B 349 -6.95 -35.18 15.22
N LEU B 350 -7.11 -33.89 15.52
CA LEU B 350 -7.09 -32.87 14.48
C LEU B 350 -5.82 -33.06 13.67
N ALA B 351 -4.72 -33.27 14.39
CA ALA B 351 -3.40 -33.39 13.79
C ALA B 351 -3.36 -34.54 12.78
N LEU B 352 -3.89 -35.68 13.20
CA LEU B 352 -3.89 -36.86 12.36
C LEU B 352 -4.73 -36.66 11.11
N ARG B 353 -5.96 -36.19 11.30
CA ARG B 353 -6.86 -35.97 10.18
C ARG B 353 -6.24 -34.96 9.22
N GLU B 354 -5.82 -33.82 9.76
CA GLU B 354 -5.21 -32.79 8.95
C GLU B 354 -3.99 -33.34 8.21
N PHE B 355 -3.20 -34.14 8.91
CA PHE B 355 -1.99 -34.70 8.32
C PHE B 355 -2.27 -35.57 7.08
N SER B 356 -3.34 -36.34 7.16
CA SER B 356 -3.69 -37.26 6.07
C SER B 356 -4.21 -36.47 4.88
N LEU B 357 -5.03 -35.46 5.18
CA LEU B 357 -5.56 -34.57 4.16
C LEU B 357 -4.43 -33.90 3.39
N GLY B 358 -3.46 -33.38 4.15
CA GLY B 358 -2.29 -32.76 3.55
C GLY B 358 -1.55 -33.71 2.63
N MET B 359 -1.32 -34.92 3.12
CA MET B 359 -0.62 -35.92 2.34
C MET B 359 -1.38 -36.32 1.07
N GLU B 360 -2.66 -36.64 1.21
CA GLU B 360 -3.47 -37.03 0.06
C GLU B 360 -3.46 -35.91 -0.96
N ALA B 361 -3.71 -34.69 -0.49
CA ALA B 361 -3.70 -33.51 -1.35
C ALA B 361 -2.46 -33.48 -2.22
N LEU B 362 -1.29 -33.63 -1.60
CA LEU B 362 -0.03 -33.68 -2.34
C LEU B 362 -0.04 -34.81 -3.36
N GLU B 363 -0.32 -36.01 -2.88
CA GLU B 363 -0.39 -37.20 -3.73
C GLU B 363 -1.22 -36.94 -4.97
N ARG B 364 -2.44 -36.44 -4.78
CA ARG B 364 -3.35 -36.16 -5.89
C ARG B 364 -2.72 -35.21 -6.88
N PHE B 365 -2.15 -34.12 -6.37
CA PHE B 365 -1.55 -33.11 -7.23
C PHE B 365 -0.41 -33.71 -8.05
N VAL B 366 0.37 -34.57 -7.43
CA VAL B 366 1.55 -35.10 -8.07
C VAL B 366 1.21 -36.00 -9.26
N ARG B 367 0.13 -36.77 -9.10
CA ARG B 367 -0.32 -37.67 -10.17
C ARG B 367 -1.27 -36.97 -11.14
N ASN B 368 -1.25 -35.64 -11.15
CA ASN B 368 -1.92 -34.83 -12.16
C ASN B 368 -3.43 -34.88 -12.14
N GLU B 369 -4.02 -35.13 -10.97
CA GLU B 369 -5.47 -35.11 -10.85
C GLU B 369 -6.01 -33.69 -10.96
N PRO B 370 -7.32 -33.54 -11.24
CA PRO B 370 -7.94 -32.22 -11.38
C PRO B 370 -7.88 -31.42 -10.09
N LEU B 371 -7.60 -30.12 -10.20
CA LEU B 371 -7.31 -29.30 -9.03
C LEU B 371 -8.41 -29.31 -7.99
N TYR B 372 -9.66 -29.43 -8.42
CA TYR B 372 -10.77 -29.47 -7.47
C TYR B 372 -10.61 -30.68 -6.56
N ARG B 373 -9.92 -31.70 -7.07
CA ARG B 373 -9.63 -32.90 -6.31
C ARG B 373 -8.61 -32.56 -5.23
N VAL B 374 -7.56 -31.85 -5.61
CA VAL B 374 -6.53 -31.42 -4.67
C VAL B 374 -7.14 -30.53 -3.58
N HIS B 375 -7.92 -29.54 -4.00
CA HIS B 375 -8.50 -28.57 -3.08
C HIS B 375 -9.56 -29.20 -2.19
N GLU B 376 -10.07 -30.35 -2.63
CA GLU B 376 -10.99 -31.12 -1.81
C GLU B 376 -10.31 -31.39 -0.48
N CYS B 377 -9.03 -31.76 -0.55
CA CYS B 377 -8.23 -32.08 0.64
C CYS B 377 -7.68 -30.83 1.32
N VAL B 378 -7.05 -29.97 0.53
CA VAL B 378 -6.44 -28.75 1.05
C VAL B 378 -7.41 -27.90 1.87
N PHE B 379 -8.58 -27.61 1.30
CA PHE B 379 -9.59 -26.81 2.02
C PHE B 379 -10.15 -27.58 3.20
N GLY B 380 -10.00 -28.91 3.16
CA GLY B 380 -10.37 -29.77 4.27
C GLY B 380 -9.54 -29.45 5.50
N VAL B 381 -8.24 -29.39 5.31
CA VAL B 381 -7.32 -28.97 6.37
C VAL B 381 -7.72 -27.61 6.91
N LEU B 382 -8.02 -26.69 6.00
CA LEU B 382 -8.39 -25.34 6.34
C LEU B 382 -9.66 -25.33 7.17
N ALA B 383 -10.59 -26.21 6.79
CA ALA B 383 -11.85 -26.34 7.50
C ALA B 383 -11.61 -26.72 8.95
N LEU B 384 -10.87 -27.81 9.12
CA LEU B 384 -10.56 -28.34 10.44
C LEU B 384 -9.90 -27.33 11.37
N GLU B 385 -9.10 -26.43 10.78
CA GLU B 385 -8.38 -25.44 11.56
C GLU B 385 -9.30 -24.47 12.26
N SER B 386 -10.58 -24.49 11.89
CA SER B 386 -11.57 -23.62 12.52
C SER B 386 -12.08 -24.24 13.82
N GLU B 387 -11.91 -25.55 13.95
CA GLU B 387 -12.29 -26.26 15.16
C GLU B 387 -11.61 -25.65 16.37
N PRO B 388 -12.34 -25.57 17.50
CA PRO B 388 -11.90 -24.92 18.73
C PRO B 388 -10.82 -25.72 19.46
N VAL B 389 -9.69 -25.08 19.76
CA VAL B 389 -8.56 -25.72 20.41
C VAL B 389 -7.92 -24.78 21.44
N ASP B 390 -7.03 -25.33 22.26
CA ASP B 390 -6.23 -24.52 23.18
C ASP B 390 -5.04 -23.89 22.44
N PRO B 391 -4.98 -22.55 22.45
CA PRO B 391 -3.92 -21.82 21.76
C PRO B 391 -2.55 -22.09 22.38
N ARG B 392 -2.55 -22.46 23.65
CA ARG B 392 -1.31 -22.68 24.40
C ARG B 392 -0.63 -24.01 24.07
N LEU B 393 -1.33 -24.87 23.35
CA LEU B 393 -0.76 -26.15 22.93
C LEU B 393 -0.14 -26.03 21.54
N SER C 1 23.03 22.06 -3.00
CA SER C 1 22.78 23.22 -2.17
C SER C 1 21.95 24.26 -2.92
N MET C 2 22.34 24.54 -4.16
CA MET C 2 21.71 25.60 -4.93
C MET C 2 20.43 25.19 -5.67
N SER C 3 19.97 23.96 -5.45
CA SER C 3 18.68 23.54 -5.95
C SER C 3 17.76 23.34 -4.74
N ARG C 4 17.04 24.38 -4.37
CA ARG C 4 16.22 24.27 -3.17
C ARG C 4 14.84 24.92 -3.29
N PHE C 5 14.42 25.22 -4.51
CA PHE C 5 13.04 25.60 -4.72
C PHE C 5 12.18 24.35 -4.86
N ALA C 6 11.14 24.24 -4.05
CA ALA C 6 10.16 23.17 -4.24
C ALA C 6 9.46 23.43 -5.56
N ALA C 7 9.09 22.36 -6.26
CA ALA C 7 8.47 22.51 -7.56
C ALA C 7 6.94 22.41 -7.45
N ASP C 8 6.25 23.02 -8.41
CA ASP C 8 4.80 22.86 -8.50
C ASP C 8 4.52 21.38 -8.69
N PRO C 9 3.80 20.77 -7.75
CA PRO C 9 3.52 19.33 -7.82
C PRO C 9 2.93 18.90 -9.16
N HIS C 10 2.25 19.80 -9.86
CA HIS C 10 1.69 19.48 -11.16
C HIS C 10 2.72 19.04 -12.20
N TRP C 11 3.99 19.35 -11.94
CA TRP C 11 5.09 19.00 -12.85
C TRP C 11 5.67 17.64 -12.51
N LEU C 12 5.45 17.17 -11.28
CA LEU C 12 6.07 15.94 -10.82
C LEU C 12 5.29 14.69 -11.23
N ILE C 13 5.45 14.31 -12.50
CA ILE C 13 4.82 13.11 -13.04
C ILE C 13 5.80 11.94 -13.03
N TYR C 14 6.95 12.11 -12.40
CA TYR C 14 7.99 11.09 -12.41
C TYR C 14 9.13 11.46 -11.46
N LEU C 15 9.65 10.46 -10.78
CA LEU C 15 10.90 10.60 -10.06
C LEU C 15 11.78 9.45 -10.50
N PRO C 16 13.07 9.72 -10.74
CA PRO C 16 14.03 8.71 -11.20
C PRO C 16 14.48 7.78 -10.08
N PRO C 17 14.78 6.52 -10.44
CA PRO C 17 15.15 5.45 -9.50
C PRO C 17 16.61 5.54 -9.12
N THR C 18 16.95 4.96 -7.99
CA THR C 18 18.36 4.84 -7.63
C THR C 18 19.00 3.75 -8.48
N MET C 19 20.30 3.55 -8.30
CA MET C 19 21.04 2.60 -9.12
C MET C 19 22.15 1.99 -8.28
N SER C 20 22.60 0.80 -8.65
CA SER C 20 23.69 0.19 -7.92
C SER C 20 24.74 -0.39 -8.86
N PRO C 21 25.97 -0.52 -8.36
CA PRO C 21 27.01 -1.13 -9.18
C PRO C 21 26.75 -2.61 -9.16
N CYS C 22 27.56 -3.41 -9.85
CA CYS C 22 27.41 -4.84 -9.73
C CYS C 22 28.16 -5.26 -8.48
N GLU C 23 28.06 -6.52 -8.09
CA GLU C 23 28.73 -6.99 -6.89
C GLU C 23 30.24 -6.69 -6.94
N THR C 24 30.84 -6.50 -5.77
CA THR C 24 32.24 -6.14 -5.68
C THR C 24 33.11 -7.03 -6.55
N SER C 25 33.93 -6.42 -7.41
CA SER C 25 34.76 -7.17 -8.33
C SER C 25 35.82 -8.02 -7.62
N LYS C 26 36.14 -9.18 -8.21
CA LYS C 26 37.15 -10.05 -7.65
C LYS C 26 38.54 -9.78 -8.24
N LYS C 27 38.63 -8.81 -9.14
CA LYS C 27 39.92 -8.37 -9.68
C LYS C 27 40.69 -7.63 -8.61
N GLU C 28 41.99 -7.87 -8.54
CA GLU C 28 42.81 -7.25 -7.50
C GLU C 28 42.96 -5.75 -7.73
N GLY C 29 42.73 -4.97 -6.67
CA GLY C 29 42.79 -3.52 -6.76
C GLY C 29 41.64 -2.89 -7.53
N MET C 30 40.60 -3.66 -7.76
CA MET C 30 39.45 -3.16 -8.50
C MET C 30 38.16 -3.37 -7.70
N LEU C 31 37.31 -2.36 -7.70
CA LEU C 31 36.01 -2.46 -7.05
C LEU C 31 34.93 -2.72 -8.05
N GLU C 32 35.06 -2.14 -9.24
CA GLU C 32 34.07 -2.32 -10.29
C GLU C 32 34.75 -2.49 -11.65
N HIS C 33 34.35 -3.52 -12.38
CA HIS C 33 34.93 -3.82 -13.67
C HIS C 33 33.81 -4.24 -14.61
N PRO C 34 33.92 -3.87 -15.89
CA PRO C 34 32.89 -4.15 -16.90
C PRO C 34 32.44 -5.61 -16.96
N ILE C 35 33.30 -6.53 -16.55
CA ILE C 35 33.00 -7.96 -16.68
C ILE C 35 31.83 -8.40 -15.78
N GLU C 36 31.75 -7.85 -14.57
CA GLU C 36 30.64 -8.18 -13.68
C GLU C 36 29.30 -7.71 -14.26
N ALA C 37 29.23 -6.45 -14.65
CA ALA C 37 28.01 -5.91 -15.25
C ALA C 37 27.59 -6.78 -16.45
N PHE C 38 28.57 -7.18 -17.25
CA PHE C 38 28.30 -8.03 -18.41
C PHE C 38 27.75 -9.38 -17.97
N GLU C 39 28.41 -9.97 -16.98
CA GLU C 39 28.04 -11.28 -16.45
C GLU C 39 26.61 -11.27 -15.94
N TYR C 40 26.30 -10.28 -15.11
CA TYR C 40 24.95 -10.09 -14.58
C TYR C 40 23.89 -10.31 -15.64
N PHE C 41 24.08 -9.69 -16.80
CA PHE C 41 23.07 -9.74 -17.87
C PHE C 41 23.10 -11.02 -18.70
N ARG C 42 24.20 -11.77 -18.64
CA ARG C 42 24.31 -13.06 -19.32
C ARG C 42 23.73 -14.18 -18.45
N THR C 43 24.22 -14.27 -17.21
CA THR C 43 23.66 -15.15 -16.21
C THR C 43 22.13 -15.08 -16.17
N ARG C 44 21.57 -14.00 -16.71
CA ARG C 44 20.13 -13.80 -16.69
C ARG C 44 19.53 -13.73 -18.10
N GLY C 45 20.31 -14.14 -19.08
CA GLY C 45 19.82 -14.28 -20.43
C GLY C 45 19.35 -12.99 -21.08
N VAL C 46 20.28 -12.05 -21.23
CA VAL C 46 20.00 -10.79 -21.91
C VAL C 46 20.77 -10.74 -23.24
N GLY C 47 22.08 -10.95 -23.16
CA GLY C 47 22.87 -11.14 -24.36
C GLY C 47 23.39 -9.85 -24.98
N LYS C 48 22.48 -8.96 -25.34
CA LYS C 48 22.86 -7.65 -25.85
C LYS C 48 22.64 -6.60 -24.76
N VAL C 49 23.69 -5.86 -24.41
CA VAL C 49 23.55 -4.75 -23.48
C VAL C 49 24.08 -3.46 -24.11
N VAL C 50 23.54 -2.32 -23.68
CA VAL C 50 24.05 -1.03 -24.13
C VAL C 50 24.88 -0.37 -23.03
N CYS C 51 26.08 0.07 -23.40
CA CYS C 51 26.95 0.79 -22.47
C CYS C 51 26.92 2.28 -22.76
N GLU C 52 26.41 3.05 -21.82
CA GLU C 52 26.36 4.50 -21.98
C GLU C 52 27.36 5.17 -21.04
N GLN C 53 27.92 6.30 -21.48
CA GLN C 53 28.88 7.01 -20.67
C GLN C 53 28.17 7.60 -19.45
N LYS C 54 28.72 7.34 -18.27
CA LYS C 54 28.13 7.87 -17.04
C LYS C 54 28.60 9.32 -16.86
N HIS C 55 27.80 10.26 -17.36
CA HIS C 55 28.13 11.68 -17.29
C HIS C 55 28.22 12.14 -15.85
N MET C 56 29.30 12.83 -15.50
CA MET C 56 29.51 13.19 -14.11
C MET C 56 28.87 14.53 -13.79
N GLY C 57 27.66 14.47 -13.24
CA GLY C 57 26.93 15.67 -12.88
C GLY C 57 25.76 15.34 -11.98
N SER C 58 24.60 15.88 -12.30
CA SER C 58 23.40 15.63 -11.51
C SER C 58 22.29 15.13 -12.41
N ARG C 59 21.44 14.25 -11.88
CA ARG C 59 20.31 13.77 -12.65
C ARG C 59 19.24 14.84 -12.72
N ALA C 60 18.69 15.02 -13.91
CA ALA C 60 17.66 16.03 -14.10
C ALA C 60 16.54 15.53 -15.00
N VAL C 61 15.31 15.63 -14.51
CA VAL C 61 14.14 15.37 -15.32
C VAL C 61 13.75 16.67 -15.99
N VAL C 62 13.65 16.66 -17.32
CA VAL C 62 13.33 17.88 -18.07
C VAL C 62 12.04 17.74 -18.85
N ILE C 63 11.03 18.53 -18.47
CA ILE C 63 9.75 18.53 -19.17
C ILE C 63 9.62 19.81 -20.01
N VAL C 64 9.28 19.66 -21.28
CA VAL C 64 9.22 20.78 -22.20
C VAL C 64 7.90 20.86 -22.93
N CYS C 65 7.19 21.98 -22.77
CA CYS C 65 5.93 22.18 -23.46
C CYS C 65 6.08 23.21 -24.58
N LYS C 66 5.27 23.07 -25.62
CA LYS C 66 5.33 23.98 -26.76
C LYS C 66 5.15 25.43 -26.31
N ASP C 67 4.17 25.66 -25.44
CA ASP C 67 3.90 26.98 -24.89
C ASP C 67 3.24 26.89 -23.52
N SER C 68 2.93 28.04 -22.94
CA SER C 68 2.47 28.11 -21.55
C SER C 68 1.04 27.62 -21.39
N GLN C 69 0.28 27.59 -22.47
CA GLN C 69 -1.10 27.12 -22.43
C GLN C 69 -1.17 25.60 -22.48
N VAL C 70 -0.10 24.98 -22.97
CA VAL C 70 0.02 23.53 -22.97
C VAL C 70 0.26 23.06 -21.54
N ALA C 71 1.02 23.83 -20.78
CA ALA C 71 1.24 23.54 -19.38
C ALA C 71 -0.05 23.66 -18.59
N GLU C 72 -0.98 24.45 -19.09
CA GLU C 72 -2.26 24.64 -18.43
C GLU C 72 -3.22 23.50 -18.74
N LYS C 73 -3.45 23.25 -20.01
CA LYS C 73 -4.41 22.24 -20.44
C LYS C 73 -3.94 20.82 -20.14
N ARG C 74 -2.63 20.59 -20.24
CA ARG C 74 -2.10 19.22 -20.10
C ARG C 74 -1.59 18.89 -18.70
N PHE C 75 -0.96 19.85 -18.05
CA PHE C 75 -0.35 19.59 -16.74
C PHE C 75 -1.09 20.24 -15.58
N GLY C 76 -1.86 21.29 -15.88
CA GLY C 76 -2.60 22.02 -14.86
C GLY C 76 -1.76 23.12 -14.23
N VAL C 77 -0.55 23.30 -14.76
CA VAL C 77 0.34 24.35 -14.26
C VAL C 77 -0.24 25.72 -14.58
N LEU C 78 -0.21 26.61 -13.59
CA LEU C 78 -0.89 27.89 -13.69
C LEU C 78 0.04 29.10 -13.58
N ASP C 79 1.29 28.87 -13.24
CA ASP C 79 2.23 29.98 -13.06
C ASP C 79 2.81 30.45 -14.39
N GLY C 80 2.19 30.02 -15.48
CA GLY C 80 2.51 30.51 -16.81
C GLY C 80 3.88 30.11 -17.35
N THR C 81 4.49 29.09 -16.78
CA THR C 81 5.73 28.56 -17.34
C THR C 81 5.39 27.49 -18.36
N ALA C 82 6.37 27.07 -19.15
CA ALA C 82 6.13 26.08 -20.18
C ALA C 82 7.14 24.94 -20.15
N GLY C 83 7.61 24.60 -18.95
CA GLY C 83 8.61 23.58 -18.78
C GLY C 83 9.23 23.61 -17.39
N ILE C 84 10.04 22.61 -17.08
CA ILE C 84 10.69 22.52 -15.78
C ILE C 84 11.92 21.64 -15.85
N CYS C 85 12.89 21.94 -15.01
CA CYS C 85 14.07 21.11 -14.88
C CYS C 85 14.28 20.83 -13.40
N TYR C 86 13.81 19.67 -12.94
CA TYR C 86 13.90 19.30 -11.52
C TYR C 86 14.80 18.10 -11.24
N THR C 87 15.34 18.08 -10.02
CA THR C 87 16.28 17.06 -9.60
C THR C 87 15.54 15.81 -9.20
N ARG C 88 16.30 14.84 -8.70
CA ARG C 88 15.78 13.53 -8.33
C ARG C 88 14.97 13.54 -7.05
N THR C 89 14.83 14.72 -6.44
CA THR C 89 14.05 14.87 -5.21
C THR C 89 12.93 15.88 -5.36
N GLY C 90 12.53 16.13 -6.60
CA GLY C 90 11.37 16.95 -6.90
C GLY C 90 11.58 18.44 -6.73
N ARG C 91 12.84 18.86 -6.70
CA ARG C 91 13.18 20.27 -6.55
C ARG C 91 13.62 20.88 -7.87
N HIS C 92 13.43 22.18 -8.02
CA HIS C 92 13.94 22.89 -9.18
C HIS C 92 15.46 22.83 -9.17
N PHE C 93 16.03 22.38 -10.29
CA PHE C 93 17.48 22.27 -10.37
C PHE C 93 18.06 23.63 -10.06
N PHE C 94 17.57 24.65 -10.76
CA PHE C 94 18.11 25.99 -10.62
C PHE C 94 17.38 26.83 -9.58
N ASP C 95 18.16 27.58 -8.80
CA ASP C 95 17.63 28.58 -7.88
C ASP C 95 17.38 29.87 -8.66
N ASP C 96 17.44 29.76 -9.98
CA ASP C 96 17.25 30.90 -10.87
C ASP C 96 16.21 30.56 -11.94
N MET C 97 14.98 31.01 -11.72
CA MET C 97 13.87 30.65 -12.61
C MET C 97 14.09 31.01 -14.08
N GLN C 98 14.94 32.00 -14.32
CA GLN C 98 15.16 32.47 -15.68
C GLN C 98 16.17 31.59 -16.38
N LEU C 99 17.24 31.25 -15.68
CA LEU C 99 18.21 30.34 -16.25
C LEU C 99 17.48 29.09 -16.70
N GLU C 100 16.65 28.56 -15.81
CA GLU C 100 15.89 27.36 -16.12
C GLU C 100 15.02 27.60 -17.35
N ALA C 101 14.31 28.72 -17.35
CA ALA C 101 13.46 29.05 -18.48
C ALA C 101 14.29 29.08 -19.75
N GLU C 102 15.50 29.64 -19.65
CA GLU C 102 16.42 29.70 -20.78
C GLU C 102 16.68 28.31 -21.30
N LEU C 103 17.15 27.44 -20.40
CA LEU C 103 17.45 26.04 -20.74
C LEU C 103 16.29 25.36 -21.44
N ILE C 104 15.08 25.58 -20.93
CA ILE C 104 13.89 24.95 -21.49
C ILE C 104 13.67 25.39 -22.92
N ASP C 105 13.58 26.70 -23.13
CA ASP C 105 13.35 27.23 -24.47
C ASP C 105 14.48 26.87 -25.42
N ARG C 106 15.68 26.69 -24.86
CA ARG C 106 16.83 26.24 -25.65
C ARG C 106 16.56 24.88 -26.25
N VAL C 107 16.06 23.97 -25.42
CA VAL C 107 15.67 22.64 -25.86
C VAL C 107 14.45 22.72 -26.78
N ARG C 108 13.46 23.51 -26.38
CA ARG C 108 12.27 23.69 -27.19
C ARG C 108 12.67 23.97 -28.63
N LYS C 109 13.66 24.86 -28.81
CA LYS C 109 14.11 25.27 -30.13
C LYS C 109 14.65 24.12 -30.96
N VAL C 110 15.70 23.47 -30.47
CA VAL C 110 16.31 22.36 -31.21
C VAL C 110 15.29 21.29 -31.60
N LEU C 111 14.18 21.24 -30.85
CA LEU C 111 13.08 20.31 -31.15
C LEU C 111 12.26 20.77 -32.36
N ASP C 112 11.86 22.03 -32.36
CA ASP C 112 11.12 22.60 -33.49
C ASP C 112 11.89 22.44 -34.80
N LYS C 113 13.18 22.70 -34.73
CA LYS C 113 14.05 22.58 -35.90
C LYS C 113 14.04 21.17 -36.46
N SER C 114 13.90 20.19 -35.57
CA SER C 114 13.98 18.78 -35.95
C SER C 114 12.61 18.19 -36.33
N GLY C 115 11.55 18.86 -35.93
CA GLY C 115 10.20 18.40 -36.22
C GLY C 115 9.71 17.37 -35.23
N PHE C 116 10.27 17.41 -34.02
CA PHE C 116 9.95 16.46 -32.98
C PHE C 116 8.45 16.42 -32.63
N TRP C 117 7.86 17.58 -32.42
CA TRP C 117 6.47 17.66 -31.97
C TRP C 117 5.54 16.95 -32.94
N GLY C 118 5.81 17.11 -34.23
CA GLY C 118 5.00 16.50 -35.27
C GLY C 118 5.15 14.99 -35.36
N ASP C 119 6.39 14.54 -35.52
CA ASP C 119 6.68 13.11 -35.71
C ASP C 119 6.24 12.24 -34.52
N PHE C 120 6.27 12.80 -33.32
CA PHE C 120 5.81 12.10 -32.13
C PHE C 120 4.36 12.43 -31.82
N ASN C 121 3.77 13.29 -32.65
CA ASN C 121 2.40 13.75 -32.44
C ASN C 121 2.17 14.08 -30.97
N THR C 122 2.84 15.13 -30.52
CA THR C 122 2.77 15.56 -29.12
C THR C 122 3.14 17.03 -28.99
N ASP C 123 2.55 17.70 -28.01
CA ASP C 123 2.87 19.10 -27.76
C ASP C 123 3.60 19.24 -26.43
N TRP C 124 4.21 18.14 -25.97
CA TRP C 124 5.03 18.14 -24.77
C TRP C 124 5.91 16.90 -24.76
N VAL C 125 6.85 16.86 -23.81
CA VAL C 125 7.80 15.75 -23.71
C VAL C 125 8.51 15.76 -22.37
N CYS C 126 8.76 14.57 -21.83
CA CYS C 126 9.51 14.43 -20.59
C CYS C 126 10.82 13.70 -20.83
N LEU C 127 11.92 14.30 -20.41
CA LEU C 127 13.24 13.75 -20.69
C LEU C 127 14.01 13.39 -19.42
N ASP C 128 14.69 12.25 -19.46
CA ASP C 128 15.53 11.82 -18.35
C ASP C 128 16.97 12.18 -18.73
N CYS C 129 17.58 13.10 -17.99
CA CYS C 129 18.89 13.63 -18.39
C CYS C 129 19.93 13.76 -17.30
N GLU C 130 21.19 13.89 -17.73
CA GLU C 130 22.26 14.30 -16.85
C GLU C 130 22.58 15.76 -17.16
N LEU C 131 22.68 16.56 -16.11
CA LEU C 131 22.98 17.98 -16.26
C LEU C 131 24.33 18.26 -15.63
N MET C 132 25.22 18.89 -16.37
CA MET C 132 26.57 19.14 -15.89
C MET C 132 26.92 20.63 -15.81
N PRO C 133 27.02 21.16 -14.58
CA PRO C 133 27.36 22.56 -14.38
C PRO C 133 28.87 22.71 -14.53
N TRP C 134 29.34 22.51 -15.76
CA TRP C 134 30.77 22.61 -16.05
C TRP C 134 31.15 24.07 -16.34
N SER C 135 31.20 24.86 -15.28
CA SER C 135 31.66 26.24 -15.34
C SER C 135 33.17 26.24 -15.21
N ALA C 136 33.81 27.37 -15.51
CA ALA C 136 35.25 27.48 -15.36
C ALA C 136 35.57 27.33 -13.87
N LYS C 137 34.71 27.94 -13.06
CA LYS C 137 34.81 27.84 -11.61
C LYS C 137 35.04 26.41 -11.15
N ALA C 138 34.36 25.47 -11.81
CA ALA C 138 34.36 24.08 -11.39
C ALA C 138 35.43 23.24 -12.06
N GLN C 139 35.60 23.41 -13.38
CA GLN C 139 36.63 22.67 -14.11
C GLN C 139 38.03 22.91 -13.53
N LYS C 140 38.43 24.17 -13.49
CA LYS C 140 39.72 24.53 -12.92
C LYS C 140 39.88 23.98 -11.51
N LEU C 141 38.90 24.29 -10.66
CA LEU C 141 38.95 23.93 -9.25
C LEU C 141 39.07 22.41 -9.04
N LEU C 142 38.46 21.65 -9.94
CA LEU C 142 38.53 20.20 -9.88
C LEU C 142 39.86 19.68 -10.42
N GLU C 143 40.22 20.08 -11.63
CA GLU C 143 41.43 19.59 -12.27
C GLU C 143 42.68 19.89 -11.45
N GLU C 144 42.82 21.13 -10.99
CA GLU C 144 44.02 21.51 -10.24
C GLU C 144 44.18 20.76 -8.92
N GLN C 145 43.06 20.43 -8.28
CA GLN C 145 43.14 19.70 -7.02
C GLN C 145 43.44 18.23 -7.27
N TYR C 146 42.87 17.68 -8.33
CA TYR C 146 43.18 16.32 -8.75
C TYR C 146 44.67 16.23 -9.04
N SER C 147 45.17 17.24 -9.77
CA SER C 147 46.59 17.34 -10.07
C SER C 147 47.41 17.40 -8.78
N ALA C 148 46.91 18.15 -7.80
CA ALA C 148 47.59 18.30 -6.52
C ALA C 148 47.73 16.98 -5.79
N VAL C 149 46.64 16.22 -5.70
CA VAL C 149 46.69 14.92 -5.02
C VAL C 149 47.61 13.97 -5.79
N GLY C 150 47.59 14.07 -7.11
CA GLY C 150 48.44 13.25 -7.96
C GLY C 150 49.92 13.49 -7.69
N ILE C 151 50.29 14.77 -7.63
CA ILE C 151 51.66 15.16 -7.36
C ILE C 151 52.07 14.76 -5.95
N SER C 152 51.30 15.24 -4.97
CA SER C 152 51.61 14.99 -3.55
C SER C 152 51.61 13.50 -3.21
N GLY C 153 50.84 12.74 -3.98
CA GLY C 153 50.72 11.31 -3.76
C GLY C 153 51.94 10.55 -4.23
N ARG C 154 52.41 10.89 -5.42
CA ARG C 154 53.62 10.31 -5.98
C ARG C 154 54.83 10.67 -5.13
N VAL C 155 54.86 11.93 -4.68
CA VAL C 155 55.96 12.39 -3.84
C VAL C 155 56.10 11.59 -2.54
N VAL C 156 54.97 11.17 -1.95
CA VAL C 156 55.02 10.35 -0.74
C VAL C 156 55.68 9.01 -1.00
N LEU C 157 55.26 8.33 -2.07
CA LEU C 157 55.82 7.04 -2.46
C LEU C 157 57.32 7.12 -2.67
N ASP C 158 57.75 8.09 -3.45
CA ASP C 158 59.16 8.30 -3.72
C ASP C 158 59.94 8.41 -2.43
N GLU C 159 59.51 9.34 -1.57
CA GLU C 159 60.23 9.62 -0.33
C GLU C 159 60.14 8.48 0.67
N ALA C 160 59.20 7.56 0.42
CA ALA C 160 58.97 6.42 1.31
C ALA C 160 59.83 5.26 0.89
N VAL C 161 59.92 5.01 -0.42
CA VAL C 161 60.81 3.98 -0.94
C VAL C 161 62.25 4.34 -0.55
N LYS C 162 62.66 5.56 -0.88
CA LYS C 162 63.96 6.10 -0.47
C LYS C 162 64.27 5.74 0.99
N LEU C 163 63.29 5.99 1.85
CA LEU C 163 63.46 5.83 3.30
C LEU C 163 63.55 4.36 3.68
N LEU C 164 63.02 3.49 2.83
CA LEU C 164 63.06 2.05 3.10
C LEU C 164 64.45 1.49 2.83
N LYS C 165 65.08 1.95 1.75
CA LYS C 165 66.41 1.49 1.41
C LYS C 165 67.43 1.99 2.43
N GLN C 166 67.07 3.05 3.14
CA GLN C 166 67.92 3.62 4.18
C GLN C 166 67.92 2.76 5.45
N ALA C 167 66.73 2.38 5.91
CA ALA C 167 66.58 1.63 7.16
C ALA C 167 67.36 0.32 7.16
N SER C 168 67.68 -0.19 5.98
CA SER C 168 68.48 -1.41 5.85
C SER C 168 69.95 -1.15 6.23
N LEU C 169 70.40 0.08 6.01
CA LEU C 169 71.75 0.49 6.39
C LEU C 169 71.79 0.91 7.86
N ASN C 170 71.00 0.22 8.68
CA ASN C 170 70.94 0.46 10.12
C ASN C 170 70.02 -0.53 10.82
N ASN C 185 63.16 10.86 9.08
CA ASN C 185 62.49 11.45 10.23
C ASN C 185 60.96 11.45 10.07
N ALA C 186 60.26 12.06 11.03
CA ALA C 186 58.80 12.18 10.97
C ALA C 186 58.39 13.24 9.95
N ASP C 187 59.33 13.62 9.09
CA ASP C 187 59.05 14.53 8.00
C ASP C 187 58.25 13.77 6.93
N ILE C 188 58.49 12.46 6.85
CA ILE C 188 57.72 11.61 5.96
C ILE C 188 56.24 11.69 6.31
N ASN C 189 55.93 11.69 7.61
CA ASN C 189 54.56 11.81 8.09
C ASN C 189 53.90 13.09 7.60
N GLU C 190 54.66 14.17 7.56
CA GLU C 190 54.16 15.47 7.12
C GLU C 190 53.80 15.44 5.63
N LEU C 191 54.64 14.79 4.84
CA LEU C 191 54.36 14.58 3.42
C LEU C 191 53.07 13.78 3.25
N LEU C 192 52.88 12.80 4.12
CA LEU C 192 51.70 11.94 4.09
C LEU C 192 50.46 12.74 4.49
N GLN C 193 50.62 13.58 5.49
CA GLN C 193 49.55 14.45 5.97
C GLN C 193 49.08 15.40 4.86
N ARG C 194 50.04 15.94 4.12
CA ARG C 194 49.75 16.79 2.98
C ARG C 194 48.87 16.06 1.99
N PHE C 195 49.32 14.87 1.58
CA PHE C 195 48.58 14.04 0.65
C PHE C 195 47.19 13.69 1.15
N THR C 196 47.06 13.50 2.46
CA THR C 196 45.77 13.19 3.06
C THR C 196 44.80 14.34 2.85
N GLU C 197 45.24 15.55 3.17
CA GLU C 197 44.44 16.76 3.02
C GLU C 197 44.04 16.99 1.56
N ARG C 198 45.03 16.99 0.66
CA ARG C 198 44.77 17.18 -0.76
C ARG C 198 43.66 16.26 -1.25
N SER C 199 43.66 15.02 -0.75
CA SER C 199 42.71 14.01 -1.17
C SER C 199 41.33 14.26 -0.60
N GLU C 200 41.27 14.47 0.71
CA GLU C 200 39.99 14.73 1.38
C GLU C 200 39.29 15.95 0.78
N MET C 201 40.07 16.98 0.48
CA MET C 201 39.56 18.17 -0.18
C MET C 201 39.00 17.78 -1.54
N MET C 202 39.76 16.98 -2.28
CA MET C 202 39.33 16.51 -3.59
C MET C 202 38.02 15.75 -3.47
N GLN C 203 37.83 15.09 -2.33
CA GLN C 203 36.61 14.35 -2.08
C GLN C 203 35.44 15.33 -1.97
N LYS C 204 35.58 16.30 -1.07
CA LYS C 204 34.53 17.28 -0.86
C LYS C 204 34.23 18.11 -2.11
N TYR C 205 35.22 18.31 -2.96
CA TYR C 205 35.00 19.02 -4.23
C TYR C 205 34.04 18.28 -5.15
N VAL C 206 34.33 17.00 -5.40
CA VAL C 206 33.44 16.22 -6.25
C VAL C 206 32.05 16.15 -5.63
N GLU C 207 32.00 15.93 -4.32
CA GLU C 207 30.72 15.93 -3.61
C GLU C 207 29.96 17.20 -3.90
N ALA C 208 30.58 18.33 -3.57
CA ALA C 208 29.96 19.63 -3.75
C ALA C 208 29.56 19.85 -5.19
N TYR C 209 30.44 19.52 -6.12
CA TYR C 209 30.17 19.76 -7.53
C TYR C 209 28.97 18.94 -8.02
N ARG C 210 28.89 17.68 -7.60
CA ARG C 210 27.84 16.80 -8.09
C ARG C 210 26.46 17.15 -7.51
N LYS C 211 26.46 17.79 -6.35
CA LYS C 211 25.20 18.24 -5.72
C LYS C 211 24.77 19.58 -6.28
N TYR C 212 25.66 20.22 -7.04
CA TYR C 212 25.42 21.55 -7.59
C TYR C 212 25.44 22.65 -6.53
N CYS C 213 26.53 22.71 -5.78
CA CYS C 213 26.70 23.76 -4.79
C CYS C 213 27.48 24.95 -5.38
N TRP C 214 27.99 24.78 -6.59
CA TRP C 214 28.70 25.84 -7.32
C TRP C 214 27.88 26.29 -8.52
N PRO C 215 27.00 27.27 -8.33
CA PRO C 215 26.14 27.79 -9.39
C PRO C 215 26.94 28.20 -10.62
N VAL C 216 26.27 28.39 -11.76
CA VAL C 216 26.97 28.72 -13.00
C VAL C 216 26.71 30.15 -13.42
N ASN C 217 27.66 30.71 -14.15
CA ASN C 217 27.54 32.09 -14.62
C ASN C 217 26.62 32.18 -15.82
N SER C 218 26.83 31.31 -16.79
CA SER C 218 26.13 31.38 -18.06
C SER C 218 25.42 30.07 -18.34
N ILE C 219 24.46 30.10 -19.26
CA ILE C 219 23.86 28.87 -19.78
C ILE C 219 24.89 28.17 -20.66
N ASP C 220 26.01 28.85 -20.90
CA ASP C 220 27.10 28.29 -21.67
C ASP C 220 27.95 27.36 -20.80
N ASP C 221 27.80 27.47 -19.49
CA ASP C 221 28.50 26.60 -18.56
C ASP C 221 27.76 25.28 -18.35
N LEU C 222 26.70 25.06 -19.13
CA LEU C 222 25.85 23.88 -18.94
C LEU C 222 25.95 22.88 -20.08
N LYS C 223 26.04 21.61 -19.73
CA LYS C 223 25.92 20.54 -20.70
C LYS C 223 24.81 19.60 -20.25
N LEU C 224 23.83 19.39 -21.13
CA LEU C 224 22.68 18.57 -20.84
C LEU C 224 22.70 17.30 -21.70
N ALA C 225 22.71 16.15 -21.07
CA ALA C 225 22.79 14.89 -21.79
C ALA C 225 21.59 14.00 -21.50
N PRO C 226 20.58 14.05 -22.37
CA PRO C 226 19.41 13.18 -22.25
C PRO C 226 19.77 11.74 -22.60
N PHE C 227 19.23 10.78 -21.86
CA PHE C 227 19.46 9.37 -22.17
C PHE C 227 18.18 8.52 -22.24
N HIS C 228 17.06 9.07 -21.76
CA HIS C 228 15.75 8.46 -21.97
C HIS C 228 14.78 9.49 -22.50
N ILE C 229 13.91 9.05 -23.41
CA ILE C 229 12.73 9.85 -23.74
C ILE C 229 11.54 9.19 -23.05
N LEU C 230 11.27 9.60 -21.82
CA LEU C 230 10.31 8.91 -20.98
C LEU C 230 8.88 8.89 -21.53
N ALA C 231 8.36 10.05 -21.92
CA ALA C 231 6.94 10.11 -22.33
C ALA C 231 6.59 11.28 -23.24
N THR C 232 5.70 11.02 -24.19
CA THR C 232 5.10 12.06 -25.01
C THR C 232 3.60 11.87 -24.92
N GLU C 233 2.85 12.62 -25.73
CA GLU C 233 1.39 12.56 -25.66
C GLU C 233 0.86 11.16 -25.97
N GLY C 234 0.27 10.52 -24.95
CA GLY C 234 -0.37 9.23 -25.11
C GLY C 234 0.55 8.03 -25.21
N LYS C 235 1.77 8.12 -24.71
CA LYS C 235 2.71 7.00 -24.80
C LYS C 235 3.89 7.15 -23.85
N VAL C 236 4.21 6.07 -23.14
CA VAL C 236 5.46 6.00 -22.38
C VAL C 236 6.41 5.11 -23.15
N HIS C 237 7.49 5.68 -23.65
CA HIS C 237 8.36 4.94 -24.56
C HIS C 237 9.29 3.94 -23.86
N SER C 238 8.75 3.26 -22.85
CA SER C 238 9.51 2.24 -22.13
C SER C 238 9.49 0.91 -22.87
N ASP C 239 8.98 0.93 -24.09
CA ASP C 239 8.99 -0.26 -24.93
C ASP C 239 10.17 -0.21 -25.91
N LYS C 240 10.54 1.00 -26.35
CA LYS C 240 11.71 1.18 -27.21
C LYS C 240 13.00 0.79 -26.51
N ASN C 241 13.95 0.26 -27.28
CA ASN C 241 15.22 -0.17 -26.74
C ASN C 241 16.18 1.01 -26.53
N HIS C 242 17.26 0.76 -25.79
CA HIS C 242 18.16 1.84 -25.40
C HIS C 242 19.04 2.37 -26.54
N ILE C 243 19.07 1.66 -27.65
CA ILE C 243 19.70 2.21 -28.85
C ILE C 243 18.71 3.16 -29.50
N TRP C 244 17.44 2.78 -29.51
CA TRP C 244 16.41 3.69 -29.99
C TRP C 244 16.52 5.01 -29.24
N HIS C 245 16.59 4.94 -27.92
CA HIS C 245 16.69 6.13 -27.09
C HIS C 245 17.90 6.97 -27.47
N MET C 246 19.09 6.37 -27.36
CA MET C 246 20.33 7.06 -27.74
C MET C 246 20.19 7.77 -29.09
N ASP C 247 19.80 7.02 -30.11
CA ASP C 247 19.70 7.55 -31.47
C ASP C 247 18.63 8.61 -31.57
N THR C 248 17.41 8.26 -31.20
CA THR C 248 16.28 9.18 -31.30
C THR C 248 16.58 10.50 -30.61
N ILE C 249 17.18 10.41 -29.41
CA ILE C 249 17.60 11.58 -28.67
C ILE C 249 18.67 12.35 -29.43
N ALA C 250 19.71 11.65 -29.86
CA ALA C 250 20.81 12.27 -30.58
C ALA C 250 20.33 13.03 -31.81
N LYS C 251 19.32 12.49 -32.49
CA LYS C 251 18.82 13.09 -33.73
C LYS C 251 17.90 14.28 -33.44
N TYR C 252 16.93 14.08 -32.56
CA TYR C 252 15.85 15.04 -32.36
C TYR C 252 16.14 16.24 -31.46
N CYS C 253 17.22 16.20 -30.69
CA CYS C 253 17.49 17.30 -29.76
C CYS C 253 18.94 17.52 -29.35
N THR C 254 19.87 17.05 -30.16
CA THR C 254 21.27 17.37 -29.92
C THR C 254 21.87 17.81 -31.25
N GLN C 255 20.99 18.07 -32.21
CA GLN C 255 21.39 18.16 -33.60
C GLN C 255 22.32 19.33 -33.96
N ASP C 256 21.89 20.56 -33.68
CA ASP C 256 22.74 21.70 -34.03
C ASP C 256 23.24 22.51 -32.84
N ASP C 257 22.48 22.49 -31.74
CA ASP C 257 22.88 23.19 -30.53
C ASP C 257 24.03 22.46 -29.82
N SER C 258 24.91 23.21 -29.17
CA SER C 258 26.02 22.62 -28.44
C SER C 258 25.65 22.33 -26.99
N LEU C 259 24.76 23.16 -26.45
CA LEU C 259 24.29 23.00 -25.07
C LEU C 259 23.90 21.56 -24.75
N ILE C 260 23.15 20.94 -25.67
CA ILE C 260 22.64 19.60 -25.49
C ILE C 260 23.44 18.61 -26.30
N MET C 261 23.97 17.58 -25.65
CA MET C 261 24.92 16.67 -26.28
C MET C 261 24.46 15.22 -26.37
N ALA C 262 24.75 14.60 -27.52
CA ALA C 262 24.50 13.18 -27.70
C ALA C 262 25.48 12.39 -26.86
N THR C 263 25.06 11.20 -26.42
CA THR C 263 25.88 10.44 -25.48
C THR C 263 26.73 9.37 -26.15
N ASN C 264 27.95 9.22 -25.66
CA ASN C 264 28.87 8.19 -26.14
C ASN C 264 28.42 6.80 -25.67
N HIS C 265 28.14 5.91 -26.62
CA HIS C 265 27.72 4.56 -26.26
C HIS C 265 28.33 3.47 -27.14
N ILE C 266 28.05 2.22 -26.78
CA ILE C 266 28.56 1.07 -27.52
C ILE C 266 27.72 -0.17 -27.21
N LEU C 267 27.23 -0.82 -28.27
CA LEU C 267 26.45 -2.04 -28.13
C LEU C 267 27.39 -3.21 -27.90
N VAL C 268 27.10 -4.01 -26.88
CA VAL C 268 27.96 -5.14 -26.53
C VAL C 268 27.21 -6.46 -26.46
N ASP C 269 27.76 -7.46 -27.13
CA ASP C 269 27.24 -8.82 -27.06
C ASP C 269 27.96 -9.60 -25.96
N VAL C 270 27.32 -9.71 -24.80
CA VAL C 270 27.96 -10.29 -23.63
C VAL C 270 28.34 -11.76 -23.84
N THR C 271 27.87 -12.34 -24.95
CA THR C 271 28.14 -13.75 -25.25
C THR C 271 29.26 -13.96 -26.27
N ASP C 272 30.02 -12.91 -26.55
CA ASP C 272 31.12 -12.97 -27.51
C ASP C 272 32.42 -12.41 -26.94
N ALA C 273 33.50 -13.15 -27.08
CA ALA C 273 34.80 -12.73 -26.57
C ALA C 273 35.26 -11.41 -27.18
N GLU C 274 35.10 -11.30 -28.50
CA GLU C 274 35.58 -10.12 -29.23
C GLU C 274 34.83 -8.86 -28.83
N SER C 275 33.51 -8.97 -28.67
CA SER C 275 32.68 -7.82 -28.33
C SER C 275 32.87 -7.36 -26.89
N VAL C 276 32.77 -8.30 -25.95
CA VAL C 276 33.02 -7.99 -24.54
C VAL C 276 34.38 -7.35 -24.37
N ASP C 277 35.35 -7.80 -25.15
CA ASP C 277 36.72 -7.28 -25.06
C ASP C 277 36.83 -5.86 -25.62
N LYS C 278 36.17 -5.62 -26.75
CA LYS C 278 36.08 -4.27 -27.29
C LYS C 278 35.39 -3.37 -26.27
N GLY C 279 34.47 -3.95 -25.51
CA GLY C 279 33.76 -3.24 -24.46
C GLY C 279 34.68 -2.82 -23.33
N ILE C 280 35.38 -3.79 -22.75
CA ILE C 280 36.30 -3.50 -21.66
C ILE C 280 37.29 -2.43 -22.07
N LYS C 281 37.72 -2.49 -23.33
CA LYS C 281 38.64 -1.50 -23.87
C LYS C 281 37.96 -0.12 -23.85
N TRP C 282 36.85 -0.02 -24.56
CA TRP C 282 36.06 1.21 -24.61
C TRP C 282 35.86 1.85 -23.23
N TRP C 283 35.63 1.01 -22.22
CA TRP C 283 35.47 1.49 -20.85
C TRP C 283 36.77 2.00 -20.26
N GLU C 284 37.84 1.24 -20.44
CA GLU C 284 39.16 1.65 -19.97
C GLU C 284 39.64 2.94 -20.61
N ASP C 285 39.26 3.16 -21.86
CA ASP C 285 39.66 4.37 -22.57
C ASP C 285 39.09 5.60 -21.88
N LEU C 286 37.78 5.77 -21.95
CA LEU C 286 37.15 6.96 -21.40
C LEU C 286 37.30 7.04 -19.88
N THR C 287 37.38 5.89 -19.23
CA THR C 287 37.56 5.90 -17.78
C THR C 287 38.91 6.53 -17.45
N ALA C 288 39.88 6.31 -18.33
CA ALA C 288 41.24 6.80 -18.12
C ALA C 288 41.47 8.09 -18.89
N SER C 289 40.40 8.60 -19.49
CA SER C 289 40.42 9.89 -20.19
C SER C 289 39.60 10.90 -19.42
N GLY C 290 39.37 10.65 -18.13
CA GLY C 290 38.65 11.58 -17.29
C GLY C 290 37.20 11.24 -16.97
N GLY C 291 36.59 10.38 -17.80
CA GLY C 291 35.21 9.96 -17.61
C GLY C 291 34.99 9.31 -16.26
N GLU C 292 33.76 9.37 -15.76
CA GLU C 292 33.45 8.81 -14.45
C GLU C 292 33.27 7.32 -14.54
N GLY C 293 32.71 6.87 -15.66
CA GLY C 293 32.48 5.46 -15.87
C GLY C 293 31.37 5.26 -16.87
N MET C 294 30.69 4.11 -16.78
CA MET C 294 29.59 3.81 -17.67
C MET C 294 28.41 3.23 -16.91
N VAL C 295 27.24 3.32 -17.53
CA VAL C 295 26.04 2.71 -17.01
C VAL C 295 25.62 1.65 -18.02
N VAL C 296 25.59 0.40 -17.59
CA VAL C 296 25.22 -0.71 -18.48
C VAL C 296 23.72 -0.95 -18.43
N LYS C 297 23.11 -1.04 -19.60
CA LYS C 297 21.66 -1.17 -19.69
C LYS C 297 21.23 -2.31 -20.61
N PRO C 298 20.30 -3.16 -20.13
CA PRO C 298 19.79 -4.27 -20.93
C PRO C 298 19.17 -3.76 -22.22
N TYR C 299 19.75 -4.14 -23.36
CA TYR C 299 19.31 -3.63 -24.66
C TYR C 299 17.85 -3.20 -24.70
N ASP C 300 16.94 -4.05 -24.25
CA ASP C 300 15.53 -3.69 -24.20
C ASP C 300 15.17 -3.08 -22.85
N PHE C 301 14.54 -1.91 -22.89
CA PHE C 301 14.21 -1.14 -21.70
C PHE C 301 13.69 -2.05 -20.59
N ILE C 302 12.54 -2.67 -20.84
CA ILE C 302 11.89 -3.57 -19.88
C ILE C 302 12.12 -5.02 -20.27
N VAL C 303 12.11 -5.90 -19.28
CA VAL C 303 12.23 -7.35 -19.50
C VAL C 303 13.66 -7.74 -19.89
N ARG C 307 13.41 -11.92 -17.19
CA ARG C 307 12.02 -11.50 -17.10
C ARG C 307 11.25 -12.27 -16.03
N GLU C 308 11.18 -11.71 -14.82
CA GLU C 308 11.69 -10.37 -14.53
C GLU C 308 12.58 -10.31 -13.29
N LEU C 309 12.46 -9.20 -12.55
CA LEU C 309 13.29 -8.95 -11.36
C LEU C 309 14.70 -8.48 -11.76
N LEU C 310 14.82 -7.92 -12.97
CA LEU C 310 16.10 -7.51 -13.52
C LEU C 310 16.36 -5.99 -13.41
N GLN C 311 17.57 -5.65 -12.97
CA GLN C 311 17.98 -4.26 -12.86
C GLN C 311 17.92 -3.59 -14.22
N PRO C 312 17.27 -2.41 -14.30
CA PRO C 312 17.14 -1.62 -15.54
C PRO C 312 18.48 -1.01 -15.93
N ALA C 313 19.38 -0.93 -14.95
CA ALA C 313 20.73 -0.44 -15.20
C ALA C 313 21.68 -0.82 -14.08
N VAL C 314 22.94 -1.00 -14.46
CA VAL C 314 24.05 -1.23 -13.54
C VAL C 314 25.12 -0.17 -13.76
N LYS C 315 25.69 0.36 -12.70
CA LYS C 315 26.73 1.37 -12.87
C LYS C 315 28.12 0.73 -12.72
N CYS C 316 29.00 1.04 -13.66
CA CYS C 316 30.38 0.59 -13.61
C CYS C 316 31.30 1.82 -13.61
N ARG C 317 31.97 2.05 -12.48
CA ARG C 317 32.69 3.28 -12.30
C ARG C 317 34.21 3.12 -12.31
N GLY C 318 34.90 4.05 -12.97
CA GLY C 318 36.35 4.00 -13.11
C GLY C 318 37.11 3.97 -11.81
N ARG C 319 38.32 3.40 -11.84
CA ARG C 319 39.09 3.26 -10.63
C ARG C 319 39.42 4.62 -10.05
N GLU C 320 39.85 5.52 -10.92
CA GLU C 320 40.29 6.82 -10.47
C GLU C 320 39.17 7.54 -9.72
N TYR C 321 37.97 7.49 -10.28
CA TYR C 321 36.82 8.10 -9.64
C TYR C 321 36.55 7.48 -8.28
N LEU C 322 36.47 6.15 -8.23
CA LEU C 322 36.09 5.48 -7.00
C LEU C 322 37.10 5.73 -5.90
N ARG C 323 38.37 5.85 -6.27
CA ARG C 323 39.40 6.09 -5.29
C ARG C 323 39.12 7.38 -4.53
N ILE C 324 38.66 8.41 -5.25
CA ILE C 324 38.32 9.70 -4.66
C ILE C 324 37.18 9.52 -3.68
N ILE C 325 36.09 9.00 -4.20
CA ILE C 325 34.86 8.79 -3.45
C ILE C 325 35.00 7.87 -2.24
N TYR C 326 35.68 6.75 -2.43
CA TYR C 326 35.86 5.77 -1.36
C TYR C 326 36.92 6.17 -0.32
N GLY C 327 37.90 6.96 -0.75
CA GLY C 327 38.98 7.36 0.13
C GLY C 327 39.94 6.22 0.40
N PRO C 328 40.57 6.22 1.58
CA PRO C 328 41.52 5.18 1.99
C PRO C 328 40.85 3.82 2.09
N GLU C 329 39.53 3.80 2.24
CA GLU C 329 38.80 2.55 2.39
C GLU C 329 38.40 1.99 1.04
N TYR C 330 39.10 2.43 -0.01
CA TYR C 330 38.95 1.86 -1.34
C TYR C 330 39.49 0.46 -1.33
N THR C 331 40.58 0.24 -0.60
CA THR C 331 41.03 -1.10 -0.32
C THR C 331 40.41 -1.57 1.01
N MET C 332 39.95 -2.81 1.03
CA MET C 332 39.18 -3.35 2.14
C MET C 332 39.58 -4.79 2.36
N ASP C 333 39.17 -5.37 3.49
CA ASP C 333 39.42 -6.79 3.71
C ASP C 333 38.29 -7.66 3.16
N GLU C 334 38.20 -8.90 3.64
CA GLU C 334 37.20 -9.82 3.11
C GLU C 334 35.85 -9.53 3.74
N ASN C 335 35.86 -9.22 5.04
CA ASN C 335 34.62 -8.89 5.74
C ASN C 335 33.96 -7.62 5.20
N ILE C 336 34.74 -6.54 5.13
CA ILE C 336 34.22 -5.29 4.59
C ILE C 336 33.64 -5.51 3.19
N GLU C 337 34.40 -6.17 2.32
CA GLU C 337 33.90 -6.50 0.99
C GLU C 337 32.57 -7.25 1.07
N ARG C 338 32.48 -8.23 1.96
CA ARG C 338 31.23 -8.94 2.17
C ARG C 338 30.09 -7.94 2.36
N LEU C 339 30.31 -6.96 3.24
CA LEU C 339 29.30 -5.96 3.54
C LEU C 339 28.90 -5.15 2.32
N ARG C 340 29.86 -4.77 1.48
CA ARG C 340 29.55 -4.01 0.28
C ARG C 340 28.58 -4.81 -0.59
N ASN C 341 28.83 -6.12 -0.70
CA ASN C 341 27.96 -6.99 -1.48
C ASN C 341 26.54 -7.06 -0.93
N ARG C 342 26.43 -7.05 0.39
CA ARG C 342 25.13 -6.93 1.03
C ARG C 342 24.47 -5.63 0.61
N ALA C 343 25.17 -4.52 0.83
CA ALA C 343 24.66 -3.20 0.48
C ALA C 343 24.29 -3.14 -0.99
N VAL C 344 25.09 -3.75 -1.84
CA VAL C 344 24.77 -3.80 -3.27
C VAL C 344 23.42 -4.47 -3.47
N GLY C 345 23.10 -5.43 -2.61
CA GLY C 345 21.83 -6.12 -2.67
C GLY C 345 20.70 -5.23 -2.21
N LYS C 346 20.86 -4.63 -1.04
CA LYS C 346 19.81 -3.80 -0.47
C LYS C 346 19.49 -2.64 -1.39
N LYS C 347 20.45 -2.23 -2.20
CA LYS C 347 20.22 -1.15 -3.14
C LYS C 347 19.51 -1.67 -4.40
N ARG C 348 19.91 -2.85 -4.86
CA ARG C 348 19.31 -3.44 -6.04
C ARG C 348 17.80 -3.60 -5.90
N SER C 349 17.34 -3.76 -4.66
CA SER C 349 15.92 -3.91 -4.42
C SER C 349 15.23 -2.56 -4.42
N LEU C 350 15.87 -1.57 -3.81
CA LEU C 350 15.36 -0.21 -3.82
C LEU C 350 15.22 0.25 -5.25
N ALA C 351 16.22 -0.09 -6.05
CA ALA C 351 16.23 0.28 -7.47
C ALA C 351 15.02 -0.28 -8.22
N LEU C 352 14.75 -1.58 -8.03
CA LEU C 352 13.63 -2.23 -8.68
C LEU C 352 12.29 -1.64 -8.28
N ARG C 353 12.04 -1.56 -6.98
CA ARG C 353 10.79 -1.00 -6.49
C ARG C 353 10.61 0.44 -6.97
N GLU C 354 11.65 1.25 -6.81
CA GLU C 354 11.62 2.63 -7.28
C GLU C 354 11.40 2.70 -8.78
N PHE C 355 12.05 1.82 -9.53
CA PHE C 355 11.92 1.82 -10.99
C PHE C 355 10.49 1.54 -11.46
N SER C 356 9.81 0.63 -10.78
CA SER C 356 8.44 0.30 -11.15
C SER C 356 7.49 1.43 -10.82
N LEU C 357 7.63 1.99 -9.63
CA LEU C 357 6.84 3.15 -9.22
C LEU C 357 6.97 4.28 -10.24
N GLY C 358 8.19 4.56 -10.64
CA GLY C 358 8.45 5.55 -11.66
C GLY C 358 7.67 5.22 -12.92
N MET C 359 7.87 4.02 -13.43
CA MET C 359 7.20 3.59 -14.65
C MET C 359 5.67 3.68 -14.55
N GLU C 360 5.09 3.13 -13.49
CA GLU C 360 3.65 3.19 -13.31
C GLU C 360 3.19 4.64 -13.26
N ALA C 361 3.89 5.46 -12.47
CA ALA C 361 3.57 6.88 -12.35
C ALA C 361 3.41 7.54 -13.71
N LEU C 362 4.38 7.31 -14.58
CA LEU C 362 4.31 7.80 -15.95
C LEU C 362 3.07 7.25 -16.66
N GLU C 363 2.97 5.93 -16.72
CA GLU C 363 1.82 5.28 -17.37
C GLU C 363 0.50 5.92 -16.97
N ARG C 364 0.28 6.05 -15.66
CA ARG C 364 -0.95 6.65 -15.15
C ARG C 364 -1.18 8.05 -15.69
N PHE C 365 -0.14 8.88 -15.63
CA PHE C 365 -0.24 10.24 -16.12
C PHE C 365 -0.58 10.27 -17.60
N VAL C 366 -0.01 9.34 -18.36
CA VAL C 366 -0.16 9.34 -19.81
C VAL C 366 -1.59 9.01 -20.21
N ARG C 367 -2.23 8.10 -19.48
CA ARG C 367 -3.61 7.71 -19.77
C ARG C 367 -4.63 8.57 -19.01
N ASN C 368 -4.19 9.76 -18.60
CA ASN C 368 -5.07 10.81 -18.08
C ASN C 368 -5.76 10.51 -16.75
N GLU C 369 -5.16 9.66 -15.93
CA GLU C 369 -5.72 9.37 -14.61
C GLU C 369 -5.56 10.55 -13.68
N PRO C 370 -6.33 10.60 -12.58
CA PRO C 370 -6.28 11.72 -11.64
C PRO C 370 -4.89 11.86 -11.04
N LEU C 371 -4.44 13.10 -10.82
CA LEU C 371 -3.07 13.35 -10.39
C LEU C 371 -2.71 12.65 -9.07
N TYR C 372 -3.66 12.56 -8.15
CA TYR C 372 -3.37 11.91 -6.88
C TYR C 372 -2.97 10.46 -7.10
N ARG C 373 -3.41 9.91 -8.22
CA ARG C 373 -3.06 8.55 -8.62
C ARG C 373 -1.61 8.51 -9.09
N VAL C 374 -1.21 9.52 -9.86
CA VAL C 374 0.17 9.64 -10.31
C VAL C 374 1.09 9.86 -9.10
N HIS C 375 0.73 10.81 -8.25
CA HIS C 375 1.53 11.13 -7.07
C HIS C 375 1.58 9.99 -6.07
N GLU C 376 0.58 9.11 -6.12
CA GLU C 376 0.60 7.91 -5.30
C GLU C 376 1.90 7.14 -5.54
N CYS C 377 2.33 7.10 -6.80
CA CYS C 377 3.57 6.42 -7.20
C CYS C 377 4.79 7.32 -7.04
N VAL C 378 4.70 8.55 -7.55
CA VAL C 378 5.82 9.46 -7.50
C VAL C 378 6.33 9.67 -6.07
N PHE C 379 5.43 10.01 -5.16
CA PHE C 379 5.85 10.23 -3.78
C PHE C 379 6.31 8.92 -3.15
N GLY C 380 5.96 7.81 -3.79
CA GLY C 380 6.40 6.50 -3.34
C GLY C 380 7.89 6.33 -3.56
N VAL C 381 8.35 6.72 -4.75
CA VAL C 381 9.77 6.78 -5.04
C VAL C 381 10.50 7.67 -4.04
N LEU C 382 9.96 8.86 -3.81
CA LEU C 382 10.51 9.80 -2.85
C LEU C 382 10.60 9.21 -1.44
N ALA C 383 9.60 8.42 -1.05
CA ALA C 383 9.57 7.81 0.28
C ALA C 383 10.73 6.86 0.41
N LEU C 384 10.90 6.02 -0.60
CA LEU C 384 11.93 4.99 -0.59
C LEU C 384 13.34 5.58 -0.51
N GLU C 385 13.51 6.77 -1.06
CA GLU C 385 14.81 7.42 -1.09
C GLU C 385 15.30 7.82 0.29
N SER C 386 14.41 7.76 1.28
CA SER C 386 14.79 8.08 2.65
C SER C 386 15.41 6.86 3.35
N GLU C 387 15.15 5.67 2.83
CA GLU C 387 15.77 4.45 3.35
C GLU C 387 17.27 4.61 3.29
N PRO C 388 17.97 4.29 4.39
CA PRO C 388 19.42 4.46 4.54
C PRO C 388 20.22 3.49 3.68
N VAL C 389 21.19 3.99 2.92
CA VAL C 389 22.02 3.15 2.06
C VAL C 389 23.48 3.62 2.10
N ASP C 390 24.37 2.86 1.46
CA ASP C 390 25.77 3.26 1.36
C ASP C 390 25.93 4.32 0.26
N PRO C 391 26.31 5.53 0.66
CA PRO C 391 26.41 6.68 -0.24
C PRO C 391 27.44 6.46 -1.34
N ARG C 392 28.41 5.61 -1.04
CA ARG C 392 29.50 5.32 -1.98
C ARG C 392 29.06 4.45 -3.15
N LEU C 393 27.87 3.85 -3.03
CA LEU C 393 27.29 3.03 -4.09
C LEU C 393 26.35 3.85 -4.98
N SER D 1 1.78 31.81 -1.17
CA SER D 1 3.03 31.86 -1.91
C SER D 1 4.18 32.14 -0.93
N MET D 2 5.28 32.68 -1.46
CA MET D 2 6.51 32.94 -0.67
C MET D 2 7.18 31.66 -0.16
N SER D 3 6.54 30.97 0.78
CA SER D 3 7.03 29.68 1.25
C SER D 3 7.23 28.73 0.08
N ARG D 4 8.48 28.61 -0.35
CA ARG D 4 8.81 27.81 -1.52
C ARG D 4 10.22 27.24 -1.42
N PHE D 5 10.77 27.25 -0.21
CA PHE D 5 11.95 26.43 0.05
C PHE D 5 11.51 25.02 0.39
N ALA D 6 12.03 24.05 -0.35
CA ALA D 6 11.85 22.66 0.01
C ALA D 6 12.55 22.42 1.34
N ALA D 7 11.98 21.57 2.18
CA ALA D 7 12.58 21.29 3.48
C ALA D 7 13.40 20.01 3.43
N ASP D 8 14.40 19.91 4.30
CA ASP D 8 15.16 18.68 4.47
C ASP D 8 14.19 17.58 4.88
N PRO D 9 14.05 16.54 4.06
CA PRO D 9 13.07 15.48 4.32
C PRO D 9 13.20 14.89 5.73
N HIS D 10 14.39 14.99 6.31
CA HIS D 10 14.62 14.46 7.65
C HIS D 10 13.69 15.10 8.69
N TRP D 11 13.20 16.29 8.38
CA TRP D 11 12.34 17.04 9.31
C TRP D 11 10.86 16.68 9.16
N LEU D 12 10.50 16.11 8.01
CA LEU D 12 9.10 15.83 7.70
C LEU D 12 8.60 14.51 8.30
N ILE D 13 8.33 14.54 9.60
CA ILE D 13 7.86 13.37 10.32
C ILE D 13 6.35 13.39 10.43
N TYR D 14 5.72 14.37 9.77
CA TYR D 14 4.27 14.58 9.88
C TYR D 14 3.75 15.62 8.91
N LEU D 15 2.58 15.37 8.33
CA LEU D 15 1.89 16.39 7.56
C LEU D 15 0.46 16.47 8.07
N PRO D 16 -0.11 17.68 8.14
CA PRO D 16 -1.42 17.89 8.75
C PRO D 16 -2.58 17.51 7.83
N PRO D 17 -3.67 16.98 8.44
CA PRO D 17 -4.86 16.50 7.74
C PRO D 17 -5.74 17.65 7.31
N THR D 18 -6.39 17.53 6.15
CA THR D 18 -7.37 18.54 5.77
C THR D 18 -8.54 18.50 6.76
N MET D 19 -9.52 19.37 6.56
CA MET D 19 -10.64 19.49 7.48
C MET D 19 -11.86 19.91 6.70
N SER D 20 -13.05 19.64 7.24
CA SER D 20 -14.27 20.07 6.57
C SER D 20 -15.27 20.67 7.53
N PRO D 21 -16.17 21.49 7.00
CA PRO D 21 -17.19 22.08 7.85
C PRO D 21 -18.26 21.04 8.08
N CYS D 22 -19.33 21.42 8.77
CA CYS D 22 -20.45 20.55 8.92
C CYS D 22 -21.48 20.88 7.85
N GLU D 23 -22.26 19.89 7.45
CA GLU D 23 -23.24 20.04 6.37
C GLU D 23 -23.95 21.39 6.35
N THR D 24 -24.20 21.87 5.14
CA THR D 24 -24.80 23.19 4.92
C THR D 24 -25.99 23.46 5.83
N SER D 25 -25.83 24.37 6.78
CA SER D 25 -26.85 24.63 7.79
C SER D 25 -28.24 24.85 7.21
N LYS D 26 -29.25 24.38 7.95
CA LYS D 26 -30.63 24.56 7.54
C LYS D 26 -31.19 25.85 8.12
N LYS D 27 -30.32 26.72 8.60
CA LYS D 27 -30.72 28.07 9.02
C LYS D 27 -30.70 29.00 7.82
N GLU D 28 -31.70 29.88 7.73
CA GLU D 28 -31.80 30.78 6.59
C GLU D 28 -30.69 31.82 6.64
N GLY D 29 -30.01 31.99 5.50
CA GLY D 29 -28.92 32.95 5.40
C GLY D 29 -27.63 32.50 6.07
N MET D 30 -27.57 31.23 6.44
CA MET D 30 -26.40 30.70 7.12
C MET D 30 -25.88 29.46 6.40
N LEU D 31 -24.56 29.37 6.30
CA LEU D 31 -23.92 28.22 5.68
C LEU D 31 -23.35 27.30 6.74
N GLU D 32 -22.90 27.88 7.84
CA GLU D 32 -22.35 27.08 8.93
C GLU D 32 -22.79 27.66 10.28
N HIS D 33 -23.27 26.79 11.16
CA HIS D 33 -23.71 27.22 12.48
C HIS D 33 -23.30 26.18 13.51
N PRO D 34 -22.96 26.65 14.72
CA PRO D 34 -22.46 25.76 15.77
C PRO D 34 -23.34 24.54 16.04
N ILE D 35 -24.63 24.60 15.74
CA ILE D 35 -25.52 23.49 16.09
C ILE D 35 -25.24 22.22 15.29
N GLU D 36 -24.84 22.37 14.04
CA GLU D 36 -24.53 21.20 13.21
C GLU D 36 -23.29 20.49 13.75
N ALA D 37 -22.23 21.24 13.99
CA ALA D 37 -21.01 20.64 14.54
C ALA D 37 -21.31 19.94 15.85
N PHE D 38 -22.15 20.56 16.68
CA PHE D 38 -22.57 19.95 17.94
C PHE D 38 -23.36 18.66 17.70
N GLU D 39 -24.35 18.74 16.82
CA GLU D 39 -25.17 17.57 16.50
C GLU D 39 -24.32 16.40 16.01
N TYR D 40 -23.42 16.69 15.07
CA TYR D 40 -22.51 15.68 14.55
C TYR D 40 -21.96 14.83 15.67
N PHE D 41 -21.50 15.46 16.74
CA PHE D 41 -20.79 14.77 17.82
C PHE D 41 -21.66 14.09 18.88
N ARG D 42 -22.87 14.56 19.11
CA ARG D 42 -23.76 13.84 20.02
C ARG D 42 -24.44 12.69 19.30
N THR D 43 -24.94 12.95 18.09
CA THR D 43 -25.51 11.91 17.24
C THR D 43 -24.58 10.69 17.13
N ARG D 44 -23.28 10.92 17.27
CA ARG D 44 -22.32 9.83 17.20
C ARG D 44 -21.76 9.48 18.59
N GLY D 45 -22.39 10.06 19.60
CA GLY D 45 -22.11 9.72 20.98
C GLY D 45 -20.77 10.19 21.50
N VAL D 46 -20.57 11.51 21.52
CA VAL D 46 -19.35 12.08 22.05
C VAL D 46 -19.64 12.88 23.33
N GLY D 47 -20.63 13.76 23.25
CA GLY D 47 -21.14 14.41 24.44
C GLY D 47 -20.39 15.66 24.85
N LYS D 48 -19.10 15.51 25.11
CA LYS D 48 -18.27 16.67 25.40
C LYS D 48 -17.35 17.00 24.23
N VAL D 49 -17.46 18.23 23.72
CA VAL D 49 -16.59 18.69 22.64
C VAL D 49 -15.84 19.95 23.05
N VAL D 50 -14.66 20.15 22.49
CA VAL D 50 -13.90 21.37 22.73
C VAL D 50 -13.96 22.31 21.54
N CYS D 51 -14.33 23.57 21.80
CA CYS D 51 -14.38 24.57 20.74
C CYS D 51 -13.16 25.47 20.83
N GLU D 52 -12.36 25.46 19.78
CA GLU D 52 -11.16 26.30 19.75
C GLU D 52 -11.32 27.38 18.69
N GLN D 53 -10.75 28.54 18.96
CA GLN D 53 -10.83 29.66 18.04
C GLN D 53 -10.03 29.36 16.78
N LYS D 54 -10.68 29.47 15.63
CA LYS D 54 -10.04 29.21 14.36
C LYS D 54 -9.20 30.42 13.96
N HIS D 55 -7.93 30.41 14.36
CA HIS D 55 -7.00 31.49 14.06
C HIS D 55 -6.85 31.66 12.56
N MET D 56 -6.99 32.89 12.08
CA MET D 56 -6.95 33.11 10.64
C MET D 56 -5.54 33.37 10.16
N GLY D 57 -4.93 32.33 9.63
CA GLY D 57 -3.58 32.42 9.12
C GLY D 57 -3.24 31.18 8.33
N SER D 58 -2.06 30.62 8.60
CA SER D 58 -1.62 29.41 7.91
C SER D 58 -1.25 28.35 8.92
N ARG D 59 -1.46 27.09 8.56
CA ARG D 59 -1.09 25.96 9.41
C ARG D 59 0.41 25.72 9.34
N ALA D 60 1.02 25.53 10.50
CA ALA D 60 2.45 25.36 10.55
C ALA D 60 2.84 24.30 11.57
N VAL D 61 3.61 23.33 11.11
CA VAL D 61 4.19 22.35 12.00
C VAL D 61 5.53 22.90 12.47
N VAL D 62 5.72 22.93 13.78
CA VAL D 62 6.93 23.48 14.37
C VAL D 62 7.68 22.45 15.20
N ILE D 63 8.87 22.07 14.75
CA ILE D 63 9.72 21.15 15.50
C ILE D 63 10.87 21.92 16.14
N VAL D 64 11.08 21.71 17.44
CA VAL D 64 12.10 22.43 18.18
C VAL D 64 13.04 21.49 18.91
N CYS D 65 14.34 21.62 18.64
CA CYS D 65 15.32 20.79 19.33
C CYS D 65 16.13 21.66 20.30
N LYS D 66 16.65 21.04 21.36
CA LYS D 66 17.44 21.76 22.36
C LYS D 66 18.69 22.40 21.74
N ASP D 67 19.35 21.65 20.87
CA ASP D 67 20.54 22.13 20.17
C ASP D 67 20.72 21.43 18.83
N SER D 68 21.72 21.85 18.07
CA SER D 68 21.94 21.30 16.73
C SER D 68 22.38 19.83 16.77
N GLN D 69 23.02 19.43 17.87
CA GLN D 69 23.46 18.04 18.04
C GLN D 69 22.25 17.12 18.12
N VAL D 70 21.17 17.63 18.69
CA VAL D 70 19.94 16.86 18.83
C VAL D 70 19.29 16.59 17.49
N ALA D 71 19.36 17.58 16.60
CA ALA D 71 18.85 17.44 15.25
C ALA D 71 19.63 16.38 14.47
N GLU D 72 20.89 16.18 14.85
CA GLU D 72 21.73 15.16 14.21
C GLU D 72 21.40 13.77 14.72
N LYS D 73 21.52 13.58 16.04
CA LYS D 73 21.34 12.26 16.66
C LYS D 73 19.90 11.74 16.53
N ARG D 74 18.94 12.65 16.60
CA ARG D 74 17.54 12.25 16.65
C ARG D 74 16.83 12.31 15.31
N PHE D 75 17.18 13.30 14.49
CA PHE D 75 16.49 13.50 13.24
C PHE D 75 17.35 13.21 12.01
N GLY D 76 18.66 13.20 12.21
CA GLY D 76 19.58 12.95 11.12
C GLY D 76 19.89 14.19 10.31
N VAL D 77 19.35 15.32 10.74
CA VAL D 77 19.58 16.61 10.07
C VAL D 77 21.05 17.04 10.22
N LEU D 78 21.63 17.46 9.10
CA LEU D 78 23.06 17.71 9.05
C LEU D 78 23.45 19.16 8.72
N ASP D 79 22.47 19.99 8.41
CA ASP D 79 22.74 21.39 8.05
C ASP D 79 22.96 22.28 9.26
N GLY D 80 23.04 21.67 10.45
CA GLY D 80 23.38 22.37 11.66
C GLY D 80 22.29 23.25 12.25
N THR D 81 21.05 23.08 11.79
CA THR D 81 19.92 23.79 12.39
C THR D 81 19.38 22.97 13.56
N ALA D 82 18.52 23.57 14.37
CA ALA D 82 17.98 22.88 15.53
C ALA D 82 16.47 22.96 15.61
N GLY D 83 15.82 23.06 14.46
CA GLY D 83 14.38 23.18 14.40
C GLY D 83 13.89 23.58 13.01
N ILE D 84 12.58 23.60 12.84
CA ILE D 84 12.00 23.94 11.55
C ILE D 84 10.56 24.38 11.70
N CYS D 85 10.12 25.25 10.80
CA CYS D 85 8.73 25.67 10.76
C CYS D 85 8.20 25.51 9.33
N TYR D 86 7.52 24.40 9.07
CA TYR D 86 7.06 24.09 7.72
C TYR D 86 5.55 24.03 7.56
N THR D 87 5.10 24.29 6.34
CA THR D 87 3.69 24.39 6.04
C THR D 87 3.10 23.01 5.85
N ARG D 88 1.83 23.01 5.46
CA ARG D 88 1.07 21.78 5.28
C ARG D 88 1.51 20.99 4.04
N THR D 89 2.48 21.52 3.31
CA THR D 89 2.94 20.86 2.09
C THR D 89 4.44 20.60 2.11
N GLY D 90 5.00 20.54 3.33
CA GLY D 90 6.38 20.15 3.53
C GLY D 90 7.41 21.19 3.13
N ARG D 91 6.98 22.45 3.00
CA ARG D 91 7.89 23.53 2.64
C ARG D 91 8.23 24.37 3.86
N HIS D 92 9.35 25.07 3.80
CA HIS D 92 9.68 26.03 4.84
C HIS D 92 8.70 27.18 4.79
N PHE D 93 8.08 27.48 5.92
CA PHE D 93 7.14 28.58 5.98
C PHE D 93 7.83 29.85 5.48
N PHE D 94 8.97 30.16 6.08
CA PHE D 94 9.74 31.35 5.72
C PHE D 94 10.85 31.04 4.73
N ASP D 95 10.95 31.84 3.67
CA ASP D 95 12.12 31.76 2.78
C ASP D 95 13.26 32.62 3.32
N ASP D 96 13.17 32.96 4.59
CA ASP D 96 14.26 33.61 5.31
C ASP D 96 14.69 32.69 6.45
N MET D 97 15.77 31.94 6.23
CA MET D 97 16.21 30.94 7.20
C MET D 97 16.51 31.49 8.59
N GLN D 98 16.79 32.79 8.66
CA GLN D 98 17.14 33.41 9.93
C GLN D 98 15.89 33.75 10.72
N LEU D 99 14.92 34.37 10.05
CA LEU D 99 13.65 34.66 10.69
C LEU D 99 13.16 33.37 11.34
N GLU D 100 13.18 32.28 10.58
CA GLU D 100 12.75 30.98 11.07
C GLU D 100 13.57 30.56 12.28
N ALA D 101 14.88 30.66 12.15
CA ALA D 101 15.79 30.29 13.23
C ALA D 101 15.46 31.10 14.48
N GLU D 102 15.10 32.37 14.26
CA GLU D 102 14.73 33.26 15.36
C GLU D 102 13.47 32.75 16.05
N LEU D 103 12.43 32.48 15.26
CA LEU D 103 11.17 31.95 15.75
C LEU D 103 11.37 30.66 16.56
N ILE D 104 12.21 29.78 16.06
CA ILE D 104 12.49 28.53 16.74
C ILE D 104 13.13 28.77 18.10
N ASP D 105 14.23 29.52 18.13
CA ASP D 105 14.93 29.79 19.38
C ASP D 105 14.05 30.57 20.35
N ARG D 106 13.14 31.37 19.80
CA ARG D 106 12.19 32.11 20.62
C ARG D 106 11.29 31.15 21.40
N VAL D 107 10.79 30.12 20.72
CA VAL D 107 10.01 29.08 21.36
C VAL D 107 10.90 28.30 22.31
N ARG D 108 12.09 27.96 21.83
CA ARG D 108 13.04 27.20 22.63
C ARG D 108 13.16 27.82 24.01
N LYS D 109 13.30 29.14 24.04
CA LYS D 109 13.49 29.88 25.28
C LYS D 109 12.32 29.71 26.24
N VAL D 110 11.15 30.18 25.83
CA VAL D 110 9.98 30.10 26.68
C VAL D 110 9.74 28.66 27.11
N LEU D 111 10.32 27.73 26.35
CA LEU D 111 10.29 26.31 26.70
C LEU D 111 11.28 26.00 27.82
N ASP D 112 12.55 26.38 27.62
CA ASP D 112 13.57 26.24 28.64
C ASP D 112 13.03 26.67 30.01
N LYS D 113 12.51 27.88 30.04
CA LYS D 113 11.98 28.50 31.26
C LYS D 113 10.89 27.66 31.94
N SER D 114 9.93 27.19 31.15
CA SER D 114 8.80 26.43 31.67
C SER D 114 9.18 25.03 32.15
N GLY D 115 10.44 24.65 31.95
CA GLY D 115 10.94 23.36 32.36
C GLY D 115 10.38 22.21 31.54
N PHE D 116 9.96 22.53 30.33
CA PHE D 116 9.27 21.58 29.45
C PHE D 116 10.09 20.32 29.16
N TRP D 117 11.35 20.53 28.78
CA TRP D 117 12.22 19.43 28.37
C TRP D 117 12.30 18.38 29.48
N GLY D 118 12.42 18.84 30.71
CA GLY D 118 12.53 17.95 31.85
C GLY D 118 11.25 17.19 32.12
N ASP D 119 10.16 17.92 32.27
CA ASP D 119 8.88 17.33 32.66
C ASP D 119 8.34 16.32 31.63
N PHE D 120 8.69 16.53 30.37
CA PHE D 120 8.29 15.60 29.30
C PHE D 120 9.41 14.61 28.99
N ASN D 121 10.52 14.74 29.70
CA ASN D 121 11.68 13.90 29.49
C ASN D 121 11.95 13.75 28.00
N THR D 122 12.36 14.85 27.37
CA THR D 122 12.58 14.89 25.95
C THR D 122 13.51 16.04 25.60
N ASP D 123 14.30 15.88 24.55
CA ASP D 123 15.17 16.96 24.08
C ASP D 123 14.70 17.51 22.73
N TRP D 124 13.42 17.27 22.43
CA TRP D 124 12.81 17.77 21.21
C TRP D 124 11.29 17.72 21.35
N VAL D 125 10.61 18.37 20.40
CA VAL D 125 9.16 18.44 20.42
C VAL D 125 8.60 18.86 19.06
N CYS D 126 7.46 18.31 18.69
CA CYS D 126 6.76 18.68 17.47
C CYS D 126 5.42 19.32 17.81
N LEU D 127 5.18 20.52 17.27
CA LEU D 127 3.97 21.27 17.57
C LEU D 127 3.11 21.52 16.33
N ASP D 128 1.80 21.41 16.52
CA ASP D 128 0.84 21.68 15.46
C ASP D 128 0.28 23.07 15.72
N CYS D 129 0.59 24.02 14.84
CA CYS D 129 0.29 25.41 15.14
C CYS D 129 -0.35 26.20 14.01
N GLU D 130 -0.98 27.31 14.38
CA GLU D 130 -1.40 28.32 13.43
C GLU D 130 -0.42 29.48 13.51
N LEU D 131 0.05 29.93 12.36
CA LEU D 131 1.00 31.03 12.28
C LEU D 131 0.35 32.20 11.58
N MET D 132 0.37 33.38 12.21
CA MET D 132 -0.30 34.54 11.63
C MET D 132 0.64 35.70 11.32
N PRO D 133 0.77 36.01 10.02
CA PRO D 133 1.53 37.15 9.48
C PRO D 133 0.78 38.45 9.75
N TRP D 134 0.52 38.74 11.01
CA TRP D 134 -0.25 39.91 11.39
C TRP D 134 0.61 41.17 11.51
N SER D 135 1.34 41.49 10.45
CA SER D 135 2.03 42.76 10.37
C SER D 135 0.97 43.83 10.49
N ALA D 136 1.23 44.85 11.29
CA ALA D 136 0.30 45.97 11.38
C ALA D 136 0.05 46.53 9.98
N LYS D 137 0.97 46.24 9.06
CA LYS D 137 0.90 46.72 7.69
C LYS D 137 -0.19 46.02 6.88
N ALA D 138 -0.34 44.71 7.08
CA ALA D 138 -1.34 43.92 6.36
C ALA D 138 -2.69 43.98 7.07
N GLN D 139 -2.66 44.17 8.38
CA GLN D 139 -3.85 44.47 9.15
C GLN D 139 -4.57 45.65 8.54
N LYS D 140 -3.83 46.74 8.32
CA LYS D 140 -4.37 47.93 7.69
C LYS D 140 -5.01 47.58 6.34
N LEU D 141 -4.24 46.95 5.47
CA LEU D 141 -4.70 46.66 4.12
C LEU D 141 -6.02 45.89 4.19
N LEU D 142 -6.08 44.89 5.06
CA LEU D 142 -7.29 44.06 5.21
C LEU D 142 -8.48 44.85 5.77
N GLU D 143 -8.28 45.49 6.92
CA GLU D 143 -9.36 46.22 7.58
C GLU D 143 -9.97 47.31 6.70
N GLU D 144 -9.12 48.15 6.13
CA GLU D 144 -9.59 49.26 5.30
C GLU D 144 -10.39 48.78 4.09
N GLN D 145 -10.02 47.64 3.53
CA GLN D 145 -10.74 47.11 2.38
C GLN D 145 -12.07 46.51 2.81
N TYR D 146 -12.08 45.87 3.97
CA TYR D 146 -13.31 45.34 4.55
C TYR D 146 -14.25 46.50 4.82
N SER D 147 -13.70 47.55 5.40
CA SER D 147 -14.44 48.78 5.63
C SER D 147 -15.00 49.32 4.32
N ALA D 148 -14.18 49.32 3.28
CA ALA D 148 -14.62 49.80 1.97
C ALA D 148 -15.82 49.01 1.44
N VAL D 149 -15.76 47.69 1.49
CA VAL D 149 -16.86 46.88 0.97
C VAL D 149 -18.10 47.10 1.82
N GLY D 150 -17.88 47.35 3.10
CA GLY D 150 -18.95 47.61 4.04
C GLY D 150 -19.69 48.92 3.76
N ILE D 151 -18.91 49.98 3.52
CA ILE D 151 -19.48 51.27 3.14
C ILE D 151 -20.16 51.17 1.77
N SER D 152 -19.40 50.80 0.75
CA SER D 152 -19.93 50.70 -0.62
C SER D 152 -21.13 49.79 -0.71
N GLY D 153 -21.19 48.79 0.15
CA GLY D 153 -22.27 47.81 0.15
C GLY D 153 -23.56 48.35 0.72
N ARG D 154 -23.46 49.11 1.80
CA ARG D 154 -24.63 49.74 2.38
C ARG D 154 -25.17 50.83 1.47
N VAL D 155 -24.29 51.76 1.10
CA VAL D 155 -24.66 52.87 0.23
C VAL D 155 -25.49 52.43 -0.99
N VAL D 156 -25.16 51.28 -1.58
CA VAL D 156 -25.93 50.78 -2.70
C VAL D 156 -27.33 50.39 -2.25
N LEU D 157 -27.42 49.73 -1.11
CA LEU D 157 -28.72 49.34 -0.53
C LEU D 157 -29.63 50.57 -0.32
N ASP D 158 -29.06 51.61 0.28
CA ASP D 158 -29.78 52.85 0.50
C ASP D 158 -30.32 53.43 -0.82
N GLU D 159 -29.47 53.52 -1.83
CA GLU D 159 -29.86 54.05 -3.13
C GLU D 159 -30.65 53.04 -3.94
N ALA D 160 -30.67 51.80 -3.46
CA ALA D 160 -31.38 50.73 -4.15
C ALA D 160 -32.86 50.82 -3.85
N VAL D 161 -33.19 51.25 -2.64
CA VAL D 161 -34.58 51.33 -2.21
C VAL D 161 -35.27 52.58 -2.73
N LYS D 162 -34.57 53.71 -2.67
CA LYS D 162 -35.09 54.98 -3.14
C LYS D 162 -35.61 54.88 -4.57
N LEU D 163 -35.02 53.97 -5.33
CA LEU D 163 -35.42 53.73 -6.72
C LEU D 163 -36.70 52.89 -6.75
N LEU D 164 -36.93 52.11 -5.71
CA LEU D 164 -38.19 51.36 -5.59
C LEU D 164 -39.28 52.28 -5.02
N LYS D 165 -38.86 53.44 -4.54
CA LYS D 165 -39.78 54.47 -4.10
C LYS D 165 -40.47 55.10 -5.31
N GLN D 166 -39.72 55.23 -6.40
CA GLN D 166 -40.28 55.73 -7.65
C GLN D 166 -41.11 54.64 -8.31
N ALA D 167 -41.70 53.79 -7.49
CA ALA D 167 -42.68 52.82 -7.94
C ALA D 167 -44.03 53.50 -7.98
N SER D 168 -44.10 54.70 -7.41
CA SER D 168 -45.30 55.53 -7.47
C SER D 168 -45.37 56.24 -8.83
N LEU D 169 -44.41 57.13 -9.10
CA LEU D 169 -44.28 57.75 -10.40
C LEU D 169 -43.93 56.71 -11.47
N ASN D 170 -44.78 56.60 -12.49
CA ASN D 170 -44.61 55.62 -13.57
C ASN D 170 -45.03 54.21 -13.12
N ALA D 186 -30.19 55.06 -14.53
CA ALA D 186 -29.52 53.79 -14.30
C ALA D 186 -28.01 53.95 -14.06
N ASP D 187 -27.65 54.84 -13.13
CA ASP D 187 -26.27 54.97 -12.68
C ASP D 187 -26.03 54.07 -11.47
N ILE D 188 -27.10 53.48 -10.97
CA ILE D 188 -27.01 52.49 -9.89
C ILE D 188 -26.06 51.36 -10.27
N ASN D 189 -26.05 51.01 -11.56
CA ASN D 189 -25.18 49.96 -12.07
C ASN D 189 -23.70 50.23 -11.84
N GLU D 190 -23.36 51.47 -11.52
CA GLU D 190 -21.97 51.82 -11.21
C GLU D 190 -21.70 51.63 -9.72
N LEU D 191 -22.73 51.85 -8.91
CA LEU D 191 -22.63 51.69 -7.47
C LEU D 191 -22.59 50.20 -7.10
N LEU D 192 -23.19 49.38 -7.95
CA LEU D 192 -23.14 47.94 -7.80
C LEU D 192 -21.77 47.46 -8.24
N GLN D 193 -21.32 47.98 -9.37
CA GLN D 193 -20.01 47.65 -9.92
C GLN D 193 -18.90 47.97 -8.91
N ARG D 194 -18.97 49.16 -8.32
CA ARG D 194 -18.00 49.55 -7.31
C ARG D 194 -17.96 48.53 -6.19
N PHE D 195 -19.13 48.24 -5.63
CA PHE D 195 -19.24 47.26 -4.56
C PHE D 195 -18.70 45.90 -5.00
N THR D 196 -18.92 45.54 -6.26
CA THR D 196 -18.45 44.27 -6.77
C THR D 196 -16.93 44.18 -6.70
N GLU D 197 -16.27 45.23 -7.18
CA GLU D 197 -14.81 45.32 -7.17
C GLU D 197 -14.24 45.27 -5.76
N ARG D 198 -14.71 46.19 -4.91
CA ARG D 198 -14.29 46.24 -3.51
C ARG D 198 -14.34 44.86 -2.87
N SER D 199 -15.38 44.10 -3.18
CA SER D 199 -15.55 42.76 -2.62
C SER D 199 -14.55 41.76 -3.20
N GLU D 200 -14.50 41.66 -4.53
CA GLU D 200 -13.57 40.75 -5.19
C GLU D 200 -12.13 40.98 -4.75
N MET D 201 -11.76 42.26 -4.62
CA MET D 201 -10.46 42.63 -4.09
C MET D 201 -10.30 42.06 -2.68
N MET D 202 -11.30 42.31 -1.84
CA MET D 202 -11.30 41.82 -0.47
C MET D 202 -11.09 40.30 -0.45
N GLN D 203 -11.63 39.64 -1.47
CA GLN D 203 -11.50 38.19 -1.61
C GLN D 203 -10.03 37.83 -1.83
N LYS D 204 -9.43 38.44 -2.84
CA LYS D 204 -8.02 38.21 -3.18
C LYS D 204 -7.08 38.57 -2.03
N TYR D 205 -7.46 39.54 -1.22
CA TYR D 205 -6.64 39.95 -0.08
C TYR D 205 -6.54 38.84 0.97
N VAL D 206 -7.68 38.30 1.38
CA VAL D 206 -7.70 37.22 2.36
C VAL D 206 -6.97 36.01 1.80
N GLU D 207 -7.22 35.70 0.53
CA GLU D 207 -6.52 34.64 -0.17
C GLU D 207 -5.02 34.84 -0.02
N ALA D 208 -4.53 35.95 -0.56
CA ALA D 208 -3.12 36.28 -0.51
C ALA D 208 -2.56 36.20 0.90
N TYR D 209 -3.27 36.80 1.85
CA TYR D 209 -2.80 36.85 3.23
C TYR D 209 -2.68 35.48 3.86
N ARG D 210 -3.67 34.62 3.63
CA ARG D 210 -3.70 33.31 4.28
C ARG D 210 -2.66 32.33 3.75
N LYS D 211 -2.23 32.54 2.51
CA LYS D 211 -1.18 31.71 1.95
C LYS D 211 0.22 32.33 2.15
N TYR D 212 0.24 33.49 2.81
CA TYR D 212 1.47 34.16 3.20
C TYR D 212 2.21 34.71 1.99
N CYS D 213 1.52 35.52 1.20
CA CYS D 213 2.14 36.18 0.06
C CYS D 213 2.66 37.56 0.44
N TRP D 214 2.34 37.98 1.66
CA TRP D 214 2.84 39.24 2.20
C TRP D 214 3.79 38.92 3.33
N PRO D 215 5.07 38.74 3.00
CA PRO D 215 6.11 38.43 3.98
C PRO D 215 6.07 39.39 5.16
N VAL D 216 6.14 38.84 6.36
CA VAL D 216 6.24 39.68 7.54
C VAL D 216 7.64 40.24 7.66
N ASN D 217 7.71 41.47 8.17
CA ASN D 217 8.97 42.16 8.34
C ASN D 217 9.79 41.59 9.49
N SER D 218 9.34 41.92 10.70
CA SER D 218 10.03 41.54 11.93
C SER D 218 9.42 40.25 12.46
N ILE D 219 10.01 39.72 13.53
CA ILE D 219 9.42 38.59 14.23
C ILE D 219 8.32 39.10 15.16
N ASP D 220 8.21 40.43 15.26
CA ASP D 220 7.17 41.05 16.07
C ASP D 220 5.84 41.04 15.34
N ASP D 221 5.89 40.88 14.02
CA ASP D 221 4.67 40.82 13.20
C ASP D 221 4.05 39.42 13.19
N LEU D 222 4.56 38.53 14.04
CA LEU D 222 4.12 37.15 14.01
C LEU D 222 3.39 36.75 15.28
N LYS D 223 2.30 36.01 15.11
CA LYS D 223 1.64 35.38 16.23
C LYS D 223 1.54 33.89 15.96
N LEU D 224 2.05 33.08 16.89
CA LEU D 224 2.05 31.63 16.74
C LEU D 224 1.12 31.01 17.77
N ALA D 225 0.15 30.24 17.31
CA ALA D 225 -0.82 29.65 18.21
C ALA D 225 -0.83 28.13 18.10
N PRO D 226 -0.08 27.45 18.98
CA PRO D 226 -0.08 25.99 19.02
C PRO D 226 -1.40 25.46 19.54
N PHE D 227 -1.88 24.35 18.97
CA PHE D 227 -3.09 23.71 19.47
C PHE D 227 -2.98 22.20 19.68
N HIS D 228 -1.91 21.60 19.17
CA HIS D 228 -1.59 20.20 19.49
C HIS D 228 -0.13 20.09 19.91
N ILE D 229 0.14 19.25 20.90
CA ILE D 229 1.52 18.84 21.15
C ILE D 229 1.67 17.43 20.60
N LEU D 230 2.07 17.35 19.33
CA LEU D 230 2.00 16.09 18.60
C LEU D 230 2.89 15.00 19.18
N ALA D 231 4.16 15.31 19.45
CA ALA D 231 5.10 14.28 19.89
C ALA D 231 6.32 14.78 20.63
N THR D 232 6.73 14.04 21.66
CA THR D 232 8.02 14.24 22.30
C THR D 232 8.77 12.92 22.28
N GLU D 233 9.90 12.86 22.97
CA GLU D 233 10.72 11.65 22.97
C GLU D 233 9.95 10.42 23.49
N GLY D 234 9.68 9.49 22.59
CA GLY D 234 9.08 8.21 22.95
C GLY D 234 7.58 8.22 23.21
N LYS D 235 6.88 9.22 22.67
CA LYS D 235 5.44 9.29 22.88
C LYS D 235 4.74 10.22 21.89
N VAL D 236 3.63 9.74 21.32
CA VAL D 236 2.74 10.59 20.54
C VAL D 236 1.51 10.90 21.38
N HIS D 237 1.36 12.16 21.79
CA HIS D 237 0.33 12.52 22.76
C HIS D 237 -1.08 12.59 22.18
N SER D 238 -1.38 11.65 21.29
CA SER D 238 -2.70 11.57 20.70
C SER D 238 -3.66 10.84 21.62
N ASP D 239 -3.21 10.56 22.84
CA ASP D 239 -4.08 9.96 23.84
C ASP D 239 -4.67 11.02 24.77
N LYS D 240 -3.91 12.09 25.00
CA LYS D 240 -4.40 13.20 25.81
C LYS D 240 -5.56 13.93 25.13
N ASN D 241 -6.47 14.44 25.94
CA ASN D 241 -7.64 15.17 25.45
C ASN D 241 -7.30 16.60 25.02
N HIS D 242 -8.21 17.23 24.29
CA HIS D 242 -7.95 18.56 23.74
C HIS D 242 -7.97 19.69 24.78
N ILE D 243 -8.44 19.40 25.98
CA ILE D 243 -8.27 20.35 27.06
C ILE D 243 -6.86 20.22 27.59
N TRP D 244 -6.39 18.98 27.72
CA TRP D 244 -5.01 18.75 28.10
C TRP D 244 -4.09 19.53 27.17
N HIS D 245 -4.33 19.41 25.87
CA HIS D 245 -3.52 20.12 24.88
C HIS D 245 -3.56 21.64 25.08
N MET D 246 -4.77 22.21 25.05
CA MET D 246 -4.93 23.63 25.29
C MET D 246 -4.18 24.09 26.53
N ASP D 247 -4.44 23.43 27.66
CA ASP D 247 -3.83 23.81 28.93
C ASP D 247 -2.32 23.62 28.91
N THR D 248 -1.89 22.40 28.63
CA THR D 248 -0.47 22.07 28.62
C THR D 248 0.31 23.03 27.72
N ILE D 249 -0.23 23.31 26.54
CA ILE D 249 0.38 24.27 25.63
C ILE D 249 0.44 25.66 26.27
N ALA D 250 -0.71 26.11 26.76
CA ALA D 250 -0.82 27.45 27.34
C ALA D 250 0.17 27.66 28.48
N LYS D 251 0.42 26.60 29.24
CA LYS D 251 1.31 26.66 30.38
C LYS D 251 2.79 26.65 29.96
N TYR D 252 3.16 25.65 29.15
CA TYR D 252 4.56 25.38 28.85
C TYR D 252 5.21 26.26 27.78
N CYS D 253 4.44 26.98 27.00
CA CYS D 253 5.04 27.75 25.91
C CYS D 253 4.27 28.99 25.45
N THR D 254 3.44 29.53 26.34
CA THR D 254 2.68 30.74 26.04
C THR D 254 2.84 31.75 27.16
N GLN D 255 3.17 31.26 28.35
CA GLN D 255 2.97 32.00 29.59
C GLN D 255 3.85 33.24 29.79
N ASP D 256 4.75 33.55 28.87
CA ASP D 256 5.62 34.71 29.06
C ASP D 256 6.05 35.51 27.83
N ASP D 257 5.50 35.20 26.67
CA ASP D 257 5.93 35.89 25.44
C ASP D 257 4.77 36.25 24.49
N SER D 258 4.88 37.42 23.88
CA SER D 258 3.82 37.95 23.01
C SER D 258 3.76 37.26 21.65
N LEU D 259 4.87 36.67 21.23
CA LEU D 259 4.91 35.93 19.97
C LEU D 259 3.99 34.72 20.01
N ILE D 260 4.13 33.91 21.07
CA ILE D 260 3.35 32.70 21.21
C ILE D 260 2.15 32.93 22.12
N MET D 261 0.96 32.64 21.60
CA MET D 261 -0.28 32.92 22.35
C MET D 261 -1.11 31.67 22.65
N ALA D 262 -1.70 31.65 23.84
CA ALA D 262 -2.64 30.60 24.23
C ALA D 262 -3.94 30.80 23.48
N THR D 263 -4.67 29.71 23.24
CA THR D 263 -5.85 29.77 22.40
C THR D 263 -7.17 29.86 23.18
N ASN D 264 -8.05 30.75 22.70
CA ASN D 264 -9.37 30.93 23.29
C ASN D 264 -10.26 29.71 23.02
N HIS D 265 -10.71 29.06 24.09
CA HIS D 265 -11.55 27.87 23.94
C HIS D 265 -12.69 27.82 24.95
N ILE D 266 -13.51 26.78 24.83
CA ILE D 266 -14.66 26.57 25.70
C ILE D 266 -15.14 25.14 25.60
N LEU D 267 -15.27 24.47 26.74
CA LEU D 267 -15.78 23.10 26.78
C LEU D 267 -17.30 23.10 26.71
N VAL D 268 -17.85 22.31 25.80
CA VAL D 268 -19.30 22.28 25.58
C VAL D 268 -19.90 20.89 25.68
N ASP D 269 -21.03 20.80 26.38
CA ASP D 269 -21.76 19.55 26.50
C ASP D 269 -22.88 19.51 25.47
N VAL D 270 -22.59 18.87 24.34
CA VAL D 270 -23.46 18.93 23.17
C VAL D 270 -24.90 18.47 23.41
N THR D 271 -25.13 17.78 24.53
CA THR D 271 -26.50 17.41 24.90
C THR D 271 -27.14 18.50 25.79
N ASP D 272 -26.41 18.91 26.82
CA ASP D 272 -26.90 19.92 27.75
C ASP D 272 -27.24 21.25 27.06
N ALA D 273 -28.54 21.50 26.87
CA ALA D 273 -29.00 22.68 26.15
C ALA D 273 -28.59 24.00 26.80
N GLU D 274 -28.06 23.91 28.02
CA GLU D 274 -27.52 25.08 28.70
C GLU D 274 -26.14 25.38 28.11
N SER D 275 -25.36 24.31 27.97
CA SER D 275 -23.99 24.38 27.46
C SER D 275 -23.97 24.83 26.00
N VAL D 276 -24.71 24.11 25.15
CA VAL D 276 -24.81 24.42 23.73
C VAL D 276 -25.22 25.87 23.47
N ASP D 277 -26.03 26.43 24.37
CA ASP D 277 -26.46 27.80 24.18
C ASP D 277 -25.32 28.77 24.53
N LYS D 278 -24.62 28.50 25.62
CA LYS D 278 -23.46 29.32 25.99
C LYS D 278 -22.44 29.23 24.86
N GLY D 279 -22.40 28.05 24.23
CA GLY D 279 -21.51 27.81 23.11
C GLY D 279 -21.84 28.67 21.91
N ILE D 280 -23.08 28.56 21.42
CA ILE D 280 -23.52 29.38 20.29
C ILE D 280 -23.23 30.86 20.55
N LYS D 281 -23.42 31.30 21.79
CA LYS D 281 -23.15 32.67 22.15
C LYS D 281 -21.67 32.98 21.94
N TRP D 282 -20.82 32.21 22.63
CA TRP D 282 -19.36 32.31 22.54
C TRP D 282 -18.86 32.40 21.09
N TRP D 283 -19.49 31.62 20.21
CA TRP D 283 -19.14 31.62 18.80
C TRP D 283 -19.61 32.89 18.11
N GLU D 284 -20.83 33.32 18.42
CA GLU D 284 -21.40 34.54 17.84
C GLU D 284 -20.62 35.79 18.27
N ASP D 285 -20.10 35.77 19.48
CA ASP D 285 -19.29 36.88 19.97
C ASP D 285 -18.03 37.07 19.13
N LEU D 286 -17.10 36.14 19.24
CA LEU D 286 -15.82 36.27 18.54
C LEU D 286 -15.96 36.27 17.02
N THR D 287 -17.04 35.68 16.51
CA THR D 287 -17.27 35.69 15.08
C THR D 287 -17.57 37.13 14.61
N ALA D 288 -18.31 37.87 15.43
CA ALA D 288 -18.67 39.24 15.11
C ALA D 288 -17.65 40.19 15.69
N SER D 289 -16.63 39.64 16.35
CA SER D 289 -15.54 40.42 16.89
C SER D 289 -14.33 40.36 15.97
N GLY D 290 -14.53 39.86 14.75
CA GLY D 290 -13.46 39.77 13.77
C GLY D 290 -12.89 38.38 13.55
N GLY D 291 -13.09 37.49 14.53
CA GLY D 291 -12.61 36.11 14.43
C GLY D 291 -13.12 35.40 13.19
N GLU D 292 -12.37 34.41 12.72
CA GLU D 292 -12.75 33.69 11.51
C GLU D 292 -13.80 32.66 11.82
N GLY D 293 -13.74 32.09 13.01
CA GLY D 293 -14.68 31.07 13.40
C GLY D 293 -14.07 30.17 14.44
N MET D 294 -14.58 28.96 14.56
CA MET D 294 -14.06 27.99 15.52
C MET D 294 -13.87 26.63 14.89
N VAL D 295 -13.01 25.82 15.51
CA VAL D 295 -12.84 24.44 15.13
C VAL D 295 -13.33 23.56 16.27
N VAL D 296 -14.33 22.73 16.01
CA VAL D 296 -14.89 21.87 17.04
C VAL D 296 -14.20 20.52 17.05
N LYS D 297 -13.80 20.08 18.24
CA LYS D 297 -13.04 18.84 18.39
C LYS D 297 -13.60 17.96 19.49
N PRO D 298 -13.63 16.65 19.24
CA PRO D 298 -14.02 15.64 20.23
C PRO D 298 -13.20 15.81 21.49
N TYR D 299 -13.82 15.74 22.67
CA TYR D 299 -13.08 15.85 23.92
C TYR D 299 -11.82 14.97 23.88
N ASP D 300 -11.97 13.78 23.31
CA ASP D 300 -10.83 12.88 23.16
C ASP D 300 -10.24 13.02 21.77
N PHE D 301 -8.92 13.13 21.70
CA PHE D 301 -8.20 13.16 20.44
C PHE D 301 -8.69 12.02 19.55
N ILE D 302 -9.29 11.00 20.18
CA ILE D 302 -9.83 9.83 19.49
C ILE D 302 -11.24 9.50 19.95
N ARG D 307 -14.56 6.85 18.35
CA ARG D 307 -15.08 5.51 18.63
C ARG D 307 -15.29 4.70 17.35
N GLU D 308 -15.57 5.42 16.26
CA GLU D 308 -15.97 4.80 15.00
C GLU D 308 -15.17 5.30 13.78
N LEU D 309 -15.88 5.92 12.86
CA LEU D 309 -15.30 6.50 11.67
C LEU D 309 -15.37 8.03 11.79
N LEU D 310 -15.03 8.52 12.98
CA LEU D 310 -15.35 9.88 13.43
C LEU D 310 -14.33 10.94 12.99
N GLN D 311 -14.82 12.15 12.75
CA GLN D 311 -13.95 13.27 12.39
C GLN D 311 -13.16 13.78 13.60
N PRO D 312 -11.85 14.04 13.41
CA PRO D 312 -10.95 14.56 14.45
C PRO D 312 -11.26 16.02 14.78
N ALA D 313 -11.78 16.75 13.80
CA ALA D 313 -12.14 18.14 13.98
C ALA D 313 -13.11 18.62 12.89
N VAL D 314 -13.99 19.54 13.28
CA VAL D 314 -14.95 20.12 12.35
C VAL D 314 -14.95 21.63 12.45
N LYS D 315 -14.75 22.29 11.31
CA LYS D 315 -14.65 23.74 11.29
C LYS D 315 -16.03 24.37 11.18
N CYS D 316 -16.25 25.43 11.95
CA CYS D 316 -17.47 26.21 11.89
C CYS D 316 -17.05 27.67 11.69
N ARG D 317 -17.40 28.24 10.55
CA ARG D 317 -16.88 29.55 10.19
C ARG D 317 -17.93 30.66 10.18
N GLY D 318 -17.55 31.82 10.70
CA GLY D 318 -18.45 32.97 10.80
C GLY D 318 -19.05 33.42 9.49
N ARG D 319 -20.23 34.04 9.56
CA ARG D 319 -20.92 34.44 8.35
C ARG D 319 -20.10 35.46 7.58
N GLU D 320 -19.61 36.46 8.29
CA GLU D 320 -18.87 37.52 7.65
C GLU D 320 -17.67 36.98 6.86
N TYR D 321 -16.92 36.07 7.47
CA TYR D 321 -15.80 35.44 6.79
C TYR D 321 -16.25 34.70 5.53
N LEU D 322 -17.23 33.82 5.68
CA LEU D 322 -17.69 33.01 4.56
C LEU D 322 -18.24 33.84 3.41
N ARG D 323 -18.83 34.98 3.74
CA ARG D 323 -19.34 35.87 2.71
C ARG D 323 -18.20 36.27 1.77
N ILE D 324 -17.07 36.69 2.34
CA ILE D 324 -15.93 37.09 1.53
C ILE D 324 -15.50 35.94 0.64
N ILE D 325 -15.14 34.84 1.28
CA ILE D 325 -14.64 33.64 0.60
C ILE D 325 -15.57 33.09 -0.48
N TYR D 326 -16.87 32.98 -0.15
CA TYR D 326 -17.84 32.41 -1.06
C TYR D 326 -18.25 33.36 -2.19
N GLY D 327 -18.19 34.66 -1.92
CA GLY D 327 -18.62 35.67 -2.87
C GLY D 327 -20.15 35.73 -2.99
N PRO D 328 -20.64 36.17 -4.16
CA PRO D 328 -22.09 36.22 -4.39
C PRO D 328 -22.75 34.84 -4.33
N GLU D 329 -21.96 33.78 -4.46
CA GLU D 329 -22.50 32.43 -4.41
C GLU D 329 -22.58 31.92 -2.98
N TYR D 330 -22.56 32.86 -2.03
CA TYR D 330 -22.81 32.52 -0.64
C TYR D 330 -24.26 32.09 -0.45
N THR D 331 -25.17 32.77 -1.16
CA THR D 331 -26.57 32.40 -1.16
C THR D 331 -26.86 31.51 -2.36
N MET D 332 -27.46 30.35 -2.11
CA MET D 332 -27.60 29.32 -3.12
C MET D 332 -28.98 28.67 -3.16
N ASP D 333 -29.19 27.83 -4.16
CA ASP D 333 -30.46 27.13 -4.32
C ASP D 333 -30.39 25.70 -3.77
N GLU D 334 -31.44 24.94 -4.02
CA GLU D 334 -31.52 23.56 -3.57
C GLU D 334 -30.46 22.72 -4.26
N ASN D 335 -30.46 22.80 -5.58
CA ASN D 335 -29.52 22.05 -6.42
C ASN D 335 -28.06 22.26 -6.00
N ILE D 336 -27.65 23.51 -5.92
CA ILE D 336 -26.29 23.87 -5.55
C ILE D 336 -25.92 23.40 -4.15
N GLU D 337 -26.84 23.58 -3.20
CA GLU D 337 -26.59 23.18 -1.82
C GLU D 337 -26.41 21.67 -1.67
N ARG D 338 -27.19 20.89 -2.41
CA ARG D 338 -27.05 19.42 -2.38
C ARG D 338 -25.65 19.01 -2.83
N LEU D 339 -25.01 19.89 -3.59
CA LEU D 339 -23.64 19.67 -4.06
C LEU D 339 -22.62 19.93 -2.97
N ARG D 340 -22.79 21.04 -2.25
CA ARG D 340 -21.89 21.36 -1.15
C ARG D 340 -21.86 20.20 -0.14
N ASN D 341 -23.02 19.62 0.13
CA ASN D 341 -23.12 18.49 1.04
C ASN D 341 -22.40 17.26 0.52
N ARG D 342 -22.45 17.08 -0.79
CA ARG D 342 -21.65 16.05 -1.43
C ARG D 342 -20.17 16.32 -1.15
N ALA D 343 -19.72 17.53 -1.50
CA ALA D 343 -18.34 17.95 -1.31
C ALA D 343 -17.90 17.85 0.13
N VAL D 344 -18.77 18.23 1.06
CA VAL D 344 -18.48 18.08 2.48
C VAL D 344 -18.16 16.62 2.79
N GLY D 345 -18.82 15.71 2.10
CA GLY D 345 -18.58 14.29 2.27
C GLY D 345 -17.24 13.85 1.70
N LYS D 346 -16.99 14.19 0.44
CA LYS D 346 -15.75 13.77 -0.20
C LYS D 346 -14.56 14.30 0.58
N LYS D 347 -14.75 15.38 1.32
CA LYS D 347 -13.67 15.95 2.10
C LYS D 347 -13.53 15.24 3.44
N ARG D 348 -14.66 14.92 4.06
CA ARG D 348 -14.64 14.21 5.34
C ARG D 348 -13.85 12.91 5.26
N SER D 349 -13.85 12.30 4.08
CA SER D 349 -13.13 11.05 3.89
C SER D 349 -11.65 11.33 3.72
N LEU D 350 -11.32 12.36 2.93
CA LEU D 350 -9.94 12.74 2.76
C LEU D 350 -9.34 13.05 4.13
N ALA D 351 -10.13 13.73 4.95
CA ALA D 351 -9.71 14.11 6.29
C ALA D 351 -9.36 12.89 7.14
N LEU D 352 -10.26 11.91 7.16
CA LEU D 352 -10.02 10.70 7.92
C LEU D 352 -8.77 9.95 7.45
N ARG D 353 -8.71 9.67 6.16
CA ARG D 353 -7.56 8.97 5.61
C ARG D 353 -6.27 9.73 5.93
N GLU D 354 -6.29 11.03 5.68
CA GLU D 354 -5.14 11.89 5.92
C GLU D 354 -4.78 11.93 7.38
N PHE D 355 -5.79 12.00 8.23
CA PHE D 355 -5.58 12.06 9.67
C PHE D 355 -4.87 10.82 10.21
N SER D 356 -5.24 9.65 9.70
CA SER D 356 -4.66 8.40 10.16
C SER D 356 -3.22 8.24 9.68
N LEU D 357 -2.98 8.58 8.42
CA LEU D 357 -1.63 8.57 7.90
C LEU D 357 -0.71 9.43 8.75
N GLY D 358 -1.17 10.63 9.08
CA GLY D 358 -0.41 11.53 9.92
C GLY D 358 -0.08 10.88 11.25
N MET D 359 -1.11 10.35 11.90
CA MET D 359 -0.94 9.70 13.19
C MET D 359 0.04 8.53 13.13
N GLU D 360 -0.16 7.63 12.17
CA GLU D 360 0.74 6.50 12.02
C GLU D 360 2.17 6.98 11.78
N ALA D 361 2.33 7.91 10.83
CA ALA D 361 3.62 8.51 10.53
C ALA D 361 4.37 8.91 11.81
N LEU D 362 3.70 9.69 12.66
CA LEU D 362 4.26 10.06 13.97
C LEU D 362 4.64 8.83 14.80
N GLU D 363 3.66 7.97 15.03
CA GLU D 363 3.89 6.74 15.78
C GLU D 363 5.16 6.02 15.32
N ARG D 364 5.27 5.81 14.01
CA ARG D 364 6.44 5.12 13.47
C ARG D 364 7.72 5.85 13.84
N PHE D 365 7.72 7.16 13.65
CA PHE D 365 8.93 7.94 13.93
C PHE D 365 9.30 7.86 15.40
N VAL D 366 8.30 7.84 16.27
CA VAL D 366 8.56 7.87 17.69
C VAL D 366 9.19 6.57 18.20
N ARG D 367 8.79 5.45 17.60
CA ARG D 367 9.35 4.15 17.99
C ARG D 367 10.56 3.75 17.13
N ASN D 368 11.22 4.76 16.57
CA ASN D 368 12.53 4.61 15.92
C ASN D 368 12.58 3.76 14.66
N GLU D 369 11.46 3.61 13.97
CA GLU D 369 11.45 2.88 12.72
C GLU D 369 12.23 3.62 11.64
N PRO D 370 12.62 2.93 10.57
CA PRO D 370 13.38 3.56 9.47
C PRO D 370 12.60 4.68 8.81
N LEU D 371 13.28 5.73 8.40
CA LEU D 371 12.59 6.92 7.90
C LEU D 371 11.69 6.64 6.70
N TYR D 372 12.10 5.76 5.80
CA TYR D 372 11.30 5.44 4.63
C TYR D 372 9.94 4.92 5.07
N ARG D 373 9.89 4.36 6.27
CA ARG D 373 8.66 3.86 6.86
C ARG D 373 7.77 5.04 7.28
N VAL D 374 8.40 6.05 7.87
CA VAL D 374 7.69 7.26 8.25
C VAL D 374 7.15 7.98 7.01
N HIS D 375 8.04 8.21 6.04
CA HIS D 375 7.69 8.92 4.82
C HIS D 375 6.67 8.18 3.97
N GLU D 376 6.56 6.87 4.18
CA GLU D 376 5.54 6.07 3.53
C GLU D 376 4.17 6.67 3.84
N CYS D 377 4.01 7.10 5.09
CA CYS D 377 2.78 7.72 5.57
C CYS D 377 2.72 9.20 5.23
N VAL D 378 3.79 9.91 5.56
CA VAL D 378 3.86 11.36 5.33
C VAL D 378 3.57 11.75 3.88
N PHE D 379 4.29 11.15 2.94
CA PHE D 379 4.07 11.46 1.52
C PHE D 379 2.71 10.95 1.06
N GLY D 380 2.12 10.06 1.85
CA GLY D 380 0.76 9.60 1.60
C GLY D 380 -0.25 10.71 1.80
N VAL D 381 -0.10 11.44 2.90
CA VAL D 381 -0.89 12.64 3.15
C VAL D 381 -0.70 13.64 2.02
N LEU D 382 0.56 13.87 1.64
CA LEU D 382 0.89 14.77 0.56
C LEU D 382 0.22 14.34 -0.75
N ALA D 383 0.18 13.03 -0.99
CA ALA D 383 -0.39 12.52 -2.23
C ALA D 383 -1.89 12.84 -2.30
N LEU D 384 -2.58 12.57 -1.19
CA LEU D 384 -4.01 12.78 -1.09
C LEU D 384 -4.40 14.24 -1.28
N GLU D 385 -3.51 15.15 -0.87
CA GLU D 385 -3.78 16.58 -0.99
C GLU D 385 -3.91 17.03 -2.44
N SER D 386 -3.49 16.18 -3.37
CA SER D 386 -3.60 16.48 -4.79
C SER D 386 -5.00 16.20 -5.34
N GLU D 387 -5.76 15.32 -4.67
CA GLU D 387 -7.15 15.10 -5.03
C GLU D 387 -7.82 16.47 -4.97
N PRO D 388 -8.33 16.96 -6.12
CA PRO D 388 -8.83 18.34 -6.12
C PRO D 388 -10.13 18.46 -5.30
N VAL D 389 -10.11 19.31 -4.27
CA VAL D 389 -11.30 19.52 -3.44
C VAL D 389 -11.91 20.89 -3.70
N ASP D 390 -13.04 21.16 -3.05
CA ASP D 390 -13.61 22.50 -3.10
C ASP D 390 -12.82 23.40 -2.17
N PRO D 391 -12.26 24.46 -2.74
CA PRO D 391 -11.39 25.38 -2.00
C PRO D 391 -12.18 26.08 -0.91
N ARG D 392 -13.46 26.32 -1.16
CA ARG D 392 -14.29 27.09 -0.25
C ARG D 392 -14.64 26.34 1.03
N LEU D 393 -14.43 25.03 1.03
CA LEU D 393 -14.63 24.24 2.24
C LEU D 393 -13.35 24.22 3.08
#